data_4DTT
#
_entry.id   4DTT
#
_cell.length_a   263.518
_cell.length_b   263.518
_cell.length_c   90.401
_cell.angle_alpha   90.00
_cell.angle_beta   90.00
_cell.angle_gamma   120.00
#
_symmetry.space_group_name_H-M   'P 65'
#
loop_
_entity.id
_entity.type
_entity.pdbx_description
1 polymer 'Insulin-degrading enzyme'
2 non-polymer 'ZINC ION'
3 non-polymer '2-[[2-[[(2S)-3-(3H-IMIDAZOL-4-YL)-1-METHOXY-1-OXO-PROPAN-2-YL]AMINO]-2-OXO-ETHYL]-(PHENYLMETHYL)AMINO]ETHANOIC ACID'
4 water water
#
_entity_poly.entity_id   1
_entity_poly.type   'polypeptide(L)'
_entity_poly.pdbx_seq_one_letter_code
;MHHHHHHAAGIPMNNPAIKRIGNHITKSPEDKREYRGLELANGIKVLLISDPTTDKSSAALDVHIGSLSDPPNIAGLSHF
LEHMLFLGTKKYPKENEYSQFLSEHAGSSNAFTSGEHTNYYFDVSHEHLEGALDRFAQFFLSPLFDESAKDREVNAVDSE
HEKNVMNDAWRLFQLEKATGNPKHPFSKFGTGNKYTLETRPNQEGIDVRQELLKFHSAYYSSNLMAVVVLGRESLDDLTN
LVVKLFSEVENKNVPLPEFPEHPFQEEHLKQLYKIVPIKDIRNLYVTFPIPDLQKYYKSNPGHYLGHLIGHEGPGSLLSE
LKSKGWVNTLVGGQKEGARGFMFFIINVDLTEEGLLHVEDIILHMFQYIQKLRAEGPQEWVFQELKDLNAVAFRFKDKER
PRGYTSKIAGILHYYPLEEVLTAEYLLEEFRPDLIEMVLDKLRPENVRVAIVSKSFEGKTDRTEEWYGTQYKQEAIPDEV
IKKWQNADLNGKFKLPTKNEFIPTNFEILPLEKEATPYPALIKDTAMSKLWFKQDDKFFLPKANLNFEFFSPFAYVDPLH
SNMAYLYLELLKDSLNEYAYAAELAGLSYDLQNTIYGMYLSVKGYNDKQPILLKKIIEKMATFEIDEKRFEIIKEAYMRS
LNNFRAEQPHQHAMYYLRLLMTEVAWTKDELKEALDDVTLPRLKAFIPQLLSRLHIEALLHGNITKQAALGIMQMVEDTL
IEHAHTKPLLPSQLVRYREVQLPDRGWFVYQQRNEVHNNSGIEIYYQTDMQSTSENMFLELFAQIISEPAFNTLRTKEQL
GYIVFSGPRRANGIQGLRFIIQSEKPPHYLESRVEAFLITMEKSIEDMTEEAFQKHIQALAIRRLDKPKKLSAESAKYWG
EIISQQYNFDRDNTEVAYLKTLTKEDIIKFYKEMLAVDAPRRHKVSVHVLAREMDSNPVVGEFPAQNDINLSQAPALPQP
EVIQNMTEFKRGLPLFPLVKPHINFMAAKL
;
_entity_poly.pdbx_strand_id   A,B
#
loop_
_chem_comp.id
_chem_comp.type
_chem_comp.name
_chem_comp.formula
I41 non-polymer '2-[[2-[[(2S)-3-(3H-IMIDAZOL-4-YL)-1-METHOXY-1-OXO-PROPAN-2-YL]AMINO]-2-OXO-ETHYL]-(PHENYLMETHYL)AMINO]ETHANOIC ACID' 'C18 H22 N4 O5'
ZN non-polymer 'ZINC ION' 'Zn 2'
#
# COMPACT_ATOMS: atom_id res chain seq x y z
N ASN A 14 64.94 34.32 21.97
CA ASN A 14 65.00 33.72 20.60
C ASN A 14 63.81 34.16 19.72
N ASN A 15 62.69 34.56 20.35
CA ASN A 15 61.53 35.18 19.64
C ASN A 15 60.70 36.17 20.48
N PRO A 16 60.56 37.41 19.97
CA PRO A 16 59.86 38.46 20.71
C PRO A 16 58.34 38.39 20.59
N ALA A 17 57.83 37.70 19.58
CA ALA A 17 56.38 37.68 19.34
C ALA A 17 55.60 36.69 20.23
N ILE A 18 56.32 35.80 20.91
CA ILE A 18 55.77 34.64 21.58
C ILE A 18 56.19 34.64 23.02
N LYS A 19 55.27 34.87 23.96
CA LYS A 19 55.63 34.85 25.37
C LYS A 19 56.09 33.46 25.82
N ARG A 20 55.20 32.47 25.79
CA ARG A 20 55.56 31.14 26.26
C ARG A 20 55.35 30.11 25.18
N ILE A 21 56.09 29.01 25.23
CA ILE A 21 55.84 27.93 24.30
C ILE A 21 55.30 26.65 24.92
N GLY A 22 54.70 26.72 26.11
CA GLY A 22 53.99 25.53 26.65
C GLY A 22 54.84 24.28 26.58
N ASN A 23 54.23 23.10 26.61
CA ASN A 23 54.98 21.85 26.59
C ASN A 23 54.31 20.76 25.77
N HIS A 24 54.37 19.53 26.28
CA HIS A 24 53.79 18.39 25.60
C HIS A 24 52.37 18.18 25.99
N ILE A 25 51.48 18.98 25.42
CA ILE A 25 50.05 18.84 25.69
C ILE A 25 49.65 17.38 25.69
N THR A 26 49.25 16.87 26.86
CA THR A 26 48.85 15.43 26.97
C THR A 26 47.65 15.14 26.14
N LYS A 27 47.76 14.11 25.33
CA LYS A 27 46.71 13.69 24.41
C LYS A 27 46.49 12.19 24.55
N SER A 28 45.40 11.69 23.98
CA SER A 28 45.11 10.28 24.08
C SER A 28 46.19 9.61 23.26
N PRO A 29 46.64 8.40 23.64
CA PRO A 29 47.76 7.87 22.85
C PRO A 29 47.31 7.24 21.53
N GLU A 30 46.02 7.39 21.21
CA GLU A 30 45.46 6.96 19.93
C GLU A 30 45.29 8.16 19.01
N ASP A 31 45.63 9.34 19.51
CA ASP A 31 45.46 10.55 18.75
C ASP A 31 46.74 10.84 18.00
N LYS A 32 46.65 10.75 16.67
CA LYS A 32 47.84 10.85 15.80
C LYS A 32 48.13 12.30 15.45
N ARG A 33 47.21 13.19 15.82
CA ARG A 33 47.36 14.62 15.56
C ARG A 33 48.46 15.11 16.47
N GLU A 34 49.09 16.22 16.07
CA GLU A 34 50.24 16.75 16.78
C GLU A 34 49.92 18.15 17.29
N TYR A 35 50.36 18.48 18.49
CA TYR A 35 49.92 19.69 19.15
C TYR A 35 51.00 20.59 19.76
N ARG A 36 50.76 21.88 19.75
CA ARG A 36 51.62 22.82 20.41
C ARG A 36 50.76 23.93 20.91
N GLY A 37 50.94 24.32 22.16
CA GLY A 37 50.22 25.48 22.70
C GLY A 37 51.24 26.54 22.95
N LEU A 38 50.81 27.80 23.06
CA LEU A 38 51.73 28.90 23.35
C LEU A 38 50.95 30.16 23.63
N GLU A 39 51.47 31.01 24.50
CA GLU A 39 50.93 32.36 24.72
C GLU A 39 51.70 33.29 23.78
N LEU A 40 50.97 34.16 23.09
CA LEU A 40 51.60 35.19 22.27
C LEU A 40 52.15 36.33 23.14
N ALA A 41 52.92 37.22 22.52
CA ALA A 41 53.33 38.47 23.17
C ALA A 41 52.14 39.23 23.75
N ASN A 42 51.13 39.51 22.93
CA ASN A 42 49.96 40.24 23.37
C ASN A 42 49.01 39.52 24.33
N GLY A 43 49.36 38.32 24.75
CA GLY A 43 48.51 37.57 25.71
C GLY A 43 47.48 36.58 25.17
N ILE A 44 47.42 36.38 23.84
CA ILE A 44 46.49 35.42 23.26
C ILE A 44 47.02 34.03 23.54
N LYS A 45 46.12 33.16 24.03
CA LYS A 45 46.45 31.75 24.27
C LYS A 45 46.12 30.98 22.99
N VAL A 46 46.98 30.07 22.57
CA VAL A 46 46.79 29.47 21.26
C VAL A 46 47.08 27.98 21.25
N LEU A 47 46.17 27.15 20.72
CA LEU A 47 46.51 25.76 20.42
C LEU A 47 46.61 25.53 18.93
N LEU A 48 47.63 24.81 18.52
CA LEU A 48 47.86 24.55 17.09
C LEU A 48 47.74 23.09 16.91
N ILE A 49 46.89 22.68 16.00
CA ILE A 49 46.70 21.27 15.82
C ILE A 49 47.24 20.90 14.46
N SER A 50 48.21 19.97 14.44
CA SER A 50 48.75 19.51 13.19
C SER A 50 48.17 18.17 12.82
N ASP A 51 47.42 18.15 11.72
CA ASP A 51 46.93 16.91 11.16
C ASP A 51 47.23 16.79 9.65
N PRO A 52 48.31 16.04 9.30
CA PRO A 52 48.68 16.02 7.89
C PRO A 52 47.65 15.32 7.03
N THR A 53 46.65 14.66 7.61
CA THR A 53 45.66 14.00 6.75
C THR A 53 44.29 14.62 6.68
N THR A 54 44.08 15.76 7.35
CA THR A 54 42.73 16.34 7.42
C THR A 54 42.24 16.82 6.07
N ASP A 55 40.95 16.71 5.80
CA ASP A 55 40.49 17.13 4.51
C ASP A 55 40.06 18.57 4.55
N LYS A 56 39.67 19.01 5.74
CA LYS A 56 39.34 20.40 5.97
C LYS A 56 40.20 20.95 7.11
N SER A 57 40.70 22.17 6.97
CA SER A 57 41.37 22.83 8.06
C SER A 57 40.30 23.65 8.76
N SER A 58 40.57 24.09 9.98
CA SER A 58 39.63 24.92 10.71
C SER A 58 40.35 25.82 11.70
N ALA A 59 39.69 26.87 12.16
CA ALA A 59 40.22 27.70 13.25
C ALA A 59 39.07 28.28 14.02
N ALA A 60 39.39 28.79 15.19
CA ALA A 60 38.37 29.40 16.04
C ALA A 60 39.01 30.39 16.95
N LEU A 61 38.26 31.42 17.28
CA LEU A 61 38.68 32.35 18.25
C LEU A 61 37.56 32.43 19.24
N ASP A 62 37.95 32.53 20.52
CA ASP A 62 37.02 32.77 21.61
C ASP A 62 37.48 33.99 22.39
N VAL A 63 36.59 34.95 22.59
CA VAL A 63 36.87 36.13 23.36
C VAL A 63 36.09 35.95 24.59
N HIS A 64 36.76 36.12 25.71
CA HIS A 64 36.08 35.97 26.96
C HIS A 64 35.24 37.16 27.31
N ILE A 65 34.22 37.46 26.54
CA ILE A 65 33.31 38.53 26.90
C ILE A 65 32.10 38.10 26.20
N GLY A 66 30.96 38.32 26.83
CA GLY A 66 29.69 38.01 26.20
C GLY A 66 28.61 38.90 26.76
N SER A 67 27.35 38.47 26.61
CA SER A 67 26.25 39.34 26.88
C SER A 67 26.10 39.74 28.33
N LEU A 68 26.87 39.17 29.25
CA LEU A 68 26.84 39.69 30.63
C LEU A 68 27.54 41.07 30.73
N SER A 69 28.43 41.34 29.79
CA SER A 69 29.12 42.59 29.73
C SER A 69 28.49 43.60 28.74
N ASP A 70 27.24 43.33 28.35
CA ASP A 70 26.48 44.28 27.54
C ASP A 70 26.30 45.54 28.36
N PRO A 71 26.25 46.72 27.71
CA PRO A 71 25.93 47.89 28.51
C PRO A 71 24.45 47.82 28.86
N PRO A 72 24.04 48.32 30.07
CA PRO A 72 22.61 48.27 30.46
C PRO A 72 21.69 48.95 29.47
N ASN A 73 22.13 50.03 28.85
CA ASN A 73 21.21 50.72 27.96
C ASN A 73 21.04 50.15 26.54
N ILE A 74 21.72 49.05 26.21
CA ILE A 74 21.55 48.40 24.88
C ILE A 74 21.69 46.88 24.96
N ALA A 75 20.58 46.23 25.30
CA ALA A 75 20.61 44.80 25.57
C ALA A 75 20.99 44.07 24.31
N GLY A 76 21.76 43.00 24.47
CA GLY A 76 22.18 42.17 23.35
C GLY A 76 23.17 42.83 22.42
N LEU A 77 23.92 43.82 22.88
CA LEU A 77 24.89 44.46 21.98
C LEU A 77 26.00 43.51 21.58
N SER A 78 26.53 42.73 22.51
CA SER A 78 27.66 41.87 22.18
C SER A 78 27.23 40.69 21.33
N HIS A 79 26.00 40.22 21.53
CA HIS A 79 25.42 39.31 20.56
C HIS A 79 25.34 39.99 19.17
N PHE A 80 24.83 41.21 19.08
CA PHE A 80 24.69 41.87 17.78
C PHE A 80 26.02 42.20 17.13
N LEU A 81 27.02 42.52 17.94
CA LEU A 81 28.32 42.82 17.43
C LEU A 81 28.84 41.55 16.78
N GLU A 82 28.51 40.41 17.40
CA GLU A 82 28.91 39.10 16.88
C GLU A 82 28.37 38.93 15.46
N HIS A 83 27.11 39.30 15.26
CA HIS A 83 26.53 39.23 13.94
C HIS A 83 27.26 40.09 12.92
N MET A 84 27.81 41.22 13.34
CA MET A 84 28.39 42.20 12.42
C MET A 84 29.84 41.97 12.05
N LEU A 85 30.60 41.21 12.82
CA LEU A 85 31.99 41.02 12.39
C LEU A 85 32.09 40.33 11.02
N PHE A 86 31.06 39.54 10.69
CA PHE A 86 31.02 38.82 9.42
C PHE A 86 30.81 39.75 8.20
N LEU A 87 30.13 40.87 8.40
CA LEU A 87 29.73 41.69 7.29
C LEU A 87 30.71 42.79 6.91
N GLY A 88 32.02 42.54 6.94
CA GLY A 88 32.96 43.53 6.40
C GLY A 88 33.99 44.06 7.36
N THR A 89 35.24 44.06 6.92
CA THR A 89 36.36 44.60 7.66
C THR A 89 37.15 45.52 6.70
N LYS A 90 37.99 46.43 7.23
CA LYS A 90 38.88 47.30 6.41
C LYS A 90 39.65 46.59 5.27
N LYS A 91 40.51 45.61 5.57
CA LYS A 91 41.21 44.83 4.54
C LYS A 91 40.31 44.09 3.52
N TYR A 92 39.08 43.72 3.90
CA TYR A 92 38.22 42.87 3.08
C TYR A 92 36.79 43.36 3.14
N PRO A 93 36.53 44.49 2.48
CA PRO A 93 35.40 45.33 2.85
C PRO A 93 34.12 44.89 2.17
N LYS A 94 34.20 43.93 1.26
CA LYS A 94 32.99 43.53 0.57
C LYS A 94 32.08 42.96 1.62
N GLU A 95 30.82 43.35 1.63
CA GLU A 95 29.92 42.86 2.69
C GLU A 95 30.05 41.36 3.03
N ASN A 96 30.11 40.50 2.03
CA ASN A 96 30.20 39.07 2.27
C ASN A 96 31.46 38.42 1.74
N GLU A 97 32.58 39.12 1.90
CA GLU A 97 33.87 38.58 1.44
C GLU A 97 34.12 37.22 2.11
N TYR A 98 33.77 37.18 3.37
CA TYR A 98 34.11 36.07 4.20
C TYR A 98 33.19 34.90 3.88
N SER A 99 31.89 35.13 4.01
CA SER A 99 30.88 34.17 3.58
C SER A 99 31.20 33.46 2.29
N GLN A 100 31.43 34.26 1.26
CA GLN A 100 31.72 33.81 -0.09
C GLN A 100 33.06 33.11 -0.24
N PHE A 101 34.05 33.54 0.52
CA PHE A 101 35.35 32.92 0.42
C PHE A 101 35.29 31.47 0.90
N LEU A 102 34.56 31.26 1.98
CA LEU A 102 34.36 29.92 2.49
C LEU A 102 33.54 29.07 1.51
N SER A 103 32.41 29.58 1.07
CA SER A 103 31.52 28.84 0.20
C SER A 103 32.26 28.25 -0.97
N GLU A 104 33.06 29.12 -1.59
CA GLU A 104 33.90 28.78 -2.72
C GLU A 104 35.08 27.88 -2.39
N HIS A 105 35.34 27.62 -1.12
CA HIS A 105 36.48 26.75 -0.86
C HIS A 105 36.15 25.64 0.10
N ALA A 106 34.91 25.18 0.03
CA ALA A 106 34.39 24.04 0.81
C ALA A 106 34.25 24.30 2.30
N GLY A 107 34.27 25.56 2.70
CA GLY A 107 34.11 25.92 4.11
C GLY A 107 32.69 26.26 4.55
N SER A 108 32.56 26.43 5.86
CA SER A 108 31.34 26.89 6.50
C SER A 108 31.79 27.65 7.75
N SER A 109 30.91 28.46 8.31
CA SER A 109 31.26 29.23 9.49
C SER A 109 30.11 29.57 10.42
N ASN A 110 30.44 29.98 11.65
CA ASN A 110 29.44 30.40 12.64
C ASN A 110 30.02 30.97 13.90
N ALA A 111 29.13 31.53 14.70
CA ALA A 111 29.51 32.15 15.95
C ALA A 111 28.39 31.96 16.95
N PHE A 112 28.71 31.89 18.23
CA PHE A 112 27.68 31.97 19.26
C PHE A 112 28.09 32.99 20.34
N THR A 113 27.12 33.40 21.16
CA THR A 113 27.43 34.26 22.30
C THR A 113 26.81 33.72 23.59
N SER A 114 27.65 33.33 24.55
CA SER A 114 27.17 32.92 25.88
C SER A 114 27.19 34.13 26.80
N GLY A 115 26.98 33.94 28.09
CA GLY A 115 27.04 35.08 28.99
C GLY A 115 28.43 35.71 29.04
N GLU A 116 29.47 34.92 28.76
CA GLU A 116 30.82 35.29 29.09
C GLU A 116 31.73 35.08 27.94
N HIS A 117 31.26 34.41 26.88
CA HIS A 117 32.09 34.32 25.69
C HIS A 117 31.40 34.73 24.43
N THR A 118 32.21 35.17 23.50
CA THR A 118 31.76 35.22 22.16
C THR A 118 32.78 34.37 21.44
N ASN A 119 32.30 33.46 20.57
CA ASN A 119 33.09 32.35 19.98
C ASN A 119 32.85 32.17 18.48
N TYR A 120 33.95 32.20 17.72
CA TYR A 120 33.90 32.26 16.26
C TYR A 120 34.67 31.11 15.67
N TYR A 121 34.05 30.33 14.81
CA TYR A 121 34.77 29.25 14.17
C TYR A 121 34.42 29.17 12.72
N PHE A 122 35.34 28.58 11.95
CA PHE A 122 35.09 28.25 10.54
C PHE A 122 35.92 27.05 10.19
N ASP A 123 35.49 26.34 9.15
CA ASP A 123 36.35 25.35 8.47
C ASP A 123 36.42 25.61 6.95
N VAL A 124 37.51 25.17 6.32
CA VAL A 124 37.72 25.41 4.89
C VAL A 124 38.52 24.22 4.31
N SER A 125 38.44 23.98 3.01
CA SER A 125 39.31 23.02 2.33
C SER A 125 40.78 23.19 2.74
N HIS A 126 41.52 22.13 2.97
CA HIS A 126 42.78 22.25 3.72
C HIS A 126 43.81 23.20 3.18
N GLU A 127 43.78 23.41 1.87
CA GLU A 127 44.78 24.23 1.23
C GLU A 127 44.38 25.69 1.19
N HIS A 128 43.34 26.07 1.89
CA HIS A 128 42.96 27.45 1.86
C HIS A 128 42.83 27.94 3.25
N LEU A 129 43.59 27.31 4.14
CA LEU A 129 43.52 27.65 5.53
C LEU A 129 43.94 29.08 5.64
N GLU A 130 45.10 29.42 5.10
CA GLU A 130 45.63 30.79 5.18
C GLU A 130 44.62 31.87 4.66
N GLY A 131 44.16 31.72 3.42
CA GLY A 131 43.17 32.62 2.84
C GLY A 131 42.01 32.82 3.78
N ALA A 132 41.40 31.71 4.22
CA ALA A 132 40.30 31.75 5.18
C ALA A 132 40.68 32.46 6.47
N LEU A 133 41.78 32.00 7.09
CA LEU A 133 42.28 32.52 8.36
C LEU A 133 42.58 34.00 8.32
N ASP A 134 43.11 34.48 7.19
CA ASP A 134 43.47 35.90 7.07
C ASP A 134 42.22 36.81 7.05
N ARG A 135 41.25 36.48 6.21
CA ARG A 135 39.98 37.19 6.21
C ARG A 135 39.36 37.11 7.60
N PHE A 136 39.74 36.11 8.37
CA PHE A 136 39.15 35.89 9.67
C PHE A 136 39.82 36.78 10.71
N ALA A 137 41.14 36.83 10.71
CA ALA A 137 41.82 37.63 11.73
C ALA A 137 41.24 39.06 11.76
N GLN A 138 40.78 39.53 10.60
CA GLN A 138 40.35 40.91 10.46
C GLN A 138 39.15 41.25 11.32
N PHE A 139 38.30 40.27 11.60
CA PHE A 139 37.21 40.46 12.54
C PHE A 139 37.68 41.16 13.80
N PHE A 140 38.93 40.91 14.19
CA PHE A 140 39.44 41.30 15.49
C PHE A 140 40.41 42.47 15.49
N LEU A 141 40.41 43.24 14.39
CA LEU A 141 41.45 44.21 14.13
C LEU A 141 40.94 45.57 13.59
N SER A 142 40.00 45.49 12.68
CA SER A 142 39.45 46.67 12.04
C SER A 142 38.24 46.10 11.35
N PRO A 143 37.12 45.97 12.08
CA PRO A 143 35.93 45.60 11.35
C PRO A 143 35.34 46.89 10.85
N LEU A 144 34.21 46.86 10.18
CA LEU A 144 33.67 48.09 9.61
C LEU A 144 32.41 48.58 10.22
N PHE A 145 31.57 47.67 10.69
CA PHE A 145 30.20 47.96 11.08
C PHE A 145 29.57 48.97 10.15
N ASP A 146 29.39 48.56 8.90
CA ASP A 146 28.87 49.45 7.88
C ASP A 146 27.52 50.00 8.30
N GLU A 147 27.30 51.29 8.08
CA GLU A 147 26.03 51.91 8.47
C GLU A 147 24.84 51.17 7.84
N SER A 148 24.95 50.87 6.55
CA SER A 148 23.90 50.20 5.81
C SER A 148 23.65 48.76 6.32
N ALA A 149 24.73 48.04 6.65
CA ALA A 149 24.62 46.69 7.23
C ALA A 149 23.96 46.72 8.59
N LYS A 150 24.59 47.40 9.55
CA LYS A 150 23.98 47.60 10.86
C LYS A 150 22.49 47.76 10.76
N ASP A 151 22.04 48.56 9.82
CA ASP A 151 20.61 48.80 9.63
C ASP A 151 19.82 47.60 9.21
N ARG A 152 20.39 46.88 8.26
CA ARG A 152 19.74 45.73 7.70
C ARG A 152 19.78 44.62 8.71
N GLU A 153 20.99 44.31 9.18
CA GLU A 153 21.22 43.13 10.01
C GLU A 153 20.54 43.13 11.38
N VAL A 154 20.22 44.30 11.94
CA VAL A 154 19.38 44.34 13.15
C VAL A 154 18.11 43.49 13.04
N ASN A 155 17.61 43.30 11.81
CA ASN A 155 16.44 42.44 11.52
C ASN A 155 16.69 40.94 11.67
N ALA A 156 17.85 40.47 11.23
CA ALA A 156 18.26 39.12 11.54
C ALA A 156 18.13 38.88 13.06
N VAL A 157 18.67 39.77 13.88
CA VAL A 157 18.62 39.54 15.34
C VAL A 157 17.18 39.45 15.87
N ASP A 158 16.32 40.33 15.37
CA ASP A 158 14.94 40.38 15.79
C ASP A 158 14.17 39.13 15.40
N SER A 159 14.50 38.58 14.24
CA SER A 159 13.93 37.31 13.82
C SER A 159 14.39 36.19 14.73
N GLU A 160 15.67 36.16 15.02
CA GLU A 160 16.22 35.15 15.87
C GLU A 160 15.50 35.27 17.18
N HIS A 161 15.29 36.46 17.69
CA HIS A 161 14.55 36.55 18.93
C HIS A 161 13.12 36.05 18.73
N GLU A 162 12.49 36.49 17.66
CA GLU A 162 11.09 36.16 17.39
C GLU A 162 10.88 34.65 17.36
N LYS A 163 11.68 33.95 16.56
CA LYS A 163 11.80 32.51 16.64
C LYS A 163 11.75 31.98 18.07
N ASN A 164 12.49 32.62 18.99
CA ASN A 164 12.65 32.13 20.37
C ASN A 164 11.54 32.45 21.33
N VAL A 165 10.83 33.52 21.05
CA VAL A 165 9.76 34.03 21.89
C VAL A 165 8.73 33.01 22.34
N MET A 166 8.35 32.13 21.43
CA MET A 166 7.26 31.20 21.71
C MET A 166 7.76 29.81 22.11
N ASN A 167 9.06 29.64 22.29
CA ASN A 167 9.54 28.34 22.73
C ASN A 167 9.99 28.26 24.19
N ASP A 168 9.35 27.33 24.90
CA ASP A 168 9.42 27.21 26.36
C ASP A 168 10.79 27.19 26.98
N ALA A 169 11.70 26.40 26.40
CA ALA A 169 13.10 26.38 26.81
C ALA A 169 13.65 27.80 27.01
N TRP A 170 13.49 28.66 26.01
CA TRP A 170 13.94 30.04 26.14
C TRP A 170 13.20 30.88 27.20
N ARG A 171 11.90 30.66 27.31
CA ARG A 171 11.08 31.42 28.25
C ARG A 171 11.49 31.16 29.71
N LEU A 172 11.61 29.88 30.05
CA LEU A 172 12.10 29.52 31.36
C LEU A 172 13.51 30.03 31.58
N PHE A 173 14.37 29.86 30.59
CA PHE A 173 15.75 30.35 30.64
C PHE A 173 15.84 31.81 31.08
N GLN A 174 15.05 32.67 30.42
CA GLN A 174 14.98 34.11 30.80
C GLN A 174 14.12 34.40 32.03
N LEU A 175 13.05 33.66 32.24
CA LEU A 175 12.33 33.85 33.49
C LEU A 175 13.18 33.55 34.75
N GLU A 176 14.11 32.60 34.68
CA GLU A 176 15.07 32.45 35.75
C GLU A 176 15.75 33.82 35.93
N LYS A 177 16.51 34.28 34.93
CA LYS A 177 17.32 35.52 35.00
C LYS A 177 16.55 36.69 35.58
N ALA A 178 15.27 36.72 35.28
CA ALA A 178 14.46 37.88 35.61
C ALA A 178 13.77 37.80 36.99
N THR A 179 14.15 36.81 37.79
CA THR A 179 13.64 36.66 39.18
C THR A 179 14.76 36.67 40.24
N GLY A 180 16.01 36.68 39.77
CA GLY A 180 17.16 37.01 40.59
C GLY A 180 17.26 38.51 40.80
N ASN A 181 18.21 38.89 41.66
CA ASN A 181 18.60 40.27 41.88
C ASN A 181 18.54 41.05 40.58
N PRO A 182 17.62 42.00 40.49
CA PRO A 182 17.51 42.74 39.23
C PRO A 182 18.74 43.58 38.90
N LYS A 183 19.50 44.00 39.90
CA LYS A 183 20.70 44.83 39.66
C LYS A 183 21.87 44.02 39.11
N HIS A 184 21.76 42.69 39.19
CA HIS A 184 22.84 41.77 38.78
C HIS A 184 22.92 41.62 37.28
N PRO A 185 24.12 41.74 36.69
CA PRO A 185 24.31 41.51 35.27
C PRO A 185 23.58 40.25 34.77
N PHE A 186 23.56 39.17 35.57
CA PHE A 186 22.78 37.95 35.28
C PHE A 186 21.38 38.18 34.74
N SER A 187 20.69 39.21 35.20
CA SER A 187 19.28 39.41 34.85
C SER A 187 19.01 39.93 33.44
N LYS A 188 20.07 40.14 32.66
CA LYS A 188 19.98 40.85 31.37
C LYS A 188 19.45 40.01 30.24
N PHE A 189 19.07 40.72 29.18
CA PHE A 189 18.51 40.08 28.01
C PHE A 189 19.66 39.93 26.99
N GLY A 190 20.04 38.66 26.74
CA GLY A 190 21.14 38.27 25.85
C GLY A 190 20.99 38.59 24.37
N THR A 191 19.88 38.13 23.76
CA THR A 191 19.66 38.19 22.33
C THR A 191 19.56 39.60 21.82
N GLY A 192 18.72 40.41 22.45
CA GLY A 192 18.42 41.73 21.91
C GLY A 192 17.28 41.61 20.93
N ASN A 193 16.67 42.74 20.56
CA ASN A 193 15.76 42.77 19.40
C ASN A 193 15.68 44.10 18.66
N LYS A 194 14.66 44.28 17.80
CA LYS A 194 14.63 45.47 16.96
C LYS A 194 14.41 46.64 17.87
N TYR A 195 13.50 46.45 18.81
CA TYR A 195 13.32 47.41 19.88
C TYR A 195 14.66 47.76 20.57
N THR A 196 15.28 46.84 21.30
CA THR A 196 16.47 47.17 22.11
C THR A 196 17.72 47.70 21.36
N LEU A 197 17.85 47.33 20.09
CA LEU A 197 19.07 47.64 19.34
C LEU A 197 18.89 48.66 18.21
N GLU A 198 17.67 49.08 17.93
CA GLU A 198 17.44 50.19 17.00
C GLU A 198 16.30 51.14 17.48
N THR A 199 15.05 50.67 17.48
CA THR A 199 13.95 51.49 18.01
C THR A 199 14.37 52.36 19.20
N ARG A 200 15.10 51.79 20.16
CA ARG A 200 15.27 52.51 21.42
C ARG A 200 16.53 53.33 21.46
N PRO A 201 17.68 52.77 21.02
CA PRO A 201 18.87 53.60 20.92
C PRO A 201 18.66 54.76 19.95
N ASN A 202 17.60 54.69 19.15
CA ASN A 202 17.22 55.80 18.31
C ASN A 202 16.55 56.83 19.16
N GLN A 203 15.44 56.46 19.80
CA GLN A 203 14.85 57.30 20.81
C GLN A 203 15.87 58.01 21.74
N GLU A 204 16.93 57.36 22.19
CA GLU A 204 17.84 58.02 23.13
C GLU A 204 19.15 58.48 22.47
N GLY A 205 19.05 58.80 21.19
CA GLY A 205 20.11 59.49 20.46
C GLY A 205 21.46 58.82 20.45
N ILE A 206 21.47 57.49 20.43
CA ILE A 206 22.71 56.71 20.37
C ILE A 206 23.08 56.42 18.91
N ASP A 207 24.31 56.76 18.54
CA ASP A 207 24.87 56.26 17.28
C ASP A 207 25.38 54.87 17.59
N VAL A 208 24.66 53.87 17.09
CA VAL A 208 25.05 52.50 17.39
C VAL A 208 26.39 52.15 16.74
N ARG A 209 26.63 52.56 15.50
CA ARG A 209 27.91 52.21 14.90
C ARG A 209 29.04 52.60 15.84
N GLN A 210 28.81 53.70 16.57
CA GLN A 210 29.80 54.24 17.52
C GLN A 210 29.89 53.26 18.68
N GLU A 211 28.70 52.93 19.22
CA GLU A 211 28.55 52.03 20.38
C GLU A 211 29.15 50.64 20.16
N LEU A 212 28.99 50.11 18.95
CA LEU A 212 29.70 48.91 18.53
C LEU A 212 31.22 49.10 18.52
N LEU A 213 31.71 50.10 17.78
CA LEU A 213 33.11 50.46 17.79
C LEU A 213 33.69 50.62 19.19
N LYS A 214 32.95 51.31 20.08
CA LYS A 214 33.34 51.50 21.49
C LYS A 214 33.59 50.16 22.17
N PHE A 215 32.55 49.32 22.21
CA PHE A 215 32.60 47.95 22.75
C PHE A 215 33.70 47.04 22.15
N HIS A 216 33.84 47.04 20.84
CA HIS A 216 34.81 46.19 20.20
C HIS A 216 36.17 46.64 20.67
N SER A 217 36.34 47.96 20.69
CA SER A 217 37.59 48.60 21.12
C SER A 217 37.92 48.35 22.61
N ALA A 218 36.90 48.45 23.48
CA ALA A 218 37.06 48.24 24.91
C ALA A 218 37.50 46.82 25.18
N TYR A 219 36.70 45.86 24.67
CA TYR A 219 36.65 44.48 25.18
C TYR A 219 37.26 43.42 24.32
N TYR A 220 37.20 43.59 23.01
CA TYR A 220 37.86 42.62 22.14
C TYR A 220 39.35 42.89 22.28
N SER A 221 39.86 42.87 23.51
CA SER A 221 41.30 43.00 23.77
C SER A 221 42.03 41.65 23.69
N SER A 222 43.28 41.70 23.25
CA SER A 222 44.01 40.44 23.05
C SER A 222 44.26 39.58 24.33
N ASN A 223 44.23 40.18 25.52
CA ASN A 223 44.43 39.33 26.69
C ASN A 223 43.19 38.48 26.99
N LEU A 224 42.08 38.75 26.29
CA LEU A 224 40.87 37.95 26.50
C LEU A 224 40.57 36.95 25.40
N MET A 225 41.61 36.52 24.69
CA MET A 225 41.43 35.74 23.50
C MET A 225 42.25 34.48 23.50
N ALA A 226 41.55 33.42 23.08
CA ALA A 226 42.14 32.16 22.71
C ALA A 226 41.87 31.81 21.24
N VAL A 227 42.87 31.25 20.58
CA VAL A 227 42.80 30.81 19.19
C VAL A 227 43.13 29.32 19.12
N VAL A 228 42.43 28.60 18.25
CA VAL A 228 42.88 27.29 17.84
C VAL A 228 42.90 27.25 16.34
N VAL A 229 44.03 26.81 15.79
CA VAL A 229 44.14 26.58 14.37
C VAL A 229 44.55 25.12 14.18
N LEU A 230 43.89 24.49 13.21
CA LEU A 230 44.10 23.09 12.87
C LEU A 230 44.27 23.02 11.35
N GLY A 231 45.36 22.41 10.87
CA GLY A 231 45.67 22.32 9.43
C GLY A 231 46.62 21.21 9.04
N ARG A 232 46.81 20.97 7.76
CA ARG A 232 47.75 19.92 7.36
C ARG A 232 49.19 20.33 7.63
N GLU A 233 49.42 21.60 7.92
CA GLU A 233 50.76 22.16 8.00
C GLU A 233 51.60 21.59 9.14
N SER A 234 52.91 21.70 9.04
CA SER A 234 53.81 21.41 10.16
C SER A 234 53.40 22.28 11.35
N LEU A 235 53.72 21.83 12.56
CA LEU A 235 53.51 22.66 13.75
C LEU A 235 54.25 23.99 13.66
N ASP A 236 55.54 23.94 13.32
CA ASP A 236 56.35 25.16 13.03
C ASP A 236 55.72 26.11 12.00
N ASP A 237 55.12 25.56 10.93
CA ASP A 237 54.37 26.35 9.94
C ASP A 237 53.13 27.02 10.50
N LEU A 238 52.30 26.25 11.20
CA LEU A 238 51.13 26.83 11.83
C LEU A 238 51.52 27.94 12.79
N THR A 239 52.57 27.70 13.57
CA THR A 239 53.11 28.72 14.47
C THR A 239 53.34 30.07 13.77
N ASN A 240 54.16 30.05 12.72
CA ASN A 240 54.46 31.28 11.98
C ASN A 240 53.24 31.98 11.52
N LEU A 241 52.41 31.27 10.77
CA LEU A 241 51.11 31.72 10.32
C LEU A 241 50.27 32.44 11.39
N VAL A 242 50.20 31.88 12.59
CA VAL A 242 49.37 32.47 13.64
C VAL A 242 49.98 33.75 14.12
N VAL A 243 51.30 33.72 14.34
CA VAL A 243 52.07 34.89 14.78
C VAL A 243 51.91 36.03 13.76
N LYS A 244 52.12 35.73 12.48
CA LYS A 244 51.83 36.69 11.43
C LYS A 244 50.46 37.33 11.62
N LEU A 245 49.38 36.55 11.47
CA LEU A 245 48.02 37.13 11.44
C LEU A 245 47.48 37.76 12.75
N PHE A 246 48.10 37.42 13.89
CA PHE A 246 47.51 37.66 15.21
C PHE A 246 48.33 38.41 16.24
N SER A 247 49.62 38.65 15.95
CA SER A 247 50.46 39.43 16.84
C SER A 247 49.99 40.86 16.80
N GLU A 248 49.50 41.28 15.63
CA GLU A 248 48.98 42.64 15.47
C GLU A 248 47.73 42.98 16.29
N VAL A 249 47.21 42.08 17.14
CA VAL A 249 46.00 42.41 17.93
C VAL A 249 46.30 43.22 19.18
N GLU A 250 45.52 44.25 19.39
CA GLU A 250 45.72 45.20 20.48
C GLU A 250 45.53 44.61 21.87
N ASN A 251 46.55 44.73 22.73
CA ASN A 251 46.38 44.41 24.15
C ASN A 251 45.86 45.59 24.96
N LYS A 252 44.56 45.67 25.19
CA LYS A 252 44.01 46.73 26.04
C LYS A 252 43.96 46.35 27.53
N ASN A 253 44.64 45.24 27.88
CA ASN A 253 44.78 44.75 29.23
C ASN A 253 43.55 44.82 30.09
N VAL A 254 42.40 44.42 29.53
CA VAL A 254 41.13 44.49 30.23
C VAL A 254 41.10 43.47 31.33
N PRO A 255 40.68 43.89 32.54
CA PRO A 255 40.51 42.88 33.59
C PRO A 255 39.31 42.00 33.25
N LEU A 256 39.44 40.70 33.46
CA LEU A 256 38.37 39.75 33.16
C LEU A 256 37.23 39.94 34.14
N PRO A 257 35.99 40.07 33.65
CA PRO A 257 34.84 40.30 34.53
C PRO A 257 34.57 39.13 35.45
N GLU A 258 34.17 39.42 36.69
CA GLU A 258 33.79 38.42 37.68
C GLU A 258 32.50 38.83 38.35
N PHE A 259 31.84 37.83 38.94
CA PHE A 259 30.48 37.98 39.47
C PHE A 259 30.42 37.25 40.79
N PRO A 260 31.20 37.75 41.77
CA PRO A 260 31.53 36.92 42.90
C PRO A 260 30.29 36.74 43.78
N GLU A 261 29.30 37.61 43.56
CA GLU A 261 28.12 37.67 44.39
C GLU A 261 26.90 37.06 43.65
N HIS A 262 26.25 36.06 44.25
CA HIS A 262 25.22 35.29 43.55
C HIS A 262 24.01 36.11 43.15
N PRO A 263 23.37 35.80 42.02
CA PRO A 263 22.17 36.59 41.76
C PRO A 263 20.98 36.15 42.58
N PHE A 264 21.09 35.01 43.25
CA PHE A 264 20.00 34.50 44.05
C PHE A 264 20.32 34.65 45.51
N GLN A 265 19.61 35.58 46.13
CA GLN A 265 20.13 36.21 47.31
C GLN A 265 19.45 35.88 48.64
N GLU A 266 18.51 34.92 48.66
CA GLU A 266 17.85 34.57 49.93
C GLU A 266 16.98 35.72 50.31
N GLU A 267 16.82 36.64 49.39
CA GLU A 267 15.64 37.44 49.37
C GLU A 267 14.88 36.63 48.29
N HIS A 268 15.66 35.88 47.52
CA HIS A 268 15.21 35.18 46.33
C HIS A 268 15.15 33.67 46.58
N LEU A 269 15.54 33.23 47.76
CA LEU A 269 15.49 31.81 48.06
C LEU A 269 14.20 31.51 48.78
N LYS A 270 13.80 30.25 48.78
CA LYS A 270 12.49 29.78 49.30
C LYS A 270 11.27 30.32 48.57
N GLN A 271 11.46 30.59 47.29
CA GLN A 271 10.41 31.07 46.44
C GLN A 271 9.85 29.92 45.60
N LEU A 272 8.54 29.97 45.30
CA LEU A 272 7.87 29.04 44.39
C LEU A 272 7.32 29.85 43.26
N TYR A 273 7.40 29.34 42.05
CA TYR A 273 6.91 30.09 40.91
C TYR A 273 5.94 29.22 40.19
N LYS A 274 4.86 29.80 39.72
CA LYS A 274 3.91 29.00 38.98
C LYS A 274 3.86 29.57 37.61
N ILE A 275 4.16 28.72 36.64
CA ILE A 275 4.40 29.21 35.30
C ILE A 275 3.45 28.61 34.27
N VAL A 276 2.93 29.48 33.41
CA VAL A 276 2.20 29.04 32.20
C VAL A 276 3.09 28.73 30.98
N PRO A 277 3.10 27.46 30.55
CA PRO A 277 3.80 27.07 29.33
C PRO A 277 3.01 27.37 28.04
N ILE A 278 3.72 27.35 26.90
CA ILE A 278 3.08 27.37 25.60
C ILE A 278 2.63 25.95 25.18
N LYS A 279 3.57 25.01 25.07
CA LYS A 279 3.26 23.60 24.83
C LYS A 279 2.49 23.09 26.05
N ASP A 280 1.79 21.97 25.95
CA ASP A 280 1.14 21.41 27.15
C ASP A 280 2.08 20.47 27.86
N ILE A 281 2.96 21.07 28.66
CA ILE A 281 4.03 20.34 29.33
C ILE A 281 3.81 20.46 30.82
N ARG A 282 4.52 19.64 31.58
CA ARG A 282 4.34 19.63 33.02
C ARG A 282 5.61 19.40 33.81
N ASN A 283 6.49 20.37 33.96
CA ASN A 283 7.66 20.10 34.79
C ASN A 283 7.80 20.94 36.05
N LEU A 284 8.63 20.42 36.95
CA LEU A 284 9.03 21.05 38.18
C LEU A 284 10.53 21.24 38.15
N TYR A 285 10.96 22.49 38.39
CA TYR A 285 12.38 22.81 38.41
C TYR A 285 12.70 23.09 39.83
N VAL A 286 13.76 22.45 40.32
CA VAL A 286 14.31 22.65 41.65
C VAL A 286 15.78 23.10 41.54
N THR A 287 16.07 24.28 42.07
CA THR A 287 17.40 24.93 41.98
C THR A 287 17.98 25.26 43.34
N PHE A 288 19.28 25.13 43.47
CA PHE A 288 20.01 25.59 44.64
C PHE A 288 21.18 26.47 44.21
N PRO A 289 21.32 27.67 44.80
CA PRO A 289 22.54 28.42 44.47
C PRO A 289 23.74 27.82 45.13
N ILE A 290 24.83 27.70 44.38
CA ILE A 290 26.07 27.14 44.89
C ILE A 290 27.21 28.07 44.43
N PRO A 291 28.38 27.97 45.07
CA PRO A 291 29.52 28.73 44.57
C PRO A 291 30.08 28.19 43.21
N ASP A 292 31.08 28.89 42.66
CA ASP A 292 31.72 28.44 41.45
C ASP A 292 32.66 27.29 41.75
N LEU A 293 32.34 26.10 41.25
CA LEU A 293 33.14 24.90 41.45
C LEU A 293 34.20 24.65 40.37
N GLN A 294 34.26 25.55 39.40
CA GLN A 294 35.12 25.36 38.25
C GLN A 294 36.56 25.02 38.67
N LYS A 295 37.13 25.76 39.61
CA LYS A 295 38.51 25.56 40.03
C LYS A 295 38.75 24.18 40.62
N TYR A 296 37.69 23.61 41.19
CA TYR A 296 37.77 22.27 41.74
C TYR A 296 37.69 21.22 40.65
N TYR A 297 38.17 21.54 39.47
CA TYR A 297 37.86 20.74 38.30
C TYR A 297 38.55 19.38 38.38
N LYS A 298 39.68 19.32 39.06
CA LYS A 298 40.39 18.08 39.19
C LYS A 298 39.73 17.03 40.07
N SER A 299 38.84 17.46 40.97
CA SER A 299 38.14 16.50 41.79
C SER A 299 36.68 16.43 41.37
N ASN A 300 36.10 17.59 41.13
CA ASN A 300 34.78 17.70 40.55
C ASN A 300 33.68 17.15 41.44
N PRO A 301 33.43 17.83 42.58
CA PRO A 301 32.35 17.42 43.46
C PRO A 301 31.01 17.55 42.79
N GLY A 302 30.83 18.54 41.92
CA GLY A 302 29.54 18.75 41.26
C GLY A 302 29.13 17.53 40.48
N HIS A 303 30.09 16.96 39.75
CA HIS A 303 29.86 15.77 38.94
C HIS A 303 29.42 14.58 39.81
N TYR A 304 30.14 14.34 40.90
CA TYR A 304 29.88 13.24 41.83
C TYR A 304 28.42 13.25 42.33
N LEU A 305 28.00 14.35 42.93
CA LEU A 305 26.62 14.48 43.40
C LEU A 305 25.67 14.49 42.26
N GLY A 306 26.14 14.97 41.11
CA GLY A 306 25.35 14.94 39.88
C GLY A 306 25.14 13.48 39.47
N HIS A 307 26.22 12.72 39.46
CA HIS A 307 26.15 11.35 39.05
C HIS A 307 25.18 10.56 39.90
N LEU A 308 25.19 10.81 41.20
CA LEU A 308 24.32 10.10 42.13
C LEU A 308 22.88 10.56 42.06
N ILE A 309 22.60 11.85 42.26
CA ILE A 309 21.21 12.29 42.20
C ILE A 309 20.54 11.97 40.86
N GLY A 310 21.28 12.25 39.78
CA GLY A 310 20.78 11.99 38.44
C GLY A 310 20.60 10.52 38.10
N HIS A 311 21.14 9.65 38.94
CA HIS A 311 21.15 8.24 38.65
C HIS A 311 19.77 7.73 38.41
N GLU A 312 19.71 6.72 37.56
CA GLU A 312 18.46 6.10 37.15
C GLU A 312 18.39 4.58 37.47
N GLY A 313 19.43 4.01 38.06
CA GLY A 313 19.44 2.58 38.38
C GLY A 313 18.53 2.17 39.54
N PRO A 314 18.50 0.85 39.86
CA PRO A 314 17.81 0.38 41.03
C PRO A 314 18.21 1.21 42.22
N GLY A 315 17.24 1.49 43.08
CA GLY A 315 17.48 2.11 44.35
C GLY A 315 17.76 3.57 44.19
N SER A 316 17.69 4.08 42.95
CA SER A 316 17.93 5.51 42.71
C SER A 316 16.70 6.29 43.08
N LEU A 317 16.88 7.61 43.10
CA LEU A 317 15.77 8.56 43.32
C LEU A 317 14.73 8.53 42.22
N LEU A 318 15.16 8.65 40.96
CA LEU A 318 14.17 8.59 39.90
C LEU A 318 13.33 7.31 40.05
N SER A 319 13.97 6.17 40.33
CA SER A 319 13.24 4.92 40.45
C SER A 319 12.00 5.02 41.34
N GLU A 320 12.12 5.59 42.54
CA GLU A 320 10.95 5.76 43.39
C GLU A 320 9.88 6.68 42.81
N LEU A 321 10.25 7.88 42.40
CA LEU A 321 9.30 8.83 41.81
C LEU A 321 8.60 8.29 40.58
N LYS A 322 9.32 7.48 39.80
CA LYS A 322 8.76 6.86 38.63
C LYS A 322 7.80 5.77 39.11
N SER A 323 8.13 5.10 40.21
CA SER A 323 7.27 4.02 40.74
C SER A 323 6.04 4.43 41.49
N LYS A 324 5.95 5.67 41.93
CA LYS A 324 4.71 6.13 42.53
C LYS A 324 3.93 6.82 41.43
N GLY A 325 4.41 6.65 40.20
CA GLY A 325 3.82 7.28 39.03
C GLY A 325 3.80 8.81 39.06
N TRP A 326 4.71 9.40 39.80
CA TRP A 326 4.75 10.83 39.91
C TRP A 326 5.62 11.53 38.84
N VAL A 327 6.75 10.94 38.47
CA VAL A 327 7.59 11.51 37.39
C VAL A 327 7.98 10.47 36.31
N ASN A 328 8.35 10.98 35.14
CA ASN A 328 8.79 10.12 34.03
C ASN A 328 10.28 10.09 33.71
N THR A 329 10.91 11.24 33.78
CA THR A 329 12.32 11.38 33.51
C THR A 329 12.79 12.34 34.59
N LEU A 330 14.09 12.37 34.88
CA LEU A 330 14.65 13.30 35.86
C LEU A 330 16.02 13.73 35.44
N VAL A 331 16.44 14.93 35.79
CA VAL A 331 17.78 15.40 35.45
C VAL A 331 18.35 16.15 36.62
N GLY A 332 19.56 15.80 37.04
CA GLY A 332 20.13 16.51 38.19
C GLY A 332 21.58 16.79 37.99
N GLY A 333 22.10 17.83 38.60
CA GLY A 333 23.54 18.03 38.55
C GLY A 333 23.93 19.48 38.59
N GLN A 334 25.21 19.75 38.40
CA GLN A 334 25.66 21.14 38.47
C GLN A 334 25.26 21.85 37.16
N LYS A 335 25.04 23.16 37.24
CA LYS A 335 24.60 23.92 36.09
C LYS A 335 25.47 25.15 35.96
N GLU A 336 26.09 25.36 34.80
CA GLU A 336 26.97 26.50 34.58
C GLU A 336 26.25 27.84 34.87
N GLY A 337 26.93 28.72 35.57
CA GLY A 337 26.38 30.04 35.83
C GLY A 337 27.33 31.02 35.19
N ALA A 338 28.24 31.58 36.00
CA ALA A 338 29.32 32.43 35.49
C ALA A 338 30.49 32.44 36.50
N ARG A 339 31.66 33.00 36.12
CA ARG A 339 32.75 33.19 37.11
C ARG A 339 32.15 33.76 38.40
N GLY A 340 32.23 32.97 39.47
CA GLY A 340 31.61 33.37 40.75
C GLY A 340 30.36 32.64 41.21
N PHE A 341 29.55 32.10 40.29
CA PHE A 341 28.36 31.29 40.69
C PHE A 341 27.93 30.16 39.74
N MET A 342 27.34 29.13 40.33
CA MET A 342 26.73 28.04 39.61
C MET A 342 25.40 27.73 40.24
N PHE A 343 24.72 26.74 39.70
CA PHE A 343 23.50 26.25 40.31
C PHE A 343 23.63 24.76 40.47
N PHE A 344 22.84 24.21 41.37
CA PHE A 344 22.66 22.79 41.36
C PHE A 344 21.21 22.55 41.09
N ILE A 345 20.90 21.70 40.12
CA ILE A 345 19.50 21.57 39.76
C ILE A 345 19.02 20.12 39.80
N ILE A 346 17.72 20.01 39.99
CA ILE A 346 17.02 18.74 39.88
C ILE A 346 15.69 19.03 39.21
N ASN A 347 15.49 18.47 38.01
CA ASN A 347 14.31 18.81 37.22
C ASN A 347 13.63 17.54 36.83
N VAL A 348 12.32 17.53 36.91
CA VAL A 348 11.58 16.36 36.53
C VAL A 348 10.44 16.82 35.69
N ASP A 349 9.90 15.94 34.86
CA ASP A 349 8.59 16.20 34.28
C ASP A 349 7.58 15.49 35.15
N LEU A 350 6.32 15.87 35.11
CA LEU A 350 5.38 15.38 36.10
C LEU A 350 4.34 14.66 35.35
N THR A 351 3.73 13.68 35.99
CA THR A 351 2.59 13.04 35.42
C THR A 351 1.39 13.88 35.85
N GLU A 352 0.17 13.40 35.66
CA GLU A 352 -1.00 14.15 36.17
C GLU A 352 -1.05 13.98 37.68
N GLU A 353 -0.81 12.77 38.16
CA GLU A 353 -0.74 12.52 39.58
C GLU A 353 0.40 13.34 40.16
N GLY A 354 1.55 13.33 39.49
CA GLY A 354 2.73 14.05 39.98
C GLY A 354 2.47 15.51 40.26
N LEU A 355 1.67 16.17 39.44
CA LEU A 355 1.49 17.61 39.53
C LEU A 355 0.82 17.92 40.86
N LEU A 356 0.11 16.92 41.41
CA LEU A 356 -0.54 17.09 42.70
C LEU A 356 0.24 16.51 43.90
N HIS A 357 1.46 16.02 43.69
CA HIS A 357 2.25 15.57 44.83
C HIS A 357 3.62 16.21 44.83
N VAL A 358 3.68 17.40 44.27
CA VAL A 358 4.90 18.16 44.24
C VAL A 358 5.57 18.26 45.61
N GLU A 359 4.86 18.82 46.57
CA GLU A 359 5.37 18.88 47.94
C GLU A 359 6.06 17.57 48.31
N ASP A 360 5.36 16.45 48.05
CA ASP A 360 5.87 15.12 48.31
C ASP A 360 7.16 14.82 47.55
N ILE A 361 7.12 15.03 46.23
CA ILE A 361 8.27 14.79 45.35
C ILE A 361 9.49 15.50 45.89
N ILE A 362 9.36 16.77 46.23
CA ILE A 362 10.49 17.53 46.75
C ILE A 362 10.98 16.94 48.07
N LEU A 363 10.04 16.51 48.93
CA LEU A 363 10.44 15.77 50.13
C LEU A 363 11.23 14.51 49.77
N HIS A 364 10.75 13.75 48.80
CA HIS A 364 11.51 12.58 48.44
C HIS A 364 12.94 12.99 48.03
N MET A 365 13.08 14.10 47.30
CA MET A 365 14.40 14.61 46.88
C MET A 365 15.27 14.84 48.08
N PHE A 366 14.72 15.50 49.10
CA PHE A 366 15.51 15.69 50.32
C PHE A 366 15.84 14.43 51.12
N GLN A 367 14.95 13.45 51.10
CA GLN A 367 15.28 12.17 51.70
C GLN A 367 16.51 11.54 51.03
N TYR A 368 16.62 11.73 49.71
CA TYR A 368 17.73 11.14 48.94
C TYR A 368 18.98 11.91 49.30
N ILE A 369 18.93 13.24 49.25
CA ILE A 369 20.08 14.02 49.70
C ILE A 369 20.50 13.57 51.11
N GLN A 370 19.52 13.49 52.02
CA GLN A 370 19.79 12.98 53.34
C GLN A 370 20.50 11.64 53.34
N LYS A 371 20.03 10.68 52.54
CA LYS A 371 20.77 9.44 52.39
C LYS A 371 22.24 9.68 52.04
N LEU A 372 22.55 10.59 51.13
CA LEU A 372 23.95 10.77 50.69
C LEU A 372 24.80 11.32 51.83
N ARG A 373 24.18 12.16 52.66
CA ARG A 373 24.82 12.73 53.84
C ARG A 373 25.14 11.64 54.80
N ALA A 374 24.16 10.81 55.11
CA ALA A 374 24.38 9.70 56.02
C ALA A 374 25.37 8.66 55.52
N GLU A 375 25.42 8.37 54.23
CA GLU A 375 26.36 7.36 53.77
C GLU A 375 27.79 7.87 53.72
N GLY A 376 27.95 9.19 53.59
CA GLY A 376 29.26 9.84 53.36
C GLY A 376 29.72 9.77 51.91
N PRO A 377 30.75 10.57 51.53
CA PRO A 377 31.37 10.51 50.19
C PRO A 377 32.04 9.17 49.99
N GLN A 378 32.00 8.61 48.79
CA GLN A 378 32.43 7.23 48.57
C GLN A 378 33.55 7.08 47.55
N GLU A 379 34.77 6.86 48.00
CA GLU A 379 35.87 6.75 47.06
C GLU A 379 35.66 5.72 45.96
N TRP A 380 34.97 4.61 46.22
CA TRP A 380 34.82 3.63 45.16
C TRP A 380 34.02 4.22 44.00
N VAL A 381 33.10 5.13 44.31
CA VAL A 381 32.22 5.74 43.29
C VAL A 381 33.03 6.70 42.44
N PHE A 382 33.89 7.46 43.10
CA PHE A 382 34.86 8.33 42.45
C PHE A 382 35.81 7.52 41.53
N GLN A 383 36.35 6.44 42.07
CA GLN A 383 37.19 5.54 41.32
C GLN A 383 36.51 5.10 40.02
N GLU A 384 35.21 4.87 40.07
CA GLU A 384 34.43 4.45 38.90
C GLU A 384 34.33 5.58 37.88
N LEU A 385 33.89 6.74 38.34
CA LEU A 385 33.88 7.94 37.51
C LEU A 385 35.25 8.27 36.91
N LYS A 386 36.31 8.12 37.71
CA LYS A 386 37.66 8.32 37.22
C LYS A 386 38.01 7.33 36.10
N ASP A 387 37.51 6.10 36.21
CA ASP A 387 37.86 5.07 35.25
C ASP A 387 37.09 5.14 33.95
N LEU A 388 35.78 5.38 34.05
CA LEU A 388 34.96 5.65 32.88
C LEU A 388 35.54 6.82 32.11
N ASN A 389 35.78 7.93 32.81
CA ASN A 389 36.38 9.09 32.18
C ASN A 389 37.72 8.82 31.52
N ALA A 390 38.59 8.01 32.13
CA ALA A 390 39.91 7.75 31.54
C ALA A 390 39.76 6.95 30.25
N VAL A 391 38.82 6.01 30.27
CA VAL A 391 38.55 5.12 29.15
C VAL A 391 37.92 5.94 28.06
N ALA A 392 36.91 6.74 28.43
CA ALA A 392 36.26 7.69 27.53
C ALA A 392 37.30 8.51 26.79
N PHE A 393 38.33 8.93 27.50
CA PHE A 393 39.28 9.85 26.92
C PHE A 393 40.20 9.14 25.95
N ARG A 394 40.73 8.01 26.40
CA ARG A 394 41.70 7.23 25.66
C ARG A 394 41.10 6.85 24.32
N PHE A 395 39.84 6.49 24.33
CA PHE A 395 39.26 5.90 23.16
C PHE A 395 38.23 6.83 22.59
N LYS A 396 38.46 8.13 22.76
CA LYS A 396 37.50 9.12 22.30
C LYS A 396 37.58 9.14 20.79
N ASP A 397 36.43 9.28 20.13
CA ASP A 397 36.32 9.38 18.67
C ASP A 397 36.98 10.64 18.21
N LYS A 398 37.59 10.62 17.04
CA LYS A 398 38.15 11.82 16.47
C LYS A 398 37.05 12.87 16.11
N GLU A 399 37.26 14.14 16.47
CA GLU A 399 36.25 15.19 16.21
C GLU A 399 36.34 15.86 14.81
N ARG A 400 35.20 16.23 14.21
CA ARG A 400 35.18 17.12 13.04
C ARG A 400 35.86 18.41 13.47
N PRO A 401 36.75 18.98 12.64
CA PRO A 401 37.62 20.08 13.05
C PRO A 401 36.92 21.39 13.54
N ARG A 402 35.83 21.79 12.89
CA ARG A 402 35.09 22.96 13.32
C ARG A 402 34.69 22.84 14.79
N GLY A 403 33.94 21.81 15.13
CA GLY A 403 33.57 21.61 16.53
C GLY A 403 34.75 21.59 17.49
N TYR A 404 35.84 20.99 17.04
CA TYR A 404 36.99 20.79 17.86
C TYR A 404 37.70 22.09 18.19
N THR A 405 38.04 22.87 17.18
CA THR A 405 38.67 24.15 17.42
C THR A 405 37.75 25.01 18.30
N SER A 406 36.49 25.08 17.91
CA SER A 406 35.54 25.88 18.68
C SER A 406 35.65 25.53 20.14
N LYS A 407 35.41 24.26 20.43
CA LYS A 407 35.43 23.69 21.77
C LYS A 407 36.71 24.02 22.60
N ILE A 408 37.88 23.80 22.03
CA ILE A 408 39.15 24.03 22.74
C ILE A 408 39.37 25.54 23.03
N ALA A 409 39.00 26.35 22.05
CA ALA A 409 39.10 27.82 22.13
C ALA A 409 38.39 28.35 23.38
N GLY A 410 37.21 27.79 23.65
CA GLY A 410 36.51 28.00 24.90
C GLY A 410 37.37 27.53 26.05
N ILE A 411 37.77 26.27 26.06
CA ILE A 411 38.36 25.79 27.29
C ILE A 411 39.77 26.24 27.51
N LEU A 412 40.39 26.85 26.50
CA LEU A 412 41.70 27.47 26.69
C LEU A 412 41.70 28.55 27.78
N HIS A 413 40.53 29.10 28.05
CA HIS A 413 40.40 30.12 29.07
C HIS A 413 40.38 29.64 30.49
N TYR A 414 40.56 28.34 30.71
CA TYR A 414 40.28 27.73 32.02
C TYR A 414 41.34 26.82 32.50
N TYR A 415 42.16 26.32 31.58
CA TYR A 415 43.10 25.27 31.90
C TYR A 415 44.46 25.65 31.39
N PRO A 416 45.52 25.24 32.12
CA PRO A 416 46.88 25.26 31.60
C PRO A 416 46.91 24.72 30.17
N LEU A 417 47.82 25.21 29.34
CA LEU A 417 47.85 24.76 27.94
C LEU A 417 47.84 23.24 27.89
N GLU A 418 48.77 22.63 28.62
CA GLU A 418 49.02 21.20 28.60
C GLU A 418 47.78 20.38 29.01
N GLU A 419 46.93 20.93 29.86
CA GLU A 419 45.77 20.18 30.27
C GLU A 419 44.53 20.31 29.40
N VAL A 420 44.55 21.16 28.38
CA VAL A 420 43.33 21.47 27.59
C VAL A 420 42.61 20.28 27.01
N LEU A 421 43.34 19.30 26.52
CA LEU A 421 42.68 18.15 25.97
C LEU A 421 42.05 17.27 27.04
N THR A 422 42.72 17.13 28.18
CA THR A 422 42.33 16.23 29.26
C THR A 422 41.52 16.88 30.36
N ALA A 423 41.43 18.19 30.36
CA ALA A 423 40.94 18.79 31.58
C ALA A 423 39.48 18.44 31.77
N GLU A 424 38.76 18.29 30.67
CA GLU A 424 37.34 18.00 30.79
C GLU A 424 37.05 16.52 31.03
N TYR A 425 38.10 15.70 31.05
CA TYR A 425 37.96 14.27 31.11
C TYR A 425 38.52 13.65 32.35
N LEU A 426 39.78 13.93 32.64
CA LEU A 426 40.47 13.16 33.69
C LEU A 426 40.19 13.75 35.07
N LEU A 427 40.02 12.85 36.02
CA LEU A 427 39.84 13.15 37.45
C LEU A 427 41.09 12.75 38.21
N GLU A 428 41.44 13.54 39.22
CA GLU A 428 42.71 13.27 39.83
C GLU A 428 42.64 13.18 41.34
N GLU A 429 41.90 14.09 41.94
CA GLU A 429 41.87 14.24 43.37
C GLU A 429 40.57 13.70 43.93
N PHE A 430 40.62 12.83 44.93
CA PHE A 430 39.40 12.49 45.64
C PHE A 430 39.16 13.48 46.77
N ARG A 431 37.99 14.13 46.83
CA ARG A 431 37.82 15.23 47.77
C ARG A 431 36.55 15.14 48.57
N PRO A 432 36.51 14.21 49.55
CA PRO A 432 35.37 14.09 50.48
C PRO A 432 34.84 15.44 50.96
N ASP A 433 35.75 16.27 51.48
CA ASP A 433 35.43 17.61 52.00
C ASP A 433 34.59 18.45 51.05
N LEU A 434 34.91 18.41 49.76
CA LEU A 434 34.26 19.29 48.80
C LEU A 434 32.88 18.78 48.47
N ILE A 435 32.81 17.49 48.13
CA ILE A 435 31.56 16.76 48.04
C ILE A 435 30.71 17.05 49.28
N GLU A 436 31.31 16.90 50.45
CA GLU A 436 30.58 17.10 51.68
C GLU A 436 30.16 18.57 51.81
N MET A 437 30.99 19.48 51.33
CA MET A 437 30.71 20.93 51.38
C MET A 437 29.54 21.38 50.46
N VAL A 438 29.53 20.90 49.22
CA VAL A 438 28.48 21.21 48.25
C VAL A 438 27.19 20.57 48.69
N LEU A 439 27.33 19.42 49.34
CA LEU A 439 26.20 18.65 49.82
C LEU A 439 25.46 19.45 50.91
N ASP A 440 26.23 20.22 51.68
CA ASP A 440 25.73 21.12 52.68
C ASP A 440 24.89 22.29 52.13
N LYS A 441 24.91 22.52 50.83
CA LYS A 441 24.13 23.62 50.24
C LYS A 441 22.84 23.17 49.65
N LEU A 442 22.62 21.87 49.56
CA LEU A 442 21.41 21.35 48.98
C LEU A 442 20.40 21.15 50.07
N ARG A 443 20.00 22.27 50.67
CA ARG A 443 19.15 22.25 51.86
C ARG A 443 17.89 23.06 51.58
N PRO A 444 16.75 22.70 52.21
CA PRO A 444 15.49 23.41 52.01
C PRO A 444 15.56 24.93 52.17
N GLU A 445 16.44 25.45 53.00
CA GLU A 445 16.49 26.89 53.12
C GLU A 445 17.21 27.61 51.97
N ASN A 446 17.86 26.87 51.07
CA ASN A 446 18.28 27.45 49.77
C ASN A 446 17.32 27.21 48.63
N VAL A 447 16.26 26.44 48.85
CA VAL A 447 15.60 25.87 47.70
C VAL A 447 14.79 26.87 46.90
N ARG A 448 14.82 26.71 45.57
CA ARG A 448 13.97 27.46 44.64
C ARG A 448 13.15 26.47 43.82
N VAL A 449 11.84 26.68 43.77
CA VAL A 449 10.95 25.74 43.13
C VAL A 449 10.12 26.48 42.08
N ALA A 450 10.14 25.96 40.85
CA ALA A 450 9.22 26.38 39.77
C ALA A 450 8.40 25.18 39.23
N ILE A 451 7.08 25.35 39.16
CA ILE A 451 6.22 24.35 38.58
C ILE A 451 5.69 24.97 37.28
N VAL A 452 5.78 24.23 36.17
CA VAL A 452 5.34 24.72 34.87
C VAL A 452 4.15 23.91 34.41
N SER A 453 2.96 24.51 34.33
CA SER A 453 1.74 23.75 34.03
C SER A 453 0.61 24.56 33.42
N LYS A 454 -0.11 23.99 32.45
CA LYS A 454 -1.26 24.66 31.86
C LYS A 454 -2.31 25.06 32.90
N SER A 455 -2.39 24.31 34.00
CA SER A 455 -3.37 24.55 35.07
C SER A 455 -3.25 25.94 35.73
N PHE A 456 -2.18 26.69 35.44
CA PHE A 456 -2.02 28.04 35.99
C PHE A 456 -2.54 29.12 35.07
N GLU A 457 -3.21 28.74 33.98
CA GLU A 457 -3.84 29.73 33.11
C GLU A 457 -4.97 30.43 33.84
N GLY A 458 -4.98 31.76 33.74
CA GLY A 458 -5.95 32.59 34.44
C GLY A 458 -5.42 32.93 35.81
N LYS A 459 -4.96 31.90 36.50
CA LYS A 459 -4.48 32.00 37.87
C LYS A 459 -3.12 32.74 38.10
N THR A 460 -2.47 33.23 37.03
CA THR A 460 -1.22 33.98 37.23
C THR A 460 -1.50 35.46 37.34
N ASP A 461 -0.52 36.21 37.83
CA ASP A 461 -0.71 37.63 38.14
C ASP A 461 0.48 38.50 37.78
N ARG A 462 1.47 37.93 37.11
CA ARG A 462 2.68 38.68 36.75
C ARG A 462 3.16 38.27 35.38
N THR A 463 3.90 39.16 34.71
CA THR A 463 4.34 38.97 33.33
C THR A 463 5.82 39.31 33.16
N GLU A 464 6.59 38.37 32.58
CA GLU A 464 7.99 38.61 32.23
C GLU A 464 8.04 39.41 30.93
N GLU A 465 8.79 40.50 30.96
CA GLU A 465 8.67 41.55 29.95
C GLU A 465 9.13 41.13 28.56
N TRP A 466 10.26 40.42 28.50
CA TRP A 466 10.87 40.04 27.23
C TRP A 466 10.17 38.99 26.40
N TYR A 467 9.65 37.93 27.01
CA TYR A 467 9.05 36.87 26.25
C TYR A 467 7.57 36.91 26.49
N GLY A 468 7.15 37.59 27.55
CA GLY A 468 5.74 37.65 27.90
C GLY A 468 5.24 36.49 28.75
N THR A 469 6.12 35.85 29.49
CA THR A 469 5.79 34.67 30.28
C THR A 469 4.84 34.98 31.45
N GLN A 470 3.76 34.21 31.61
CA GLN A 470 2.85 34.37 32.76
C GLN A 470 3.24 33.54 33.98
N TYR A 471 3.43 34.17 35.12
CA TYR A 471 3.69 33.40 36.33
C TYR A 471 3.16 34.01 37.63
N LYS A 472 2.98 33.18 38.65
CA LYS A 472 2.66 33.63 40.00
C LYS A 472 3.90 33.39 40.82
N GLN A 473 4.14 34.23 41.84
CA GLN A 473 5.28 34.06 42.77
C GLN A 473 4.86 34.04 44.22
N GLU A 474 5.38 33.08 44.98
CA GLU A 474 5.01 32.89 46.39
C GLU A 474 6.22 32.67 47.28
N ALA A 475 6.06 32.89 48.59
CA ALA A 475 7.01 32.33 49.55
C ALA A 475 6.55 30.90 49.78
N ILE A 476 7.50 30.02 50.02
CA ILE A 476 7.14 28.68 50.44
C ILE A 476 6.80 28.69 51.95
N PRO A 477 5.59 28.22 52.31
CA PRO A 477 5.20 28.31 53.71
C PRO A 477 6.17 27.55 54.61
N ASP A 478 6.59 28.16 55.72
CA ASP A 478 7.61 27.57 56.59
C ASP A 478 7.22 26.25 57.19
N GLU A 479 5.91 26.01 57.32
CA GLU A 479 5.37 24.67 57.64
C GLU A 479 6.08 23.65 56.72
N VAL A 480 5.98 23.94 55.43
CA VAL A 480 6.53 23.12 54.35
C VAL A 480 8.09 23.04 54.37
N ILE A 481 8.79 24.14 54.63
CA ILE A 481 10.26 24.06 54.75
C ILE A 481 10.70 23.18 55.90
N LYS A 482 10.05 23.35 57.08
CA LYS A 482 10.37 22.59 58.30
C LYS A 482 10.09 21.15 57.98
N LYS A 483 8.97 20.93 57.30
CA LYS A 483 8.53 19.60 56.89
C LYS A 483 9.58 18.90 56.01
N TRP A 484 10.25 19.66 55.13
CA TRP A 484 11.36 19.14 54.29
C TRP A 484 12.67 19.01 55.06
N GLN A 485 12.93 19.94 55.97
CA GLN A 485 14.14 19.84 56.75
C GLN A 485 14.21 18.57 57.56
N ASN A 486 13.08 18.13 58.08
CA ASN A 486 13.00 16.84 58.76
C ASN A 486 12.80 15.68 57.83
N ALA A 487 13.73 15.50 56.90
CA ALA A 487 13.62 14.39 55.99
C ALA A 487 14.26 13.20 56.66
N ASP A 488 13.43 12.23 57.02
CA ASP A 488 13.87 10.89 57.46
C ASP A 488 14.80 10.27 56.43
N LEU A 489 15.46 9.17 56.77
CA LEU A 489 15.92 8.22 55.74
C LEU A 489 14.70 7.47 55.21
N ASN A 490 14.79 7.01 53.97
CA ASN A 490 13.67 6.35 53.31
C ASN A 490 14.21 5.07 52.69
N GLY A 491 13.88 3.94 53.32
CA GLY A 491 14.43 2.63 52.95
C GLY A 491 14.54 2.32 51.46
N LYS A 492 13.67 2.91 50.64
CA LYS A 492 13.66 2.59 49.21
C LYS A 492 14.82 3.21 48.38
N PHE A 493 15.58 4.13 48.98
CA PHE A 493 16.79 4.75 48.37
C PHE A 493 18.13 4.08 48.76
N LYS A 494 18.82 3.53 47.77
CA LYS A 494 20.11 2.89 47.98
C LYS A 494 21.11 3.42 46.92
N LEU A 495 22.37 3.65 47.29
CA LEU A 495 23.40 3.97 46.28
C LEU A 495 23.53 2.87 45.24
N PRO A 496 24.06 3.20 44.05
CA PRO A 496 24.29 2.25 42.96
C PRO A 496 25.30 1.24 43.37
N THR A 497 25.27 0.07 42.76
CA THR A 497 26.28 -0.93 43.10
C THR A 497 27.33 -0.94 41.98
N LYS A 498 28.42 -1.71 42.10
CA LYS A 498 29.46 -1.77 41.04
C LYS A 498 28.77 -1.77 39.67
N ASN A 499 29.22 -0.93 38.73
CA ASN A 499 28.66 -0.93 37.40
C ASN A 499 29.24 -2.05 36.57
N GLU A 500 28.53 -3.19 36.59
CA GLU A 500 28.86 -4.40 35.85
C GLU A 500 29.15 -4.25 34.36
N PHE A 501 28.69 -3.13 33.78
CA PHE A 501 28.81 -2.89 32.34
C PHE A 501 30.06 -2.22 31.85
N ILE A 502 30.88 -1.75 32.80
CA ILE A 502 32.18 -1.15 32.47
C ILE A 502 32.99 -2.12 31.62
N PRO A 503 33.51 -1.66 30.48
CA PRO A 503 34.31 -2.53 29.63
C PRO A 503 35.67 -2.88 30.22
N THR A 504 36.13 -4.09 29.99
CA THR A 504 37.45 -4.40 30.49
C THR A 504 38.30 -4.81 29.32
N ASN A 505 37.68 -5.27 28.25
CA ASN A 505 38.48 -5.77 27.15
C ASN A 505 38.47 -4.83 25.97
N PHE A 506 39.63 -4.29 25.61
CA PHE A 506 39.72 -3.35 24.49
C PHE A 506 40.63 -3.80 23.36
N GLU A 507 40.81 -5.08 23.18
CA GLU A 507 41.84 -5.43 22.26
C GLU A 507 41.23 -5.43 20.90
N ILE A 508 41.86 -4.72 19.97
CA ILE A 508 41.44 -4.57 18.58
C ILE A 508 41.70 -5.89 17.84
N LEU A 509 40.67 -6.52 17.29
CA LEU A 509 40.86 -7.80 16.59
C LEU A 509 41.65 -7.57 15.31
N PRO A 510 42.53 -8.53 14.92
CA PRO A 510 43.34 -8.26 13.72
C PRO A 510 42.47 -8.25 12.46
N LEU A 511 42.91 -7.46 11.48
CA LEU A 511 42.20 -7.28 10.24
C LEU A 511 42.25 -8.60 9.49
N GLU A 512 41.09 -9.12 9.09
CA GLU A 512 40.98 -10.47 8.57
C GLU A 512 41.55 -10.64 7.16
N LYS A 513 41.91 -11.88 6.83
CA LYS A 513 42.37 -12.23 5.47
C LYS A 513 41.39 -11.75 4.36
N GLU A 514 40.07 -12.05 4.47
CA GLU A 514 39.06 -11.68 3.41
C GLU A 514 38.24 -10.36 3.68
N ALA A 515 38.83 -9.42 4.45
CA ALA A 515 38.20 -8.12 4.77
C ALA A 515 38.14 -7.19 3.55
N THR A 516 37.10 -6.37 3.47
CA THR A 516 36.86 -5.53 2.27
C THR A 516 36.60 -4.05 2.62
N PRO A 517 36.89 -3.11 1.70
CA PRO A 517 36.79 -1.67 1.98
C PRO A 517 35.36 -1.15 2.22
N TYR A 518 34.34 -1.85 1.69
CA TYR A 518 32.90 -1.54 1.88
C TYR A 518 32.12 -2.71 2.47
N PRO A 519 30.98 -2.43 3.14
CA PRO A 519 30.21 -3.49 3.79
C PRO A 519 29.86 -4.57 2.79
N ALA A 520 30.03 -5.81 3.19
CA ALA A 520 29.81 -6.95 2.33
C ALA A 520 28.52 -7.61 2.72
N LEU A 521 27.82 -8.16 1.73
CA LEU A 521 26.56 -8.85 2.01
C LEU A 521 26.84 -10.29 2.43
N ILE A 522 26.98 -10.52 3.72
CA ILE A 522 27.50 -11.80 4.18
C ILE A 522 26.41 -12.75 4.67
N LYS A 523 25.15 -12.42 4.37
CA LYS A 523 24.03 -13.30 4.68
C LYS A 523 22.82 -12.75 3.97
N ASP A 524 22.04 -13.62 3.30
CA ASP A 524 20.83 -13.17 2.55
C ASP A 524 19.69 -14.17 2.57
N THR A 525 19.25 -14.59 3.75
CA THR A 525 18.15 -15.52 3.83
C THR A 525 16.79 -14.81 3.61
N ALA A 526 15.69 -15.54 3.82
CA ALA A 526 14.36 -14.97 3.76
C ALA A 526 14.14 -14.09 4.99
N MET A 527 14.70 -14.51 6.13
CA MET A 527 14.55 -13.77 7.39
C MET A 527 15.40 -12.49 7.49
N SER A 528 16.56 -12.46 6.83
CA SER A 528 17.60 -11.47 7.16
C SER A 528 18.64 -11.21 6.08
N LYS A 529 19.03 -9.96 5.96
CA LYS A 529 20.02 -9.54 5.01
C LYS A 529 21.09 -8.89 5.88
N LEU A 530 22.30 -9.45 5.94
CA LEU A 530 23.34 -8.95 6.83
C LEU A 530 24.47 -8.21 6.12
N TRP A 531 24.61 -6.93 6.40
CA TRP A 531 25.73 -6.18 5.83
C TRP A 531 26.82 -6.04 6.86
N PHE A 532 28.06 -6.28 6.46
CA PHE A 532 29.10 -6.29 7.46
C PHE A 532 30.36 -5.78 6.94
N LYS A 533 31.05 -5.04 7.79
CA LYS A 533 32.39 -4.61 7.49
C LYS A 533 33.20 -4.47 8.75
N GLN A 534 34.31 -5.16 8.81
CA GLN A 534 35.24 -4.98 9.92
C GLN A 534 35.95 -3.63 9.74
N ASP A 535 36.14 -2.90 10.85
CA ASP A 535 36.73 -1.59 10.81
C ASP A 535 38.21 -1.65 10.37
N ASP A 536 38.52 -1.03 9.24
CA ASP A 536 39.87 -0.97 8.68
C ASP A 536 40.43 0.44 8.79
N LYS A 537 39.87 1.26 9.68
CA LYS A 537 40.18 2.69 9.72
C LYS A 537 40.49 3.24 11.10
N PHE A 538 39.65 3.01 12.10
CA PHE A 538 39.68 3.81 13.33
C PHE A 538 40.34 3.16 14.52
N PHE A 539 40.35 1.83 14.52
CA PHE A 539 41.01 1.00 15.54
C PHE A 539 40.66 1.25 17.05
N LEU A 540 39.39 1.54 17.33
CA LEU A 540 38.92 1.67 18.70
C LEU A 540 38.05 0.48 19.07
N PRO A 541 38.02 0.08 20.35
CA PRO A 541 37.28 -1.11 20.64
C PRO A 541 35.78 -0.85 20.74
N LYS A 542 35.25 -0.15 19.74
CA LYS A 542 33.79 0.05 19.65
C LYS A 542 33.22 -0.63 18.40
N ALA A 543 31.94 -0.92 18.42
CA ALA A 543 31.28 -1.29 17.17
C ALA A 543 29.88 -0.67 17.07
N ASN A 544 29.36 -0.65 15.84
CA ASN A 544 28.01 -0.20 15.56
C ASN A 544 27.15 -1.28 14.96
N LEU A 545 26.01 -1.53 15.62
CA LEU A 545 25.09 -2.61 15.26
C LEU A 545 23.74 -2.04 14.90
N ASN A 546 23.48 -1.94 13.61
CA ASN A 546 22.24 -1.38 13.11
C ASN A 546 21.31 -2.45 12.59
N PHE A 547 20.04 -2.40 13.02
CA PHE A 547 18.99 -3.30 12.50
C PHE A 547 17.73 -2.59 12.07
N GLU A 548 17.27 -2.83 10.86
CA GLU A 548 15.96 -2.36 10.41
C GLU A 548 15.07 -3.59 10.46
N PHE A 549 13.99 -3.53 11.23
CA PHE A 549 13.00 -4.59 11.28
C PHE A 549 11.77 -4.26 10.45
N PHE A 550 11.56 -4.93 9.32
CA PHE A 550 10.39 -4.66 8.49
C PHE A 550 9.16 -5.44 8.93
N SER A 551 8.10 -4.73 9.28
CA SER A 551 6.77 -5.32 9.38
C SER A 551 5.78 -4.34 8.81
N PRO A 552 4.83 -4.85 8.03
CA PRO A 552 3.84 -3.98 7.39
C PRO A 552 2.77 -3.47 8.37
N PHE A 553 2.56 -4.19 9.47
CA PHE A 553 1.64 -3.78 10.50
C PHE A 553 2.04 -2.53 11.26
N ALA A 554 3.27 -2.05 11.13
CA ALA A 554 3.69 -0.94 11.97
C ALA A 554 3.13 0.37 11.43
N TYR A 555 2.64 0.30 10.21
CA TYR A 555 2.06 1.48 9.61
C TYR A 555 0.78 1.18 8.86
N VAL A 556 0.31 -0.05 8.94
CA VAL A 556 -0.85 -0.44 8.14
C VAL A 556 -1.95 0.60 8.25
N ASP A 557 -2.16 1.21 9.42
CA ASP A 557 -3.16 2.26 9.61
C ASP A 557 -2.77 3.29 10.73
N PRO A 558 -3.60 4.32 11.02
CA PRO A 558 -3.12 5.20 12.10
C PRO A 558 -3.08 4.51 13.44
N LEU A 559 -4.13 3.81 13.81
CA LEU A 559 -4.11 3.13 15.11
C LEU A 559 -2.87 2.22 15.33
N HIS A 560 -2.52 1.46 14.30
CA HIS A 560 -1.42 0.53 14.36
C HIS A 560 -0.14 1.27 14.54
N SER A 561 -0.10 2.45 13.97
CA SER A 561 1.07 3.26 14.04
C SER A 561 1.28 3.70 15.47
N ASN A 562 0.21 4.18 16.09
CA ASN A 562 0.23 4.50 17.50
C ASN A 562 0.66 3.35 18.38
N MET A 563 0.38 2.13 17.99
CA MET A 563 0.70 1.03 18.88
C MET A 563 2.17 0.66 18.77
N ALA A 564 2.62 0.59 17.52
CA ALA A 564 4.02 0.44 17.16
C ALA A 564 4.85 1.43 17.98
N TYR A 565 4.30 2.62 18.19
CA TYR A 565 5.02 3.66 18.88
C TYR A 565 5.00 3.36 20.34
N LEU A 566 3.80 3.24 20.89
CA LEU A 566 3.60 3.03 22.31
C LEU A 566 4.32 1.80 22.78
N TYR A 567 4.21 0.74 21.99
CA TYR A 567 4.92 -0.49 22.27
C TYR A 567 6.36 -0.16 22.52
N LEU A 568 6.97 0.50 21.54
CA LEU A 568 8.36 0.87 21.66
C LEU A 568 8.66 1.78 22.84
N GLU A 569 7.88 2.81 23.09
CA GLU A 569 8.15 3.59 24.29
C GLU A 569 8.11 2.75 25.58
N LEU A 570 7.06 1.95 25.73
CA LEU A 570 6.87 1.10 26.93
C LEU A 570 8.04 0.22 27.19
N LEU A 571 8.60 -0.30 26.10
CA LEU A 571 9.72 -1.17 26.17
C LEU A 571 10.94 -0.42 26.68
N LYS A 572 11.21 0.74 26.08
CA LYS A 572 12.31 1.59 26.48
C LYS A 572 12.15 1.96 27.95
N ASP A 573 10.95 2.38 28.31
CA ASP A 573 10.69 2.67 29.70
C ASP A 573 11.03 1.54 30.64
N SER A 574 10.75 0.30 30.25
CA SER A 574 10.98 -0.85 31.11
C SER A 574 12.48 -1.04 31.35
N LEU A 575 13.22 -1.15 30.25
CA LEU A 575 14.65 -1.37 30.26
C LEU A 575 15.49 -0.24 30.82
N ASN A 576 14.89 0.92 31.07
CA ASN A 576 15.63 2.12 31.39
C ASN A 576 16.58 1.86 32.53
N GLU A 577 16.03 1.39 33.66
CA GLU A 577 16.86 1.11 34.84
C GLU A 577 18.04 0.26 34.51
N TYR A 578 17.78 -0.77 33.74
CA TYR A 578 18.82 -1.70 33.43
C TYR A 578 19.84 -1.13 32.48
N ALA A 579 19.40 -0.39 31.47
CA ALA A 579 20.30 0.04 30.40
C ALA A 579 21.15 1.22 30.78
N TYR A 580 20.67 2.00 31.75
CA TYR A 580 21.32 3.23 32.17
C TYR A 580 22.71 2.91 32.69
N ALA A 581 22.81 1.89 33.54
CA ALA A 581 24.13 1.33 33.85
C ALA A 581 24.97 1.27 32.58
N ALA A 582 24.48 0.70 31.49
CA ALA A 582 25.31 0.60 30.26
C ALA A 582 25.61 1.92 29.59
N GLU A 583 24.66 2.84 29.60
CA GLU A 583 24.83 4.18 29.02
C GLU A 583 26.09 4.87 29.55
N LEU A 584 26.16 4.92 30.88
CA LEU A 584 27.36 5.35 31.59
C LEU A 584 28.61 4.58 31.24
N ALA A 585 28.54 3.28 30.95
CA ALA A 585 29.72 2.55 30.48
C ALA A 585 29.97 2.78 28.96
N GLY A 586 29.35 3.82 28.42
CA GLY A 586 29.55 4.15 27.03
C GLY A 586 29.04 3.08 26.07
N LEU A 587 27.92 2.50 26.43
CA LEU A 587 27.30 1.49 25.61
C LEU A 587 25.82 1.88 25.57
N SER A 588 25.32 2.18 24.39
CA SER A 588 23.99 2.76 24.34
C SER A 588 23.14 2.26 23.20
N TYR A 589 21.83 2.45 23.32
CA TYR A 589 20.95 1.96 22.31
C TYR A 589 19.88 2.94 21.95
N ASP A 590 19.49 2.84 20.69
CA ASP A 590 18.46 3.63 20.14
C ASP A 590 17.40 2.72 19.55
N LEU A 591 16.14 3.04 19.81
CA LEU A 591 15.05 2.15 19.46
C LEU A 591 13.78 2.97 19.27
N GLN A 592 13.42 3.21 18.02
CA GLN A 592 12.16 3.86 17.66
C GLN A 592 11.53 3.21 16.41
N ASN A 593 10.28 3.54 16.14
CA ASN A 593 9.51 2.90 15.08
C ASN A 593 9.51 3.74 13.82
N THR A 594 9.57 3.09 12.67
CA THR A 594 9.60 3.80 11.41
C THR A 594 8.28 3.54 10.74
N ILE A 595 8.09 4.14 9.58
CA ILE A 595 6.90 3.87 8.79
C ILE A 595 7.01 2.47 8.20
N TYR A 596 8.18 1.86 8.35
CA TYR A 596 8.44 0.59 7.72
C TYR A 596 8.37 -0.56 8.68
N GLY A 597 8.27 -0.27 9.96
CA GLY A 597 8.49 -1.27 11.03
C GLY A 597 9.20 -0.64 12.21
N MET A 598 10.27 -1.27 12.69
CA MET A 598 11.12 -0.70 13.77
C MET A 598 12.60 -0.60 13.41
N TYR A 599 13.30 0.21 14.20
CA TYR A 599 14.71 0.46 14.03
C TYR A 599 15.43 0.30 15.36
N LEU A 600 16.60 -0.28 15.33
CA LEU A 600 17.31 -0.49 16.56
C LEU A 600 18.77 -0.34 16.30
N SER A 601 19.40 0.56 17.08
CA SER A 601 20.86 0.75 17.01
C SER A 601 21.53 0.38 18.29
N VAL A 602 22.71 -0.20 18.21
CA VAL A 602 23.46 -0.39 19.43
C VAL A 602 24.86 0.12 19.11
N LYS A 603 25.34 1.09 19.89
CA LYS A 603 26.56 1.82 19.58
C LYS A 603 27.49 1.76 20.80
N GLY A 604 28.80 1.77 20.63
CA GLY A 604 29.66 1.88 21.83
C GLY A 604 30.72 0.81 21.99
N TYR A 605 31.36 0.73 23.17
CA TYR A 605 32.43 -0.26 23.45
C TYR A 605 31.84 -1.61 23.24
N ASN A 606 32.41 -2.30 22.25
CA ASN A 606 31.89 -3.55 21.78
C ASN A 606 31.95 -4.64 22.84
N ASP A 607 32.85 -4.45 23.83
CA ASP A 607 33.03 -5.42 24.92
C ASP A 607 31.75 -6.05 25.48
N LYS A 608 30.84 -5.28 26.05
CA LYS A 608 29.69 -5.97 26.64
C LYS A 608 28.46 -5.81 25.79
N GLN A 609 28.66 -5.75 24.48
CA GLN A 609 27.62 -5.32 23.58
C GLN A 609 26.66 -6.43 23.23
N PRO A 610 27.14 -7.69 23.00
CA PRO A 610 26.16 -8.75 22.77
C PRO A 610 25.22 -8.91 23.94
N ILE A 611 25.66 -8.53 25.14
CA ILE A 611 24.80 -8.66 26.32
C ILE A 611 23.59 -7.76 26.26
N LEU A 612 23.81 -6.50 25.94
CA LEU A 612 22.72 -5.53 25.91
C LEU A 612 21.75 -5.89 24.79
N LEU A 613 22.31 -6.18 23.62
CA LEU A 613 21.50 -6.63 22.48
C LEU A 613 20.56 -7.77 22.86
N LYS A 614 21.10 -8.85 23.42
CA LYS A 614 20.29 -9.96 23.88
C LYS A 614 19.23 -9.45 24.85
N LYS A 615 19.58 -8.62 25.81
CA LYS A 615 18.55 -8.25 26.76
C LYS A 615 17.46 -7.47 26.08
N ILE A 616 17.79 -6.69 25.05
CA ILE A 616 16.74 -5.92 24.34
C ILE A 616 15.75 -6.83 23.58
N ILE A 617 16.28 -7.66 22.67
CA ILE A 617 15.49 -8.58 21.83
C ILE A 617 14.64 -9.53 22.68
N GLU A 618 15.25 -10.16 23.67
CA GLU A 618 14.52 -10.87 24.69
C GLU A 618 13.37 -10.03 25.27
N LYS A 619 13.64 -8.84 25.79
CA LYS A 619 12.60 -8.04 26.41
C LYS A 619 11.52 -7.72 25.38
N MET A 620 11.96 -7.26 24.22
CA MET A 620 11.09 -6.97 23.11
C MET A 620 10.14 -8.09 22.76
N ALA A 621 10.61 -9.33 22.82
CA ALA A 621 9.83 -10.49 22.34
C ALA A 621 9.07 -11.25 23.39
N THR A 622 9.19 -10.85 24.65
CA THR A 622 8.46 -11.47 25.74
C THR A 622 8.01 -10.34 26.61
N PHE A 623 7.48 -9.30 25.99
CA PHE A 623 7.20 -8.10 26.75
C PHE A 623 5.95 -8.25 27.61
N GLU A 624 6.01 -7.79 28.84
CA GLU A 624 4.82 -7.70 29.66
C GLU A 624 4.59 -6.27 30.05
N ILE A 625 3.35 -5.83 29.88
CA ILE A 625 3.02 -4.43 29.97
C ILE A 625 2.39 -4.10 31.29
N ASP A 626 2.97 -3.12 31.97
CA ASP A 626 2.46 -2.68 33.26
C ASP A 626 1.37 -1.63 33.03
N GLU A 627 0.13 -1.93 33.41
CA GLU A 627 -0.99 -1.03 33.09
C GLU A 627 -0.72 0.42 33.40
N LYS A 628 -0.25 0.72 34.61
CA LYS A 628 0.01 2.12 35.02
C LYS A 628 1.05 2.82 34.12
N ARG A 629 2.04 2.07 33.62
CA ARG A 629 3.04 2.62 32.69
C ARG A 629 2.36 2.98 31.39
N PHE A 630 1.48 2.08 30.94
CA PHE A 630 0.66 2.26 29.74
C PHE A 630 -0.17 3.54 29.80
N GLU A 631 -0.85 3.68 30.94
CA GLU A 631 -1.72 4.79 31.16
C GLU A 631 -0.95 6.08 30.97
N ILE A 632 0.21 6.19 31.63
CA ILE A 632 1.00 7.43 31.69
C ILE A 632 1.64 7.80 30.35
N ILE A 633 2.28 6.80 29.74
CA ILE A 633 2.94 6.99 28.48
C ILE A 633 1.92 7.37 27.41
N LYS A 634 0.72 6.82 27.45
CA LYS A 634 -0.35 7.21 26.52
C LYS A 634 -0.74 8.70 26.67
N GLU A 635 -0.95 9.15 27.90
CA GLU A 635 -1.26 10.54 28.17
C GLU A 635 -0.12 11.40 27.67
N ALA A 636 1.13 10.95 27.89
CA ALA A 636 2.28 11.71 27.45
C ALA A 636 2.24 11.88 25.94
N TYR A 637 1.94 10.81 25.22
CA TYR A 637 1.87 10.78 23.74
C TYR A 637 0.77 11.63 23.20
N MET A 638 -0.38 11.64 23.89
CA MET A 638 -1.48 12.53 23.55
C MET A 638 -0.99 13.99 23.54
N ARG A 639 -0.46 14.46 24.67
CA ARG A 639 0.07 15.83 24.76
C ARG A 639 1.05 16.08 23.63
N SER A 640 1.93 15.11 23.45
CA SER A 640 2.97 15.17 22.47
C SER A 640 2.47 15.49 21.05
N LEU A 641 1.47 14.75 20.59
CA LEU A 641 0.78 15.02 19.33
C LEU A 641 0.13 16.44 19.29
N ASN A 642 -0.59 16.77 20.35
CA ASN A 642 -1.16 18.11 20.46
C ASN A 642 -0.10 19.13 20.28
N ASN A 643 1.02 18.98 20.99
CA ASN A 643 2.08 19.96 20.99
C ASN A 643 2.72 20.20 19.66
N PHE A 644 2.41 19.41 18.65
CA PHE A 644 2.89 19.77 17.33
C PHE A 644 2.38 21.12 16.90
N ARG A 645 1.15 21.46 17.25
CA ARG A 645 0.63 22.79 16.92
C ARG A 645 1.45 23.98 17.52
N ALA A 646 2.49 23.68 18.30
CA ALA A 646 3.30 24.73 18.86
C ALA A 646 4.69 24.83 18.24
N GLU A 647 5.01 23.91 17.33
CA GLU A 647 6.30 23.94 16.65
C GLU A 647 6.40 25.09 15.65
N GLN A 648 7.62 25.58 15.50
CA GLN A 648 8.00 26.62 14.55
C GLN A 648 7.35 26.49 13.16
N PRO A 649 6.89 27.63 12.57
CA PRO A 649 6.23 27.65 11.25
C PRO A 649 6.99 26.91 10.15
N HIS A 650 8.31 26.96 10.15
CA HIS A 650 9.06 26.25 9.12
C HIS A 650 8.96 24.71 9.28
N GLN A 651 9.00 24.19 10.51
CA GLN A 651 8.79 22.74 10.70
C GLN A 651 7.40 22.31 10.26
N HIS A 652 6.42 23.20 10.46
CA HIS A 652 5.08 22.91 10.03
C HIS A 652 5.10 22.76 8.54
N ALA A 653 5.73 23.72 7.86
CA ALA A 653 5.70 23.69 6.43
C ALA A 653 6.40 22.44 5.96
N MET A 654 7.55 22.12 6.56
CA MET A 654 8.31 20.93 6.18
C MET A 654 7.49 19.70 6.37
N TYR A 655 6.70 19.66 7.44
CA TYR A 655 5.92 18.48 7.72
C TYR A 655 4.84 18.31 6.64
N TYR A 656 3.97 19.28 6.49
CA TYR A 656 2.99 19.22 5.43
C TYR A 656 3.55 18.77 4.07
N LEU A 657 4.72 19.24 3.69
CA LEU A 657 5.27 18.79 2.42
C LEU A 657 5.47 17.24 2.42
N ARG A 658 6.18 16.72 3.43
CA ARG A 658 6.34 15.26 3.59
C ARG A 658 4.99 14.53 3.52
N LEU A 659 3.97 15.09 4.17
CA LEU A 659 2.61 14.59 4.07
C LEU A 659 2.04 14.64 2.65
N LEU A 660 2.34 15.72 1.92
CA LEU A 660 1.90 15.82 0.53
C LEU A 660 2.61 14.93 -0.49
N MET A 661 3.87 14.57 -0.27
CA MET A 661 4.63 13.91 -1.33
C MET A 661 4.90 12.44 -1.09
N THR A 662 4.28 11.87 -0.05
CA THR A 662 4.51 10.45 0.24
C THR A 662 3.21 9.72 -0.01
N GLU A 663 3.33 8.68 -0.81
CA GLU A 663 2.28 7.71 -1.05
C GLU A 663 1.43 7.54 0.19
N VAL A 664 1.99 6.99 1.28
CA VAL A 664 1.23 6.88 2.54
C VAL A 664 1.85 7.72 3.66
N ALA A 665 1.00 8.29 4.53
CA ALA A 665 1.48 9.03 5.70
C ALA A 665 0.29 9.46 6.52
N TRP A 666 0.34 9.22 7.81
CA TRP A 666 -0.79 9.49 8.67
C TRP A 666 -0.56 10.82 9.34
N THR A 667 -1.53 11.75 9.27
CA THR A 667 -1.40 13.10 9.87
C THR A 667 -1.45 13.02 11.40
N LYS A 668 -0.98 14.06 12.09
CA LYS A 668 -1.13 14.14 13.56
C LYS A 668 -2.57 14.03 14.01
N ASP A 669 -3.53 14.64 13.31
CA ASP A 669 -4.92 14.58 13.79
C ASP A 669 -5.47 13.17 13.64
N GLU A 670 -4.97 12.46 12.64
CA GLU A 670 -5.42 11.10 12.41
C GLU A 670 -4.95 10.22 13.52
N LEU A 671 -3.70 10.44 13.94
CA LEU A 671 -3.10 9.69 15.01
C LEU A 671 -3.76 9.96 16.34
N LYS A 672 -4.05 11.22 16.63
CA LYS A 672 -4.58 11.56 17.96
C LYS A 672 -6.04 11.17 18.15
N GLU A 673 -6.79 11.18 17.05
CA GLU A 673 -8.19 10.75 17.05
C GLU A 673 -8.28 9.22 17.14
N ALA A 674 -7.39 8.53 16.44
CA ALA A 674 -7.29 7.07 16.53
C ALA A 674 -6.64 6.59 17.83
N LEU A 675 -6.24 7.50 18.70
CA LEU A 675 -5.51 7.13 19.88
C LEU A 675 -6.40 6.91 21.11
N ASP A 676 -7.56 7.55 21.18
CA ASP A 676 -8.47 7.22 22.27
C ASP A 676 -8.91 5.73 22.10
N ASP A 677 -8.71 5.16 20.91
CA ASP A 677 -9.12 3.77 20.60
C ASP A 677 -8.14 2.63 20.97
N VAL A 678 -7.08 2.94 21.74
CA VAL A 678 -5.98 2.02 22.02
C VAL A 678 -6.07 1.54 23.47
N THR A 679 -6.81 0.45 23.70
CA THR A 679 -6.98 -0.13 25.06
C THR A 679 -5.77 -0.96 25.45
N LEU A 680 -5.61 -1.26 26.74
CA LEU A 680 -4.54 -2.16 27.16
C LEU A 680 -4.62 -3.54 26.46
N PRO A 681 -5.82 -4.19 26.45
CA PRO A 681 -5.96 -5.47 25.73
C PRO A 681 -5.58 -5.42 24.27
N ARG A 682 -5.90 -4.31 23.60
CA ARG A 682 -5.68 -4.22 22.18
C ARG A 682 -4.22 -4.14 21.74
N LEU A 683 -3.40 -3.49 22.56
CA LEU A 683 -1.94 -3.42 22.38
C LEU A 683 -1.30 -4.77 22.65
N LYS A 684 -1.63 -5.35 23.81
CA LYS A 684 -1.31 -6.74 24.08
C LYS A 684 -1.53 -7.73 22.91
N ALA A 685 -2.59 -7.57 22.10
CA ALA A 685 -2.71 -8.34 20.83
C ALA A 685 -1.69 -7.92 19.79
N PHE A 686 -1.64 -6.62 19.53
CA PHE A 686 -0.80 -6.04 18.49
C PHE A 686 0.67 -6.52 18.48
N ILE A 687 1.29 -6.54 19.67
CA ILE A 687 2.73 -6.89 19.83
C ILE A 687 3.05 -8.28 19.25
N PRO A 688 2.40 -9.34 19.81
CA PRO A 688 2.63 -10.69 19.31
C PRO A 688 2.36 -10.78 17.84
N GLN A 689 1.50 -9.89 17.38
CA GLN A 689 1.06 -9.83 15.99
C GLN A 689 2.15 -9.26 15.06
N LEU A 690 2.72 -8.11 15.45
CA LEU A 690 3.74 -7.39 14.67
C LEU A 690 5.04 -8.14 14.57
N LEU A 691 5.39 -8.80 15.66
CA LEU A 691 6.57 -9.65 15.75
C LEU A 691 6.48 -10.95 14.97
N SER A 692 5.27 -11.37 14.61
CA SER A 692 5.03 -12.67 13.98
C SER A 692 5.66 -12.89 12.58
N ARG A 693 5.57 -11.91 11.68
CA ARG A 693 6.40 -11.95 10.45
C ARG A 693 7.25 -10.67 10.34
N LEU A 694 8.58 -10.81 10.20
CA LEU A 694 9.47 -9.69 9.92
C LEU A 694 10.49 -10.09 8.93
N HIS A 695 11.13 -9.10 8.33
CA HIS A 695 12.40 -9.31 7.64
C HIS A 695 13.38 -8.34 8.33
N ILE A 696 14.69 -8.61 8.29
CA ILE A 696 15.64 -7.77 9.03
C ILE A 696 16.84 -7.51 8.17
N GLU A 697 17.18 -6.24 8.02
CA GLU A 697 18.39 -5.84 7.35
C GLU A 697 19.22 -5.23 8.43
N ALA A 698 20.51 -5.51 8.42
CA ALA A 698 21.36 -5.04 9.47
C ALA A 698 22.67 -4.69 8.84
N LEU A 699 23.31 -3.66 9.39
CA LEU A 699 24.70 -3.39 9.11
C LEU A 699 25.44 -3.61 10.42
N LEU A 700 26.40 -4.52 10.44
CA LEU A 700 27.27 -4.64 11.59
C LEU A 700 28.67 -4.16 11.22
N HIS A 701 29.15 -3.15 11.97
CA HIS A 701 30.29 -2.33 11.56
C HIS A 701 31.20 -1.98 12.72
N GLY A 702 32.48 -2.35 12.66
CA GLY A 702 33.41 -1.95 13.75
C GLY A 702 34.52 -2.91 14.19
N ASN A 703 34.81 -2.96 15.49
CA ASN A 703 35.72 -3.97 16.00
C ASN A 703 35.04 -5.32 16.22
N ILE A 704 34.69 -5.99 15.13
CA ILE A 704 34.21 -7.37 15.18
C ILE A 704 34.50 -8.12 13.91
N THR A 705 34.48 -9.44 14.05
CA THR A 705 34.84 -10.36 12.97
C THR A 705 33.60 -10.93 12.29
N LYS A 706 33.78 -11.38 11.06
CA LYS A 706 32.69 -11.93 10.27
C LYS A 706 31.92 -13.00 11.06
N GLN A 707 32.63 -13.88 11.72
CA GLN A 707 31.95 -14.87 12.48
C GLN A 707 31.28 -14.28 13.70
N ALA A 708 31.89 -13.27 14.35
CA ALA A 708 31.26 -12.64 15.53
C ALA A 708 29.92 -12.04 15.11
N ALA A 709 29.97 -11.39 13.93
CA ALA A 709 28.84 -10.75 13.25
C ALA A 709 27.67 -11.69 12.91
N LEU A 710 27.98 -12.79 12.22
CA LEU A 710 26.96 -13.78 11.88
C LEU A 710 26.29 -14.28 13.17
N GLY A 711 27.11 -14.50 14.19
CA GLY A 711 26.62 -14.98 15.45
C GLY A 711 25.60 -14.04 16.05
N ILE A 712 25.97 -12.75 16.09
CA ILE A 712 25.09 -11.70 16.60
C ILE A 712 23.77 -11.60 15.82
N MET A 713 23.88 -11.66 14.49
CA MET A 713 22.71 -11.62 13.64
C MET A 713 21.84 -12.81 13.89
N GLN A 714 22.45 -14.00 13.90
CA GLN A 714 21.69 -15.20 14.15
C GLN A 714 21.10 -15.20 15.53
N MET A 715 21.82 -14.66 16.48
CA MET A 715 21.32 -14.66 17.86
C MET A 715 20.07 -13.83 17.98
N VAL A 716 20.00 -12.77 17.20
CA VAL A 716 18.84 -11.92 17.23
C VAL A 716 17.66 -12.70 16.70
N GLU A 717 17.80 -13.23 15.48
CA GLU A 717 16.78 -14.04 14.83
C GLU A 717 16.28 -15.14 15.73
N ASP A 718 17.19 -16.00 16.20
CA ASP A 718 16.88 -17.09 17.12
C ASP A 718 16.02 -16.62 18.32
N THR A 719 16.35 -15.49 18.91
CA THR A 719 15.58 -15.05 20.06
C THR A 719 14.15 -14.73 19.70
N LEU A 720 13.92 -14.14 18.53
CA LEU A 720 12.58 -13.86 18.04
C LEU A 720 11.88 -15.16 17.68
N ILE A 721 12.56 -16.02 16.91
CA ILE A 721 12.03 -17.35 16.57
C ILE A 721 11.59 -18.09 17.85
N GLU A 722 12.50 -18.35 18.78
CA GLU A 722 12.09 -18.99 20.05
C GLU A 722 10.88 -18.28 20.66
N HIS A 723 11.10 -17.08 21.18
CA HIS A 723 10.10 -16.42 22.01
C HIS A 723 8.90 -15.74 21.32
N ALA A 724 8.93 -15.47 20.01
CA ALA A 724 7.77 -14.82 19.37
C ALA A 724 7.24 -15.56 18.13
N HIS A 725 7.81 -16.73 17.87
CA HIS A 725 7.46 -17.60 16.74
C HIS A 725 7.61 -16.94 15.38
N THR A 726 8.35 -15.86 15.31
CA THR A 726 8.62 -15.13 14.06
C THR A 726 9.00 -15.98 12.86
N LYS A 727 8.37 -15.70 11.72
CA LYS A 727 8.80 -16.21 10.41
C LYS A 727 8.98 -15.14 9.32
N PRO A 728 9.52 -15.54 8.15
CA PRO A 728 9.96 -14.58 7.13
C PRO A 728 8.81 -13.85 6.44
N LEU A 729 9.05 -12.64 5.95
CA LEU A 729 8.06 -12.02 5.10
C LEU A 729 8.29 -12.47 3.68
N LEU A 730 7.24 -12.43 2.85
CA LEU A 730 7.42 -12.67 1.41
C LEU A 730 8.13 -11.44 0.79
N PRO A 731 9.05 -11.64 -0.19
CA PRO A 731 9.83 -10.51 -0.71
C PRO A 731 8.92 -9.41 -1.25
N SER A 732 7.79 -9.84 -1.76
CA SER A 732 6.85 -8.92 -2.35
C SER A 732 6.11 -8.10 -1.30
N GLN A 733 6.28 -8.41 0.00
CA GLN A 733 5.59 -7.64 1.06
C GLN A 733 6.47 -6.51 1.49
N LEU A 734 7.69 -6.51 0.94
CA LEU A 734 8.69 -5.48 1.25
C LEU A 734 8.38 -4.21 0.42
N VAL A 735 7.13 -3.74 0.48
CA VAL A 735 6.79 -2.44 -0.13
C VAL A 735 7.69 -1.35 0.50
N ARG A 736 8.48 -0.65 -0.34
CA ARG A 736 9.01 0.68 0.03
C ARG A 736 8.00 1.74 -0.55
N TYR A 737 7.91 2.97 -0.02
CA TYR A 737 6.88 3.94 -0.49
C TYR A 737 7.35 4.91 -1.58
N ARG A 738 6.44 5.37 -2.42
CA ARG A 738 6.78 6.11 -3.65
C ARG A 738 6.57 7.59 -3.43
N GLU A 739 7.22 8.46 -4.21
CA GLU A 739 6.85 9.89 -4.12
C GLU A 739 5.79 10.26 -5.16
N VAL A 740 4.86 11.15 -4.82
CA VAL A 740 3.94 11.73 -5.82
C VAL A 740 4.70 12.37 -7.01
N GLN A 741 4.18 12.22 -8.24
CA GLN A 741 4.82 12.79 -9.42
C GLN A 741 4.06 13.99 -9.97
N LEU A 742 4.63 15.18 -9.84
CA LEU A 742 3.91 16.40 -10.21
C LEU A 742 4.00 16.60 -11.72
N PRO A 743 2.90 17.09 -12.37
CA PRO A 743 2.82 17.34 -13.82
C PRO A 743 3.85 18.34 -14.32
N ASP A 744 4.17 18.29 -15.61
CA ASP A 744 4.94 19.38 -16.23
C ASP A 744 4.23 20.73 -16.26
N ARG A 745 4.97 21.79 -15.94
CA ARG A 745 4.49 23.17 -15.71
C ARG A 745 3.35 23.32 -14.74
N GLY A 746 3.25 22.45 -13.76
CA GLY A 746 2.19 22.61 -12.78
C GLY A 746 2.73 23.29 -11.54
N TRP A 747 1.86 24.07 -10.89
CA TRP A 747 2.20 24.71 -9.62
C TRP A 747 1.08 24.63 -8.58
N PHE A 748 1.32 23.86 -7.51
CA PHE A 748 0.34 23.64 -6.45
C PHE A 748 0.73 24.35 -5.17
N VAL A 749 -0.27 24.86 -4.45
CA VAL A 749 -0.03 25.54 -3.17
C VAL A 749 -0.90 24.90 -2.12
N TYR A 750 -0.30 24.54 -0.99
CA TYR A 750 -1.09 24.13 0.15
C TYR A 750 -0.98 25.24 1.20
N GLN A 751 -2.08 25.52 1.88
CA GLN A 751 -2.08 26.62 2.83
C GLN A 751 -2.68 26.27 4.18
N GLN A 752 -1.90 26.51 5.23
CA GLN A 752 -2.36 26.36 6.60
C GLN A 752 -1.88 27.53 7.44
N ARG A 753 -2.48 27.69 8.62
CA ARG A 753 -2.09 28.73 9.60
C ARG A 753 -1.42 28.06 10.80
N ASN A 754 -0.46 28.74 11.40
CA ASN A 754 0.19 28.30 12.62
C ASN A 754 -0.46 29.08 13.74
N GLU A 755 -1.08 28.37 14.67
CA GLU A 755 -1.83 29.07 15.71
C GLU A 755 -1.04 29.70 16.87
N VAL A 756 0.19 29.29 17.07
CA VAL A 756 0.99 29.78 18.18
C VAL A 756 1.94 30.92 17.73
N HIS A 757 2.66 30.71 16.64
CA HIS A 757 3.76 31.59 16.25
C HIS A 757 3.36 32.77 15.39
N ASN A 758 3.91 33.92 15.71
CA ASN A 758 3.54 35.05 14.92
C ASN A 758 4.46 35.40 13.77
N ASN A 759 5.56 34.67 13.61
CA ASN A 759 6.20 34.52 12.28
C ASN A 759 5.30 33.62 11.35
N SER A 760 5.52 33.66 10.05
CA SER A 760 4.97 32.66 9.13
C SER A 760 6.11 31.84 8.47
N GLY A 761 5.77 30.82 7.69
CA GLY A 761 6.82 30.01 7.09
C GLY A 761 6.45 29.47 5.74
N ILE A 762 7.44 29.05 4.98
CA ILE A 762 7.18 28.60 3.65
C ILE A 762 8.24 27.61 3.23
N GLU A 763 7.82 26.54 2.55
CA GLU A 763 8.75 25.68 1.80
C GLU A 763 8.33 25.72 0.36
N ILE A 764 9.30 25.86 -0.54
CA ILE A 764 9.07 25.78 -1.96
C ILE A 764 9.84 24.59 -2.46
N TYR A 765 9.20 23.75 -3.26
CA TYR A 765 9.90 22.61 -3.79
C TYR A 765 9.79 22.50 -5.29
N TYR A 766 10.92 22.57 -5.97
CA TYR A 766 10.94 22.25 -7.39
C TYR A 766 11.34 20.78 -7.62
N GLN A 767 10.40 19.90 -7.90
CA GLN A 767 10.74 18.48 -8.05
C GLN A 767 11.51 18.25 -9.34
N THR A 768 12.61 17.50 -9.35
CA THR A 768 13.28 17.30 -10.62
C THR A 768 13.06 15.91 -11.26
N ASP A 769 13.82 14.89 -10.87
CA ASP A 769 13.59 13.55 -11.40
C ASP A 769 14.09 12.53 -10.41
N MET A 770 14.24 11.29 -10.82
CA MET A 770 14.73 10.26 -9.93
C MET A 770 16.15 10.55 -9.57
N GLN A 771 16.62 9.97 -8.47
CA GLN A 771 18.04 10.02 -8.21
C GLN A 771 18.78 9.16 -9.25
N SER A 772 19.86 9.72 -9.79
CA SER A 772 20.74 9.01 -10.70
C SER A 772 22.06 9.76 -10.76
N THR A 773 23.19 9.08 -10.93
CA THR A 773 24.47 9.78 -10.98
C THR A 773 24.38 11.12 -11.69
N SER A 774 23.76 11.17 -12.85
CA SER A 774 23.69 12.45 -13.55
C SER A 774 22.68 13.46 -12.92
N GLU A 775 21.46 13.04 -12.66
CA GLU A 775 20.50 13.99 -12.08
C GLU A 775 20.95 14.47 -10.70
N ASN A 776 21.59 13.58 -9.93
CA ASN A 776 22.16 13.88 -8.61
C ASN A 776 23.15 15.03 -8.61
N MET A 777 24.20 14.92 -9.42
CA MET A 777 25.16 16.00 -9.54
C MET A 777 24.60 17.29 -10.13
N PHE A 778 23.66 17.22 -11.07
CA PHE A 778 23.10 18.45 -11.62
C PHE A 778 22.54 19.30 -10.52
N LEU A 779 21.63 18.72 -9.75
CA LEU A 779 21.00 19.38 -8.62
C LEU A 779 22.05 19.82 -7.62
N GLU A 780 22.94 18.91 -7.22
CA GLU A 780 23.96 19.22 -6.23
C GLU A 780 24.84 20.42 -6.63
N LEU A 781 25.22 20.47 -7.90
CA LEU A 781 26.12 21.53 -8.31
C LEU A 781 25.38 22.81 -8.38
N PHE A 782 24.14 22.79 -8.86
CA PHE A 782 23.34 23.99 -8.86
C PHE A 782 23.09 24.47 -7.44
N ALA A 783 22.84 23.50 -6.56
CA ALA A 783 22.58 23.76 -5.15
C ALA A 783 23.76 24.52 -4.56
N GLN A 784 24.95 24.11 -4.97
CA GLN A 784 26.21 24.62 -4.43
C GLN A 784 26.45 26.06 -4.82
N ILE A 785 26.31 26.32 -6.12
CA ILE A 785 26.50 27.63 -6.75
C ILE A 785 25.52 28.63 -6.15
N ILE A 786 24.28 28.21 -5.90
CA ILE A 786 23.28 29.11 -5.32
C ILE A 786 23.21 29.11 -3.81
N SER A 787 23.95 28.21 -3.16
CA SER A 787 23.85 28.03 -1.71
C SER A 787 24.04 29.33 -0.97
N GLU A 788 25.24 29.86 -1.13
CA GLU A 788 25.66 31.08 -0.51
C GLU A 788 24.95 32.37 -1.05
N PRO A 789 24.84 32.55 -2.39
CA PRO A 789 23.97 33.66 -2.84
C PRO A 789 22.50 33.64 -2.32
N ALA A 790 21.87 32.47 -2.16
CA ALA A 790 20.50 32.40 -1.64
C ALA A 790 20.44 33.06 -0.29
N PHE A 791 21.28 32.55 0.62
CA PHE A 791 21.53 33.16 1.91
C PHE A 791 21.94 34.64 1.83
N ASN A 792 22.91 34.98 1.01
CA ASN A 792 23.31 36.38 1.01
C ASN A 792 22.22 37.35 0.48
N THR A 793 21.45 36.90 -0.52
CA THR A 793 20.34 37.66 -1.08
C THR A 793 19.12 37.70 -0.19
N LEU A 794 18.63 36.55 0.26
CA LEU A 794 17.36 36.53 0.98
C LEU A 794 17.46 36.95 2.44
N ARG A 795 18.61 36.77 3.07
CA ARG A 795 18.76 37.25 4.44
C ARG A 795 19.63 38.51 4.50
N THR A 796 20.92 38.41 4.20
CA THR A 796 21.81 39.56 4.38
C THR A 796 21.26 40.84 3.72
N LYS A 797 20.91 40.79 2.44
CA LYS A 797 20.32 41.98 1.75
C LYS A 797 18.84 42.13 2.01
N GLU A 798 17.99 41.25 1.48
CA GLU A 798 16.54 41.45 1.65
C GLU A 798 16.00 41.25 3.06
N GLN A 799 16.82 40.68 3.94
CA GLN A 799 16.48 40.41 5.34
C GLN A 799 15.06 39.88 5.51
N LEU A 800 14.78 38.76 4.86
CA LEU A 800 13.44 38.22 4.84
C LEU A 800 13.12 37.47 6.08
N GLY A 801 14.16 37.01 6.78
CA GLY A 801 14.00 36.26 8.01
C GLY A 801 15.34 35.79 8.52
N TYR A 802 15.37 35.26 9.74
CA TYR A 802 16.54 34.61 10.29
C TYR A 802 16.75 33.27 9.63
N ILE A 803 15.68 32.47 9.53
CA ILE A 803 15.75 31.17 8.90
C ILE A 803 15.61 31.25 7.37
N VAL A 804 16.71 30.98 6.67
CA VAL A 804 16.75 31.01 5.21
C VAL A 804 17.65 29.91 4.74
N PHE A 805 17.05 28.90 4.11
CA PHE A 805 17.71 27.64 3.75
C PHE A 805 17.43 27.29 2.29
N SER A 806 18.48 26.95 1.57
CA SER A 806 18.33 26.41 0.21
C SER A 806 18.97 25.01 0.26
N GLY A 807 19.17 24.36 -0.88
CA GLY A 807 19.79 23.03 -0.88
C GLY A 807 18.87 21.94 -1.41
N PRO A 808 19.45 20.75 -1.67
CA PRO A 808 18.72 19.61 -2.23
C PRO A 808 17.67 19.06 -1.27
N ARG A 809 16.62 18.46 -1.83
CA ARG A 809 15.67 17.64 -1.09
C ARG A 809 15.65 16.24 -1.67
N ARG A 810 15.59 15.22 -0.80
CA ARG A 810 15.63 13.83 -1.28
C ARG A 810 14.72 12.94 -0.46
N ALA A 811 13.83 12.23 -1.13
CA ALA A 811 12.82 11.40 -0.45
C ALA A 811 12.37 10.29 -1.37
N ASN A 812 12.18 9.09 -0.82
CA ASN A 812 11.58 8.00 -1.59
C ASN A 812 12.23 7.92 -2.99
N GLY A 813 13.54 8.11 -3.07
CA GLY A 813 14.24 8.00 -4.34
C GLY A 813 14.13 9.20 -5.27
N ILE A 814 13.28 10.16 -4.94
CA ILE A 814 13.13 11.31 -5.82
C ILE A 814 13.84 12.50 -5.24
N GLN A 815 14.07 13.53 -6.04
CA GLN A 815 14.82 14.70 -5.61
C GLN A 815 14.39 16.01 -6.26
N GLY A 816 14.78 17.12 -5.65
CA GLY A 816 14.51 18.45 -6.15
C GLY A 816 15.19 19.52 -5.29
N LEU A 817 14.91 20.77 -5.60
CA LEU A 817 15.46 21.90 -4.87
C LEU A 817 14.40 22.42 -3.94
N ARG A 818 14.78 22.72 -2.70
CA ARG A 818 13.84 23.35 -1.76
C ARG A 818 14.39 24.66 -1.22
N PHE A 819 13.46 25.57 -0.92
CA PHE A 819 13.74 26.78 -0.14
C PHE A 819 12.92 26.75 1.13
N ILE A 820 13.49 27.17 2.26
CA ILE A 820 12.71 27.32 3.47
C ILE A 820 12.94 28.66 4.11
N ILE A 821 11.84 29.33 4.46
CA ILE A 821 11.93 30.66 5.01
C ILE A 821 10.90 30.82 6.10
N GLN A 822 11.33 31.34 7.23
CA GLN A 822 10.42 31.72 8.27
C GLN A 822 10.63 33.21 8.35
N SER A 823 9.54 33.95 8.35
CA SER A 823 9.59 35.38 8.09
C SER A 823 8.40 36.16 8.62
N GLU A 824 8.58 37.46 8.78
CA GLU A 824 7.47 38.34 9.13
C GLU A 824 6.48 38.53 7.91
N LYS A 825 7.02 38.81 6.71
CA LYS A 825 6.21 39.09 5.51
C LYS A 825 5.42 37.85 5.04
N PRO A 826 4.35 38.04 4.22
CA PRO A 826 3.47 36.93 3.81
C PRO A 826 4.10 35.94 2.82
N PRO A 827 3.67 34.66 2.84
CA PRO A 827 4.16 33.67 1.91
C PRO A 827 4.11 34.10 0.47
N HIS A 828 2.95 34.53 -0.03
CA HIS A 828 2.90 34.93 -1.47
C HIS A 828 4.04 35.92 -1.78
N TYR A 829 4.43 36.70 -0.76
CA TYR A 829 5.51 37.65 -0.90
C TYR A 829 6.90 36.98 -0.96
N LEU A 830 7.12 35.98 -0.10
CA LEU A 830 8.39 35.26 -0.05
C LEU A 830 8.56 34.49 -1.33
N GLU A 831 7.44 34.00 -1.86
CA GLU A 831 7.42 33.37 -3.17
C GLU A 831 8.05 34.28 -4.25
N SER A 832 7.49 35.48 -4.41
CA SER A 832 7.98 36.42 -5.40
C SER A 832 9.49 36.74 -5.24
N ARG A 833 9.96 36.93 -4.00
CA ARG A 833 11.40 37.24 -3.80
C ARG A 833 12.38 36.08 -4.05
N VAL A 834 11.86 34.85 -4.02
CA VAL A 834 12.64 33.67 -4.30
C VAL A 834 12.66 33.46 -5.78
N GLU A 835 11.50 33.65 -6.40
CA GLU A 835 11.44 33.53 -7.84
C GLU A 835 12.26 34.64 -8.52
N ALA A 836 12.28 35.79 -7.86
CA ALA A 836 13.10 36.90 -8.26
C ALA A 836 14.51 36.47 -8.12
N PHE A 837 14.85 35.87 -6.99
CA PHE A 837 16.21 35.36 -6.76
C PHE A 837 16.68 34.34 -7.80
N LEU A 838 15.79 33.49 -8.29
CA LEU A 838 16.20 32.47 -9.25
C LEU A 838 16.74 33.07 -10.55
N ILE A 839 16.19 34.23 -10.93
CA ILE A 839 16.66 34.96 -12.12
C ILE A 839 18.05 35.59 -11.93
N THR A 840 18.21 36.36 -10.86
CA THR A 840 19.53 36.77 -10.40
C THR A 840 20.60 35.64 -10.59
N MET A 841 20.18 34.39 -10.41
CA MET A 841 21.10 33.25 -10.47
C MET A 841 21.43 32.84 -11.89
N GLU A 842 20.39 32.66 -12.70
CA GLU A 842 20.55 32.44 -14.15
C GLU A 842 21.48 33.50 -14.79
N LYS A 843 21.28 34.77 -14.42
CA LYS A 843 22.14 35.87 -14.87
C LYS A 843 23.58 35.66 -14.42
N SER A 844 23.81 35.52 -13.12
CA SER A 844 25.19 35.44 -12.63
C SER A 844 25.90 34.09 -12.95
N ILE A 845 25.16 33.10 -13.43
CA ILE A 845 25.78 31.88 -13.95
C ILE A 845 26.33 32.15 -15.35
N GLU A 846 25.56 32.91 -16.15
CA GLU A 846 25.98 33.30 -17.49
C GLU A 846 27.19 34.20 -17.40
N ASP A 847 27.09 35.18 -16.52
CA ASP A 847 28.17 36.10 -16.23
C ASP A 847 29.44 35.52 -15.57
N MET A 848 29.35 34.43 -14.81
CA MET A 848 30.52 33.96 -14.03
C MET A 848 31.61 33.24 -14.83
N THR A 849 32.85 33.51 -14.45
CA THR A 849 34.05 33.11 -15.20
C THR A 849 34.21 31.59 -15.22
N GLU A 850 34.96 31.07 -16.19
CA GLU A 850 35.06 29.62 -16.38
C GLU A 850 35.87 29.03 -15.23
N GLU A 851 36.90 29.73 -14.80
CA GLU A 851 37.59 29.37 -13.56
C GLU A 851 36.69 29.54 -12.29
N ALA A 852 35.96 30.64 -12.17
CA ALA A 852 34.98 30.80 -11.06
C ALA A 852 34.07 29.59 -10.91
N PHE A 853 33.73 29.00 -12.05
CA PHE A 853 32.81 27.86 -12.12
C PHE A 853 33.49 26.59 -11.64
N GLN A 854 34.78 26.45 -11.92
CA GLN A 854 35.51 25.25 -11.55
C GLN A 854 35.75 25.19 -10.03
N LYS A 855 35.80 26.37 -9.40
CA LYS A 855 35.96 26.51 -7.95
C LYS A 855 34.82 25.76 -7.29
N HIS A 856 33.61 26.03 -7.77
CA HIS A 856 32.39 25.45 -7.25
C HIS A 856 32.39 23.94 -7.45
N ILE A 857 32.93 23.47 -8.57
CA ILE A 857 33.03 22.05 -8.84
C ILE A 857 33.96 21.44 -7.81
N GLN A 858 35.18 21.96 -7.77
CA GLN A 858 36.17 21.55 -6.79
C GLN A 858 35.59 21.62 -5.39
N ALA A 859 34.85 22.70 -5.08
CA ALA A 859 34.29 22.90 -3.74
C ALA A 859 33.33 21.78 -3.34
N LEU A 860 32.33 21.54 -4.17
CA LEU A 860 31.42 20.40 -4.00
C LEU A 860 32.14 19.09 -3.97
N ALA A 861 33.26 18.98 -4.65
CA ALA A 861 34.02 17.74 -4.65
C ALA A 861 34.66 17.49 -3.31
N ILE A 862 35.33 18.50 -2.77
CA ILE A 862 35.99 18.42 -1.48
C ILE A 862 34.94 18.03 -0.45
N ARG A 863 33.77 18.70 -0.51
CA ARG A 863 32.62 18.48 0.37
C ARG A 863 32.19 17.05 0.31
N ARG A 864 31.85 16.60 -0.88
CA ARG A 864 31.48 15.22 -1.11
C ARG A 864 32.54 14.18 -0.74
N LEU A 865 33.82 14.54 -0.76
CA LEU A 865 34.87 13.53 -0.53
C LEU A 865 35.47 13.51 0.89
N ASP A 866 35.05 14.39 1.80
CA ASP A 866 35.59 14.45 3.18
C ASP A 866 35.50 13.07 3.76
N LYS A 867 36.61 12.49 4.21
CA LYS A 867 36.57 11.15 4.80
C LYS A 867 35.88 11.22 6.19
N PRO A 868 34.99 10.25 6.54
CA PRO A 868 34.52 10.26 7.92
C PRO A 868 35.70 10.18 8.90
N LYS A 869 35.54 10.85 10.04
CA LYS A 869 36.59 10.96 11.03
C LYS A 869 36.40 9.88 12.09
N LYS A 870 35.16 9.65 12.49
CA LYS A 870 34.83 8.68 13.52
C LYS A 870 34.06 7.47 12.94
N LEU A 871 34.14 6.34 13.63
CA LEU A 871 33.42 5.16 13.19
C LEU A 871 31.95 5.47 12.92
N SER A 872 31.22 5.96 13.89
CA SER A 872 29.77 6.03 13.63
C SER A 872 29.36 6.95 12.46
N ALA A 873 30.31 7.77 11.98
CA ALA A 873 30.10 8.64 10.83
C ALA A 873 30.25 7.88 9.52
N GLU A 874 31.12 6.86 9.52
CA GLU A 874 31.22 5.94 8.38
C GLU A 874 29.96 5.08 8.38
N SER A 875 29.60 4.56 9.55
CA SER A 875 28.38 3.78 9.62
C SER A 875 27.22 4.54 9.00
N ALA A 876 27.11 5.82 9.33
CA ALA A 876 25.96 6.58 8.88
C ALA A 876 25.89 6.54 7.36
N LYS A 877 27.00 6.84 6.71
CA LYS A 877 27.06 6.84 5.27
C LYS A 877 26.53 5.56 4.63
N TYR A 878 26.93 4.40 5.18
CA TYR A 878 26.50 3.09 4.65
C TYR A 878 25.05 2.79 4.97
N TRP A 879 24.61 3.16 6.15
CA TRP A 879 23.25 2.95 6.51
C TRP A 879 22.37 3.79 5.62
N GLY A 880 22.93 4.90 5.16
CA GLY A 880 22.24 5.73 4.18
C GLY A 880 21.90 4.90 2.95
N GLU A 881 22.93 4.27 2.37
CA GLU A 881 22.82 3.47 1.17
C GLU A 881 21.87 2.31 1.39
N ILE A 882 21.96 1.68 2.55
CA ILE A 882 21.12 0.53 2.84
C ILE A 882 19.66 0.87 3.09
N ILE A 883 19.33 1.85 3.93
CA ILE A 883 17.92 2.05 4.14
C ILE A 883 17.30 2.66 2.92
N SER A 884 18.11 3.27 2.07
CA SER A 884 17.56 3.84 0.83
C SER A 884 17.44 2.80 -0.32
N GLN A 885 17.69 1.51 0.01
CA GLN A 885 17.89 0.42 -0.99
C GLN A 885 18.65 0.84 -2.25
N GLN A 886 19.66 1.69 -2.12
CA GLN A 886 20.50 2.06 -3.25
C GLN A 886 21.83 1.28 -3.30
N TYR A 887 22.37 0.97 -2.13
CA TYR A 887 23.51 0.06 -1.99
C TYR A 887 24.72 0.46 -2.84
N ASN A 888 24.90 1.78 -2.96
CA ASN A 888 25.98 2.33 -3.75
C ASN A 888 27.09 2.82 -2.83
N PHE A 889 27.89 1.90 -2.31
CA PHE A 889 28.88 2.28 -1.31
C PHE A 889 30.05 3.05 -1.91
N ASP A 890 30.11 3.13 -3.22
CA ASP A 890 31.18 3.85 -3.85
C ASP A 890 30.68 5.17 -4.45
N ARG A 891 29.50 5.60 -4.03
CA ARG A 891 28.78 6.67 -4.72
C ARG A 891 29.65 7.90 -4.82
N ASP A 892 30.29 8.22 -3.70
CA ASP A 892 31.14 9.40 -3.58
C ASP A 892 32.22 9.50 -4.67
N ASN A 893 32.78 8.37 -5.06
CA ASN A 893 33.76 8.37 -6.11
C ASN A 893 33.18 8.43 -7.49
N THR A 894 32.34 7.45 -7.82
CA THR A 894 31.47 7.50 -9.01
C THR A 894 31.01 8.94 -9.28
N GLU A 895 30.24 9.51 -8.35
CA GLU A 895 29.60 10.81 -8.52
C GLU A 895 30.54 12.02 -8.61
N VAL A 896 31.69 11.94 -7.97
CA VAL A 896 32.64 13.03 -8.12
C VAL A 896 33.24 12.95 -9.53
N ALA A 897 33.72 11.77 -9.91
CA ALA A 897 34.31 11.55 -11.23
C ALA A 897 33.46 12.28 -12.28
N TYR A 898 32.16 12.05 -12.20
CA TYR A 898 31.21 12.59 -13.14
C TYR A 898 31.00 14.10 -13.04
N LEU A 899 30.99 14.61 -11.82
CA LEU A 899 30.80 16.02 -11.59
C LEU A 899 31.91 16.81 -12.28
N LYS A 900 33.16 16.32 -12.19
CA LYS A 900 34.33 17.07 -12.66
C LYS A 900 34.30 17.33 -14.17
N THR A 901 33.38 16.64 -14.84
CA THR A 901 33.20 16.77 -16.29
C THR A 901 31.83 17.40 -16.62
N LEU A 902 31.47 18.48 -15.93
CA LEU A 902 30.24 19.25 -16.23
C LEU A 902 30.61 20.67 -16.61
N THR A 903 29.83 21.29 -17.51
CA THR A 903 30.15 22.65 -17.93
C THR A 903 29.06 23.66 -17.71
N LYS A 904 29.44 24.94 -17.57
CA LYS A 904 28.49 26.04 -17.55
C LYS A 904 27.22 25.75 -18.40
N GLU A 905 27.44 25.29 -19.64
CA GLU A 905 26.37 24.97 -20.59
C GLU A 905 25.40 23.91 -20.01
N ASP A 906 25.92 22.78 -19.49
CA ASP A 906 25.09 21.74 -18.82
C ASP A 906 24.15 22.29 -17.71
N ILE A 907 24.72 23.03 -16.77
CA ILE A 907 23.97 23.62 -15.68
C ILE A 907 22.94 24.65 -16.14
N ILE A 908 23.23 25.43 -17.19
CA ILE A 908 22.19 26.33 -17.71
C ILE A 908 21.00 25.56 -18.34
N LYS A 909 21.29 24.51 -19.11
CA LYS A 909 20.27 23.68 -19.71
C LYS A 909 19.34 23.12 -18.66
N PHE A 910 19.89 22.37 -17.71
CA PHE A 910 19.18 21.91 -16.50
C PHE A 910 18.29 23.00 -15.86
N TYR A 911 18.80 24.22 -15.72
CA TYR A 911 18.01 25.30 -15.11
C TYR A 911 16.83 25.69 -15.98
N LYS A 912 17.06 25.80 -17.29
CA LYS A 912 16.04 26.21 -18.27
C LYS A 912 15.06 25.08 -18.52
N GLU A 913 15.51 23.87 -18.27
CA GLU A 913 14.72 22.66 -18.37
C GLU A 913 13.74 22.44 -17.19
N MET A 914 14.27 22.43 -15.98
CA MET A 914 13.55 22.01 -14.77
C MET A 914 13.15 23.14 -13.85
N LEU A 915 13.94 24.23 -13.86
CA LEU A 915 13.83 25.27 -12.84
C LEU A 915 13.32 26.63 -13.27
N ALA A 916 13.80 27.23 -14.36
CA ALA A 916 13.38 28.60 -14.73
C ALA A 916 11.88 28.81 -14.70
N VAL A 917 11.46 30.04 -14.49
CA VAL A 917 10.01 30.36 -14.31
C VAL A 917 9.03 29.83 -15.37
N ASP A 918 9.51 29.77 -16.61
CA ASP A 918 8.75 29.26 -17.73
C ASP A 918 9.40 27.96 -18.27
N ALA A 919 9.88 27.11 -17.36
CA ALA A 919 10.53 25.89 -17.79
C ALA A 919 9.55 24.83 -18.32
N PRO A 920 9.98 24.09 -19.38
CA PRO A 920 9.23 23.00 -19.98
C PRO A 920 8.76 21.98 -18.98
N ARG A 921 9.65 21.56 -18.10
CA ARG A 921 9.38 20.52 -17.10
C ARG A 921 9.52 21.02 -15.66
N ARG A 922 8.94 22.19 -15.37
CA ARG A 922 9.02 22.70 -14.05
C ARG A 922 7.89 22.13 -13.23
N HIS A 923 8.24 21.26 -12.29
CA HIS A 923 7.29 20.73 -11.32
C HIS A 923 7.47 21.44 -9.98
N LYS A 924 6.43 22.14 -9.52
CA LYS A 924 6.53 23.00 -8.33
C LYS A 924 5.35 22.93 -7.34
N VAL A 925 5.65 22.56 -6.10
CA VAL A 925 4.68 22.67 -5.00
C VAL A 925 5.19 23.64 -3.91
N SER A 926 4.25 24.33 -3.27
CA SER A 926 4.58 25.23 -2.18
C SER A 926 3.65 25.01 -1.00
N VAL A 927 4.23 25.06 0.19
CA VAL A 927 3.51 25.07 1.45
C VAL A 927 3.61 26.47 2.03
N HIS A 928 2.47 27.10 2.21
CA HIS A 928 2.43 28.37 2.89
C HIS A 928 1.83 28.15 4.24
N VAL A 929 2.66 28.35 5.26
CA VAL A 929 2.18 28.38 6.62
C VAL A 929 2.16 29.84 7.06
N LEU A 930 0.96 30.34 7.31
CA LEU A 930 0.70 31.74 7.65
C LEU A 930 0.83 31.92 9.14
N ALA A 931 1.20 33.12 9.57
CA ALA A 931 1.37 33.46 10.98
C ALA A 931 0.05 33.46 11.72
N ARG A 932 0.11 33.57 13.04
CA ARG A 932 -1.08 33.67 13.88
C ARG A 932 -2.18 34.64 13.33
N GLU A 933 -1.78 35.70 12.60
CA GLU A 933 -2.69 36.83 12.30
C GLU A 933 -3.03 37.28 10.85
N MET A 934 -2.97 36.44 9.81
CA MET A 934 -3.35 36.92 8.42
C MET A 934 -4.43 35.94 7.76
N ASP A 935 -4.84 36.17 6.47
CA ASP A 935 -5.96 35.35 5.84
C ASP A 935 -5.82 34.88 4.35
N ILE A 949 12.53 49.38 -6.44
CA ILE A 949 13.14 49.74 -5.17
C ILE A 949 14.67 49.43 -5.12
N ASN A 950 15.26 49.19 -3.92
CA ASN A 950 16.65 48.63 -3.77
C ASN A 950 16.79 47.21 -4.40
N LEU A 951 15.63 46.52 -4.52
CA LEU A 951 15.45 45.07 -4.85
C LEU A 951 15.09 44.75 -6.30
N SER A 952 15.51 43.57 -6.77
CA SER A 952 15.42 43.19 -8.17
C SER A 952 14.04 42.73 -8.61
N GLN A 953 13.92 42.50 -9.91
CA GLN A 953 12.69 42.22 -10.61
C GLN A 953 12.11 40.81 -10.37
N ALA A 954 10.97 40.74 -9.70
CA ALA A 954 10.28 39.47 -9.56
C ALA A 954 9.44 39.16 -10.80
N PRO A 955 9.65 38.00 -11.45
CA PRO A 955 8.86 37.63 -12.64
C PRO A 955 7.39 37.42 -12.27
N ALA A 956 6.44 37.81 -13.13
CA ALA A 956 5.01 37.55 -12.82
C ALA A 956 4.73 36.05 -12.95
N LEU A 957 4.00 35.51 -11.96
CA LEU A 957 3.89 34.06 -11.77
C LEU A 957 2.60 33.50 -12.35
N PRO A 958 2.61 32.19 -12.68
CA PRO A 958 1.36 31.51 -13.09
C PRO A 958 0.33 31.67 -11.99
N GLN A 959 -0.88 31.17 -12.18
CA GLN A 959 -1.80 31.22 -11.06
C GLN A 959 -1.98 29.80 -10.46
N PRO A 960 -1.71 29.64 -9.15
CA PRO A 960 -1.44 28.30 -8.62
C PRO A 960 -2.70 27.46 -8.48
N GLU A 961 -2.56 26.15 -8.39
CA GLU A 961 -3.70 25.33 -8.06
C GLU A 961 -3.76 24.99 -6.56
N VAL A 962 -4.64 25.64 -5.84
CA VAL A 962 -4.61 25.58 -4.39
C VAL A 962 -5.13 24.25 -3.90
N ILE A 963 -4.22 23.33 -3.54
CA ILE A 963 -4.58 22.06 -2.87
C ILE A 963 -5.49 22.31 -1.68
N GLN A 964 -6.62 21.62 -1.67
CA GLN A 964 -7.59 21.80 -0.62
C GLN A 964 -7.73 20.56 0.25
N ASN A 965 -7.28 19.42 -0.27
CA ASN A 965 -7.44 18.13 0.42
C ASN A 965 -6.31 17.17 0.04
N MET A 966 -5.58 16.70 1.04
CA MET A 966 -4.40 15.92 0.78
C MET A 966 -4.68 14.61 0.08
N THR A 967 -5.80 13.95 0.40
CA THR A 967 -6.12 12.74 -0.34
C THR A 967 -6.60 13.03 -1.78
N GLU A 968 -7.60 13.91 -1.95
CA GLU A 968 -8.06 14.30 -3.31
C GLU A 968 -6.85 14.73 -4.19
N PHE A 969 -5.77 15.19 -3.56
CA PHE A 969 -4.62 15.65 -4.27
C PHE A 969 -3.76 14.51 -4.78
N LYS A 970 -3.37 13.61 -3.86
CA LYS A 970 -2.51 12.44 -4.17
C LYS A 970 -3.19 11.40 -5.08
N ARG A 971 -4.48 11.15 -4.84
CA ARG A 971 -5.32 10.28 -5.66
C ARG A 971 -5.24 10.68 -7.15
N GLY A 972 -5.31 11.98 -7.43
CA GLY A 972 -5.27 12.44 -8.80
C GLY A 972 -3.90 12.64 -9.45
N LEU A 973 -2.85 12.00 -8.97
CA LEU A 973 -1.54 12.14 -9.64
C LEU A 973 -0.75 10.87 -9.76
N PRO A 974 0.06 10.74 -10.83
CA PRO A 974 0.89 9.53 -10.93
C PRO A 974 1.87 9.35 -9.72
N LEU A 975 2.28 8.12 -9.39
CA LEU A 975 3.35 7.94 -8.42
C LEU A 975 4.57 7.61 -9.22
N PHE A 976 5.76 7.83 -8.65
CA PHE A 976 7.04 7.62 -9.31
C PHE A 976 7.49 6.20 -9.15
N PRO A 977 8.43 5.75 -9.98
CA PRO A 977 8.96 4.44 -9.75
C PRO A 977 9.86 4.52 -8.56
N LEU A 978 9.93 3.46 -7.76
CA LEU A 978 11.01 3.34 -6.76
C LEU A 978 12.35 3.12 -7.47
N VAL A 979 13.43 3.66 -6.91
CA VAL A 979 14.77 3.54 -7.57
C VAL A 979 15.30 2.09 -7.68
N LYS A 980 16.21 1.87 -8.63
CA LYS A 980 16.87 0.56 -8.85
C LYS A 980 18.13 0.39 -7.98
N PRO A 981 18.30 -0.81 -7.36
CA PRO A 981 19.43 -1.19 -6.49
C PRO A 981 20.79 -1.23 -7.20
N HIS A 982 21.83 -1.73 -6.50
CA HIS A 982 23.24 -1.94 -7.01
C HIS A 982 23.73 -0.85 -8.00
N ASN B 14 -57.11 -20.60 -45.78
CA ASN B 14 -56.43 -19.40 -46.34
C ASN B 14 -55.11 -19.73 -47.05
N ASN B 15 -53.98 -19.60 -46.33
CA ASN B 15 -52.66 -19.85 -46.90
C ASN B 15 -52.22 -21.31 -46.89
N PRO B 16 -51.87 -21.86 -48.08
CA PRO B 16 -51.55 -23.29 -48.24
C PRO B 16 -50.08 -23.67 -47.95
N ALA B 17 -49.29 -22.71 -47.45
CA ALA B 17 -47.93 -22.96 -46.95
C ALA B 17 -47.85 -23.01 -45.39
N ILE B 18 -49.02 -22.90 -44.75
CA ILE B 18 -49.16 -22.88 -43.31
C ILE B 18 -50.17 -23.96 -42.86
N LYS B 19 -49.70 -25.18 -42.59
CA LYS B 19 -50.60 -26.28 -42.20
C LYS B 19 -51.62 -25.95 -41.09
N ARG B 20 -51.31 -24.95 -40.26
CA ARG B 20 -52.07 -24.62 -39.03
C ARG B 20 -51.46 -23.42 -38.26
N ILE B 21 -52.30 -22.66 -37.55
CA ILE B 21 -51.83 -21.62 -36.62
C ILE B 21 -52.54 -21.75 -35.25
N GLY B 22 -51.92 -22.40 -34.27
CA GLY B 22 -52.54 -22.70 -32.95
C GLY B 22 -53.03 -21.42 -32.28
N ASN B 23 -52.12 -20.44 -32.19
CA ASN B 23 -52.49 -19.06 -31.83
C ASN B 23 -53.30 -18.73 -30.51
N HIS B 24 -53.17 -19.59 -29.48
CA HIS B 24 -53.44 -19.19 -28.09
C HIS B 24 -52.23 -19.72 -27.36
N ILE B 25 -51.20 -18.88 -27.18
CA ILE B 25 -49.95 -19.31 -26.54
C ILE B 25 -49.94 -18.83 -25.11
N THR B 26 -50.24 -19.75 -24.19
CA THR B 26 -50.34 -19.42 -22.76
C THR B 26 -49.06 -18.68 -22.41
N LYS B 27 -49.24 -17.48 -21.87
CA LYS B 27 -48.11 -16.69 -21.50
C LYS B 27 -48.30 -16.25 -20.06
N SER B 28 -47.22 -15.72 -19.48
CA SER B 28 -47.22 -15.20 -18.11
C SER B 28 -48.11 -14.00 -18.03
N PRO B 29 -48.93 -13.93 -16.97
CA PRO B 29 -49.80 -12.78 -16.82
C PRO B 29 -49.09 -11.45 -17.08
N GLU B 30 -47.78 -11.38 -16.79
CA GLU B 30 -46.96 -10.11 -16.79
C GLU B 30 -46.23 -9.72 -18.13
N ASP B 31 -46.23 -10.64 -19.09
CA ASP B 31 -45.50 -10.55 -20.37
C ASP B 31 -46.16 -9.58 -21.33
N LYS B 32 -45.44 -8.54 -21.79
CA LYS B 32 -46.00 -7.59 -22.79
C LYS B 32 -45.75 -8.03 -24.24
N ARG B 33 -44.88 -9.01 -24.40
CA ARG B 33 -44.59 -9.58 -25.71
C ARG B 33 -45.81 -10.36 -26.21
N GLU B 34 -45.96 -10.46 -27.52
CA GLU B 34 -47.08 -11.23 -28.10
C GLU B 34 -46.63 -12.39 -29.01
N TYR B 35 -47.37 -13.48 -28.93
CA TYR B 35 -46.89 -14.75 -29.46
C TYR B 35 -47.89 -15.35 -30.41
N ARG B 36 -47.42 -15.84 -31.55
CA ARG B 36 -48.22 -16.73 -32.37
C ARG B 36 -47.37 -17.89 -32.81
N GLY B 37 -47.89 -19.08 -32.53
CA GLY B 37 -47.26 -20.31 -32.94
C GLY B 37 -47.96 -20.84 -34.16
N LEU B 38 -47.26 -21.66 -34.95
CA LEU B 38 -47.80 -22.20 -36.19
C LEU B 38 -46.95 -23.33 -36.73
N GLU B 39 -47.60 -24.36 -37.26
CA GLU B 39 -46.92 -25.38 -38.05
C GLU B 39 -46.99 -25.03 -39.54
N LEU B 40 -45.83 -24.84 -40.18
CA LEU B 40 -45.77 -24.67 -41.63
C LEU B 40 -46.16 -25.95 -42.38
N ALA B 41 -46.47 -25.80 -43.68
CA ALA B 41 -46.96 -26.89 -44.53
C ALA B 41 -45.96 -28.05 -44.57
N ASN B 42 -44.70 -27.71 -44.83
CA ASN B 42 -43.59 -28.67 -44.84
C ASN B 42 -43.17 -29.32 -43.49
N GLY B 43 -43.80 -28.93 -42.36
CA GLY B 43 -43.60 -29.64 -41.07
C GLY B 43 -42.85 -28.94 -39.92
N ILE B 44 -42.18 -27.83 -40.25
CA ILE B 44 -41.52 -26.96 -39.28
C ILE B 44 -42.51 -26.39 -38.28
N LYS B 45 -42.16 -26.44 -36.98
CA LYS B 45 -42.96 -25.80 -35.91
C LYS B 45 -42.33 -24.45 -35.62
N VAL B 46 -43.12 -23.37 -35.65
CA VAL B 46 -42.63 -21.98 -35.52
C VAL B 46 -43.28 -21.32 -34.33
N LEU B 47 -42.53 -20.41 -33.68
CA LEU B 47 -43.03 -19.45 -32.68
C LEU B 47 -42.51 -18.08 -32.98
N LEU B 48 -43.45 -17.17 -33.09
CA LEU B 48 -43.11 -15.80 -33.38
C LEU B 48 -43.37 -14.99 -32.15
N ILE B 49 -42.38 -14.18 -31.78
CA ILE B 49 -42.51 -13.29 -30.66
C ILE B 49 -42.52 -11.89 -31.20
N SER B 50 -43.60 -11.19 -30.89
CA SER B 50 -43.77 -9.80 -31.27
C SER B 50 -43.57 -8.91 -30.07
N ASP B 51 -42.41 -8.26 -30.05
CA ASP B 51 -42.14 -7.31 -29.00
C ASP B 51 -41.90 -5.95 -29.63
N PRO B 52 -42.94 -5.12 -29.64
CA PRO B 52 -42.93 -3.82 -30.30
C PRO B 52 -41.75 -2.92 -29.90
N THR B 53 -41.03 -3.25 -28.83
CA THR B 53 -40.07 -2.29 -28.24
C THR B 53 -38.61 -2.79 -28.12
N THR B 54 -38.37 -4.05 -28.43
CA THR B 54 -37.03 -4.60 -28.32
C THR B 54 -35.95 -3.86 -29.12
N ASP B 55 -34.88 -3.49 -28.45
CA ASP B 55 -33.71 -2.94 -29.11
C ASP B 55 -33.04 -3.89 -30.10
N LYS B 56 -33.27 -5.20 -29.93
CA LYS B 56 -32.59 -6.27 -30.69
C LYS B 56 -33.52 -7.39 -31.05
N SER B 57 -33.53 -7.79 -32.33
CA SER B 57 -34.34 -8.93 -32.75
C SER B 57 -33.45 -10.18 -32.80
N SER B 58 -34.06 -11.35 -32.88
CA SER B 58 -33.31 -12.56 -32.78
C SER B 58 -34.06 -13.71 -33.41
N ALA B 59 -33.33 -14.73 -33.87
CA ALA B 59 -33.97 -15.95 -34.29
C ALA B 59 -33.11 -17.16 -34.00
N ALA B 60 -33.77 -18.28 -33.87
CA ALA B 60 -33.08 -19.52 -33.59
C ALA B 60 -33.77 -20.62 -34.40
N LEU B 61 -33.01 -21.62 -34.81
CA LEU B 61 -33.55 -22.82 -35.38
C LEU B 61 -32.93 -24.00 -34.65
N ASP B 62 -33.79 -24.93 -34.27
CA ASP B 62 -33.32 -26.16 -33.67
C ASP B 62 -33.73 -27.34 -34.51
N VAL B 63 -32.74 -28.12 -34.93
CA VAL B 63 -32.94 -29.37 -35.69
C VAL B 63 -32.82 -30.52 -34.77
N HIS B 64 -33.84 -31.38 -34.70
CA HIS B 64 -33.85 -32.49 -33.73
C HIS B 64 -32.92 -33.67 -34.09
N ILE B 65 -31.73 -33.28 -34.58
CA ILE B 65 -30.64 -34.21 -34.89
C ILE B 65 -29.32 -33.78 -34.26
N GLY B 66 -28.51 -34.74 -33.85
CA GLY B 66 -27.23 -34.41 -33.26
C GLY B 66 -26.26 -35.56 -33.18
N SER B 67 -25.22 -35.38 -32.37
CA SER B 67 -24.06 -36.28 -32.40
C SER B 67 -24.39 -37.77 -32.22
N LEU B 68 -25.45 -38.07 -31.48
CA LEU B 68 -25.92 -39.45 -31.39
C LEU B 68 -26.26 -40.13 -32.78
N SER B 69 -26.16 -39.37 -33.89
CA SER B 69 -26.45 -39.86 -35.24
C SER B 69 -25.28 -39.70 -36.20
N ASP B 70 -24.10 -39.46 -35.65
CA ASP B 70 -22.91 -39.40 -36.47
C ASP B 70 -22.76 -40.78 -37.02
N PRO B 71 -22.32 -40.91 -38.26
CA PRO B 71 -22.05 -42.29 -38.71
C PRO B 71 -20.91 -42.82 -37.86
N PRO B 72 -20.88 -44.14 -37.55
CA PRO B 72 -19.97 -44.65 -36.52
C PRO B 72 -18.53 -44.60 -36.96
N ASN B 73 -18.29 -44.50 -38.26
CA ASN B 73 -16.95 -44.41 -38.81
C ASN B 73 -16.47 -42.96 -39.07
N ILE B 74 -17.25 -41.97 -38.68
CA ILE B 74 -16.76 -40.55 -38.70
C ILE B 74 -17.26 -39.77 -37.47
N ALA B 75 -16.47 -39.79 -36.40
CA ALA B 75 -16.92 -39.23 -35.13
C ALA B 75 -16.97 -37.71 -35.20
N GLY B 76 -18.06 -37.12 -34.72
CA GLY B 76 -18.13 -35.66 -34.63
C GLY B 76 -18.55 -34.97 -35.92
N LEU B 77 -19.13 -35.76 -36.82
CA LEU B 77 -19.65 -35.23 -38.08
C LEU B 77 -20.72 -34.16 -37.89
N SER B 78 -21.69 -34.40 -37.00
CA SER B 78 -22.75 -33.42 -36.81
C SER B 78 -22.29 -32.18 -36.08
N HIS B 79 -21.25 -32.32 -35.25
CA HIS B 79 -20.59 -31.14 -34.67
C HIS B 79 -19.83 -30.36 -35.73
N PHE B 80 -19.07 -31.09 -36.52
CA PHE B 80 -18.31 -30.48 -37.56
C PHE B 80 -19.22 -29.77 -38.57
N LEU B 81 -20.42 -30.30 -38.74
CA LEU B 81 -21.38 -29.74 -39.69
C LEU B 81 -21.83 -28.34 -39.29
N GLU B 82 -22.21 -28.16 -38.01
CA GLU B 82 -22.53 -26.83 -37.51
C GLU B 82 -21.36 -25.85 -37.56
N HIS B 83 -20.11 -26.29 -37.43
CA HIS B 83 -19.03 -25.33 -37.65
C HIS B 83 -19.09 -24.85 -39.08
N MET B 84 -19.51 -25.75 -39.97
CA MET B 84 -19.33 -25.52 -41.38
C MET B 84 -20.39 -24.68 -42.03
N LEU B 85 -21.60 -24.67 -41.45
CA LEU B 85 -22.67 -23.92 -42.07
C LEU B 85 -22.45 -22.42 -42.00
N PHE B 86 -21.56 -22.01 -41.10
CA PHE B 86 -21.24 -20.59 -40.94
C PHE B 86 -20.43 -20.06 -42.12
N LEU B 87 -19.72 -20.98 -42.78
CA LEU B 87 -18.64 -20.64 -43.68
C LEU B 87 -19.06 -20.40 -45.11
N GLY B 88 -20.34 -20.19 -45.33
CA GLY B 88 -20.84 -19.81 -46.66
C GLY B 88 -21.88 -20.69 -47.29
N THR B 89 -22.88 -20.06 -47.90
CA THR B 89 -23.97 -20.76 -48.54
C THR B 89 -24.02 -20.36 -49.99
N LYS B 90 -24.69 -21.16 -50.81
CA LYS B 90 -25.07 -20.84 -52.22
C LYS B 90 -25.44 -19.36 -52.49
N LYS B 91 -26.51 -18.85 -51.87
CA LYS B 91 -26.94 -17.48 -52.09
C LYS B 91 -25.94 -16.40 -51.67
N TYR B 92 -25.33 -16.53 -50.48
CA TYR B 92 -24.25 -15.61 -50.05
C TYR B 92 -22.98 -16.41 -49.81
N PRO B 93 -22.11 -16.48 -50.83
CA PRO B 93 -21.01 -17.43 -50.79
C PRO B 93 -19.76 -16.88 -50.16
N LYS B 94 -19.77 -15.62 -49.73
CA LYS B 94 -18.54 -15.05 -49.19
C LYS B 94 -18.33 -15.63 -47.79
N GLU B 95 -17.22 -16.32 -47.61
CA GLU B 95 -16.98 -17.16 -46.40
C GLU B 95 -17.56 -16.57 -45.11
N ASN B 96 -17.15 -15.36 -44.77
CA ASN B 96 -17.60 -14.73 -43.55
C ASN B 96 -18.70 -13.68 -43.76
N GLU B 97 -19.55 -13.84 -44.78
CA GLU B 97 -20.62 -12.87 -45.00
C GLU B 97 -21.63 -12.95 -43.85
N TYR B 98 -21.91 -14.14 -43.34
CA TYR B 98 -22.78 -14.24 -42.20
C TYR B 98 -22.17 -13.50 -41.01
N SER B 99 -21.06 -14.01 -40.48
CA SER B 99 -20.29 -13.40 -39.40
C SER B 99 -20.17 -11.85 -39.45
N GLN B 100 -20.01 -11.30 -40.66
CA GLN B 100 -19.67 -9.87 -40.84
C GLN B 100 -20.90 -8.98 -40.94
N PHE B 101 -21.93 -9.46 -41.60
CA PHE B 101 -23.20 -8.77 -41.57
C PHE B 101 -23.64 -8.48 -40.13
N LEU B 102 -23.61 -9.49 -39.26
CA LEU B 102 -24.07 -9.30 -37.87
C LEU B 102 -23.17 -8.38 -37.07
N SER B 103 -21.87 -8.39 -37.32
CA SER B 103 -21.02 -7.48 -36.58
C SER B 103 -21.23 -6.05 -37.08
N GLU B 104 -21.53 -5.88 -38.37
CA GLU B 104 -21.77 -4.55 -38.96
C GLU B 104 -23.16 -4.00 -38.61
N HIS B 105 -23.97 -4.86 -38.01
CA HIS B 105 -25.34 -4.51 -37.65
C HIS B 105 -25.68 -4.88 -36.20
N ALA B 106 -24.63 -4.91 -35.36
CA ALA B 106 -24.78 -4.99 -33.91
C ALA B 106 -25.39 -6.31 -33.38
N GLY B 107 -25.08 -7.41 -34.07
CA GLY B 107 -25.52 -8.71 -33.63
C GLY B 107 -24.36 -9.66 -33.41
N SER B 108 -24.71 -10.83 -32.92
CA SER B 108 -23.78 -11.91 -32.74
C SER B 108 -24.53 -13.22 -33.00
N SER B 109 -23.75 -14.30 -33.18
CA SER B 109 -24.35 -15.60 -33.45
C SER B 109 -23.55 -16.71 -32.86
N ASN B 110 -24.16 -17.89 -32.84
CA ASN B 110 -23.56 -19.08 -32.28
C ASN B 110 -24.47 -20.28 -32.30
N ALA B 111 -23.86 -21.45 -32.35
CA ALA B 111 -24.61 -22.65 -32.29
C ALA B 111 -24.02 -23.57 -31.22
N PHE B 112 -24.75 -24.61 -30.87
CA PHE B 112 -24.22 -25.73 -30.10
C PHE B 112 -24.79 -27.04 -30.67
N THR B 113 -24.31 -28.19 -30.15
CA THR B 113 -24.63 -29.55 -30.64
C THR B 113 -24.78 -30.59 -29.50
N SER B 114 -26.02 -31.01 -29.19
CA SER B 114 -26.21 -32.04 -28.17
C SER B 114 -26.29 -33.43 -28.76
N GLY B 115 -26.77 -34.36 -27.93
CA GLY B 115 -27.00 -35.76 -28.30
C GLY B 115 -28.01 -35.83 -29.41
N GLU B 116 -29.10 -35.09 -29.25
CA GLU B 116 -30.19 -35.15 -30.17
C GLU B 116 -30.49 -33.81 -30.83
N HIS B 117 -29.70 -32.77 -30.56
CA HIS B 117 -30.05 -31.46 -31.08
C HIS B 117 -28.90 -30.71 -31.72
N THR B 118 -29.23 -29.89 -32.69
CA THR B 118 -28.31 -28.90 -33.17
C THR B 118 -29.06 -27.62 -33.27
N ASN B 119 -28.53 -26.62 -32.61
CA ASN B 119 -29.27 -25.44 -32.29
C ASN B 119 -28.42 -24.24 -32.70
N TYR B 120 -28.96 -23.40 -33.59
CA TYR B 120 -28.23 -22.20 -34.11
C TYR B 120 -29.02 -20.96 -33.84
N TYR B 121 -28.37 -19.92 -33.36
CA TYR B 121 -29.12 -18.74 -33.00
C TYR B 121 -28.35 -17.50 -33.30
N PHE B 122 -29.06 -16.41 -33.52
CA PHE B 122 -28.41 -15.12 -33.68
C PHE B 122 -29.32 -14.03 -33.10
N ASP B 123 -28.71 -12.86 -32.85
CA ASP B 123 -29.47 -11.61 -32.69
C ASP B 123 -28.84 -10.47 -33.49
N VAL B 124 -29.59 -9.38 -33.67
CA VAL B 124 -29.17 -8.30 -34.55
C VAL B 124 -30.00 -7.06 -34.31
N SER B 125 -29.40 -5.92 -34.64
CA SER B 125 -30.04 -4.61 -34.62
C SER B 125 -31.44 -4.64 -35.25
N HIS B 126 -32.48 -4.34 -34.46
CA HIS B 126 -33.88 -4.69 -34.80
C HIS B 126 -34.44 -4.38 -36.20
N GLU B 127 -33.79 -3.50 -36.97
CA GLU B 127 -34.25 -3.20 -38.34
C GLU B 127 -33.75 -4.19 -39.41
N HIS B 128 -32.50 -4.63 -39.25
CA HIS B 128 -31.87 -5.60 -40.13
C HIS B 128 -32.25 -7.06 -39.86
N LEU B 129 -33.41 -7.27 -39.24
CA LEU B 129 -33.93 -8.61 -39.04
C LEU B 129 -34.07 -9.39 -40.36
N GLU B 130 -34.89 -8.88 -41.27
CA GLU B 130 -35.02 -9.38 -42.65
C GLU B 130 -33.66 -9.91 -43.20
N GLY B 131 -32.69 -9.00 -43.31
CA GLY B 131 -31.36 -9.29 -43.83
C GLY B 131 -30.71 -10.46 -43.15
N ALA B 132 -30.48 -10.35 -41.86
CA ALA B 132 -29.80 -11.41 -41.12
C ALA B 132 -30.51 -12.74 -41.28
N LEU B 133 -31.82 -12.76 -41.03
CA LEU B 133 -32.63 -13.99 -41.08
C LEU B 133 -32.52 -14.71 -42.41
N ASP B 134 -32.39 -13.91 -43.47
CA ASP B 134 -32.20 -14.46 -44.79
C ASP B 134 -30.87 -15.24 -44.87
N ARG B 135 -29.78 -14.61 -44.47
CA ARG B 135 -28.45 -15.19 -44.60
C ARG B 135 -28.42 -16.48 -43.81
N PHE B 136 -29.25 -16.45 -42.76
CA PHE B 136 -29.38 -17.50 -41.78
C PHE B 136 -30.19 -18.67 -42.30
N ALA B 137 -31.27 -18.40 -43.05
CA ALA B 137 -32.12 -19.49 -43.55
C ALA B 137 -31.39 -20.29 -44.63
N GLN B 138 -30.44 -19.64 -45.30
CA GLN B 138 -29.57 -20.26 -46.31
C GLN B 138 -28.78 -21.48 -45.84
N PHE B 139 -28.46 -21.54 -44.54
CA PHE B 139 -27.69 -22.65 -43.93
C PHE B 139 -28.48 -23.93 -44.09
N PHE B 140 -29.79 -23.75 -44.07
CA PHE B 140 -30.72 -24.85 -44.13
C PHE B 140 -31.18 -25.13 -45.55
N LEU B 141 -30.78 -24.29 -46.49
CA LEU B 141 -31.12 -24.52 -47.88
C LEU B 141 -29.95 -25.01 -48.74
N SER B 142 -28.81 -24.32 -48.71
CA SER B 142 -27.66 -24.71 -49.56
C SER B 142 -26.30 -24.17 -49.13
N PRO B 143 -25.61 -24.92 -48.29
CA PRO B 143 -24.31 -24.54 -47.80
C PRO B 143 -23.23 -24.93 -48.78
N LEU B 144 -22.26 -24.05 -49.00
CA LEU B 144 -21.11 -24.39 -49.82
C LEU B 144 -20.44 -25.69 -49.39
N PHE B 145 -20.08 -25.80 -48.11
CA PHE B 145 -19.08 -26.77 -47.61
C PHE B 145 -17.83 -26.68 -48.45
N ASP B 146 -17.36 -25.48 -48.71
CA ASP B 146 -16.16 -25.26 -49.50
C ASP B 146 -15.10 -26.29 -49.13
N GLU B 147 -14.40 -26.86 -50.11
CA GLU B 147 -13.45 -27.96 -49.81
C GLU B 147 -12.25 -27.45 -49.00
N SER B 148 -11.83 -26.21 -49.25
CA SER B 148 -10.67 -25.65 -48.57
C SER B 148 -11.00 -24.93 -47.24
N ALA B 149 -12.28 -24.74 -46.97
CA ALA B 149 -12.76 -24.33 -45.64
C ALA B 149 -12.89 -25.53 -44.74
N LYS B 150 -13.34 -26.65 -45.30
CA LYS B 150 -13.36 -27.96 -44.63
C LYS B 150 -11.95 -28.30 -44.11
N ASP B 151 -10.95 -27.97 -44.91
CA ASP B 151 -9.56 -28.21 -44.52
C ASP B 151 -9.04 -27.32 -43.36
N ARG B 152 -9.65 -26.15 -43.21
CA ARG B 152 -9.18 -25.19 -42.26
C ARG B 152 -9.93 -25.41 -41.00
N GLU B 153 -11.25 -25.43 -41.09
CA GLU B 153 -12.12 -25.47 -39.91
C GLU B 153 -12.09 -26.83 -39.14
N VAL B 154 -11.51 -27.88 -39.73
CA VAL B 154 -11.29 -29.11 -38.97
C VAL B 154 -10.30 -28.78 -37.84
N ASN B 155 -9.46 -27.78 -38.07
CA ASN B 155 -8.51 -27.35 -37.09
C ASN B 155 -9.12 -26.70 -35.87
N ALA B 156 -10.14 -25.86 -36.07
CA ALA B 156 -10.86 -25.24 -34.96
C ALA B 156 -11.41 -26.34 -34.07
N VAL B 157 -12.02 -27.34 -34.69
CA VAL B 157 -12.58 -28.48 -33.96
C VAL B 157 -11.49 -29.21 -33.16
N ASP B 158 -10.42 -29.65 -33.82
CA ASP B 158 -9.33 -30.38 -33.17
C ASP B 158 -8.80 -29.60 -31.96
N SER B 159 -8.70 -28.29 -32.17
CA SER B 159 -8.35 -27.35 -31.15
C SER B 159 -9.43 -27.29 -30.05
N GLU B 160 -10.71 -27.19 -30.42
CA GLU B 160 -11.82 -27.25 -29.45
C GLU B 160 -11.81 -28.55 -28.62
N HIS B 161 -11.37 -29.66 -29.20
CA HIS B 161 -11.27 -30.89 -28.46
C HIS B 161 -10.12 -30.75 -27.49
N GLU B 162 -8.92 -30.49 -28.04
CA GLU B 162 -7.67 -30.40 -27.24
C GLU B 162 -7.91 -29.61 -25.94
N LYS B 163 -8.54 -28.46 -26.09
CA LYS B 163 -8.99 -27.66 -24.98
C LYS B 163 -9.65 -28.49 -23.87
N ASN B 164 -10.65 -29.31 -24.17
CA ASN B 164 -11.32 -30.06 -23.08
C ASN B 164 -10.67 -31.39 -22.85
N VAL B 165 -9.61 -31.74 -23.55
CA VAL B 165 -8.89 -33.02 -23.25
C VAL B 165 -8.44 -33.11 -21.78
N MET B 166 -7.86 -32.02 -21.32
CA MET B 166 -7.36 -31.95 -19.96
C MET B 166 -8.40 -31.40 -18.96
N ASN B 167 -9.61 -31.07 -19.45
CA ASN B 167 -10.70 -30.72 -18.56
C ASN B 167 -11.40 -31.91 -17.92
N ASP B 168 -11.35 -31.97 -16.60
CA ASP B 168 -11.89 -33.08 -15.82
C ASP B 168 -13.36 -33.42 -15.96
N ALA B 169 -14.20 -32.43 -16.27
CA ALA B 169 -15.65 -32.60 -16.48
C ALA B 169 -15.94 -33.44 -17.74
N TRP B 170 -15.18 -33.16 -18.80
CA TRP B 170 -15.28 -33.89 -20.03
C TRP B 170 -14.66 -35.29 -19.94
N ARG B 171 -13.47 -35.38 -19.37
CA ARG B 171 -12.86 -36.71 -19.13
C ARG B 171 -13.88 -37.68 -18.59
N LEU B 172 -14.59 -37.25 -17.55
CA LEU B 172 -15.68 -38.01 -16.93
C LEU B 172 -16.86 -38.22 -17.85
N PHE B 173 -17.35 -37.12 -18.39
CA PHE B 173 -18.50 -37.13 -19.23
C PHE B 173 -18.36 -38.23 -20.22
N GLN B 174 -17.20 -38.27 -20.87
CA GLN B 174 -16.89 -39.27 -21.91
C GLN B 174 -16.51 -40.61 -21.36
N LEU B 175 -16.05 -40.68 -20.12
CA LEU B 175 -15.75 -41.97 -19.53
C LEU B 175 -17.04 -42.74 -19.22
N GLU B 176 -18.01 -42.09 -18.57
CA GLU B 176 -19.36 -42.67 -18.46
C GLU B 176 -19.81 -43.25 -19.84
N LYS B 177 -19.69 -42.48 -20.91
CA LYS B 177 -20.07 -42.99 -22.22
C LYS B 177 -19.32 -44.27 -22.59
N ALA B 178 -18.02 -44.27 -22.40
CA ALA B 178 -17.19 -45.38 -22.84
C ALA B 178 -17.17 -46.60 -21.87
N THR B 179 -18.18 -46.73 -21.01
CA THR B 179 -18.24 -47.87 -20.05
C THR B 179 -19.60 -48.55 -19.95
N GLY B 180 -20.53 -48.13 -20.79
CA GLY B 180 -21.74 -48.89 -21.03
C GLY B 180 -21.63 -49.51 -22.40
N ASN B 181 -22.70 -50.19 -22.83
CA ASN B 181 -22.74 -50.87 -24.12
C ASN B 181 -21.92 -50.16 -25.24
N PRO B 182 -20.90 -50.85 -25.82
CA PRO B 182 -20.23 -50.14 -26.92
C PRO B 182 -21.02 -50.19 -28.24
N LYS B 183 -22.02 -51.07 -28.33
CA LYS B 183 -22.81 -51.12 -29.55
C LYS B 183 -23.81 -49.96 -29.60
N HIS B 184 -24.21 -49.48 -28.42
CA HIS B 184 -25.05 -48.27 -28.26
C HIS B 184 -24.43 -46.96 -28.81
N PRO B 185 -25.22 -46.21 -29.63
CA PRO B 185 -24.77 -44.90 -30.09
C PRO B 185 -24.37 -43.95 -28.96
N PHE B 186 -24.76 -44.24 -27.72
CA PHE B 186 -24.38 -43.41 -26.59
C PHE B 186 -22.86 -43.36 -26.38
N SER B 187 -22.15 -44.43 -26.75
CA SER B 187 -20.69 -44.47 -26.56
C SER B 187 -19.93 -43.56 -27.51
N LYS B 188 -20.63 -42.91 -28.43
CA LYS B 188 -19.97 -42.17 -29.49
C LYS B 188 -19.16 -41.02 -28.99
N PHE B 189 -18.06 -40.73 -29.67
CA PHE B 189 -17.32 -39.50 -29.42
C PHE B 189 -18.05 -38.32 -30.08
N GLY B 190 -18.45 -37.33 -29.29
CA GLY B 190 -19.26 -36.22 -29.76
C GLY B 190 -18.53 -35.09 -30.47
N THR B 191 -17.54 -34.50 -29.80
CA THR B 191 -16.76 -33.41 -30.36
C THR B 191 -16.07 -33.73 -31.69
N GLY B 192 -15.36 -34.86 -31.74
CA GLY B 192 -14.51 -35.20 -32.89
C GLY B 192 -13.24 -34.37 -32.95
N ASN B 193 -12.32 -34.79 -33.80
CA ASN B 193 -11.05 -34.10 -33.94
C ASN B 193 -10.35 -34.37 -35.27
N LYS B 194 -9.19 -33.75 -35.47
CA LYS B 194 -8.43 -33.93 -36.69
C LYS B 194 -8.33 -35.40 -37.10
N TYR B 195 -8.14 -36.29 -36.14
CA TYR B 195 -8.02 -37.66 -36.55
C TYR B 195 -9.36 -38.21 -37.05
N THR B 196 -10.46 -37.99 -36.35
CA THR B 196 -11.70 -38.67 -36.74
C THR B 196 -12.36 -38.01 -37.93
N LEU B 197 -12.08 -36.71 -38.08
CA LEU B 197 -12.64 -35.86 -39.14
C LEU B 197 -11.73 -35.81 -40.37
N GLU B 198 -10.43 -36.05 -40.21
CA GLU B 198 -9.52 -35.97 -41.36
C GLU B 198 -8.54 -37.16 -41.51
N THR B 199 -7.51 -37.24 -40.68
CA THR B 199 -6.49 -38.29 -40.84
C THR B 199 -7.10 -39.65 -41.14
N ARG B 200 -8.09 -40.04 -40.35
CA ARG B 200 -8.64 -41.40 -40.40
C ARG B 200 -9.60 -41.64 -41.57
N PRO B 201 -10.44 -40.65 -41.95
CA PRO B 201 -11.17 -40.77 -43.19
C PRO B 201 -10.33 -40.81 -44.46
N ASN B 202 -9.20 -40.11 -44.52
CA ASN B 202 -8.32 -40.23 -45.69
C ASN B 202 -7.61 -41.54 -45.76
N GLN B 203 -7.36 -42.15 -44.61
CA GLN B 203 -6.84 -43.49 -44.54
C GLN B 203 -7.84 -44.42 -45.17
N GLU B 204 -9.08 -44.34 -44.71
CA GLU B 204 -10.16 -45.23 -45.09
C GLU B 204 -10.74 -44.87 -46.46
N GLY B 205 -10.14 -43.89 -47.13
CA GLY B 205 -10.62 -43.40 -48.43
C GLY B 205 -12.03 -42.81 -48.45
N ILE B 206 -12.60 -42.46 -47.30
CA ILE B 206 -13.87 -41.72 -47.28
C ILE B 206 -13.62 -40.25 -47.58
N ASP B 207 -14.50 -39.64 -48.39
CA ASP B 207 -14.42 -38.20 -48.64
C ASP B 207 -15.42 -37.43 -47.78
N VAL B 208 -14.89 -36.46 -47.03
CA VAL B 208 -15.63 -35.83 -45.96
C VAL B 208 -16.69 -34.78 -46.42
N ARG B 209 -16.29 -33.82 -47.26
CA ARG B 209 -17.25 -32.86 -47.81
C ARG B 209 -18.52 -33.57 -48.29
N GLN B 210 -18.27 -34.68 -48.96
CA GLN B 210 -19.29 -35.51 -49.47
C GLN B 210 -20.17 -35.98 -48.31
N GLU B 211 -19.60 -36.71 -47.36
CA GLU B 211 -20.36 -37.25 -46.22
C GLU B 211 -21.12 -36.15 -45.47
N LEU B 212 -20.51 -34.97 -45.33
CA LEU B 212 -21.16 -33.78 -44.74
C LEU B 212 -22.46 -33.48 -45.48
N LEU B 213 -22.34 -33.36 -46.81
CA LEU B 213 -23.50 -33.13 -47.67
C LEU B 213 -24.55 -34.23 -47.56
N LYS B 214 -24.11 -35.49 -47.55
CA LYS B 214 -25.02 -36.59 -47.32
C LYS B 214 -25.77 -36.35 -46.04
N PHE B 215 -25.02 -36.07 -44.98
CA PHE B 215 -25.58 -35.96 -43.64
C PHE B 215 -26.62 -34.84 -43.57
N HIS B 216 -26.21 -33.66 -44.05
CA HIS B 216 -27.07 -32.47 -44.08
C HIS B 216 -28.34 -32.76 -44.88
N SER B 217 -28.14 -33.37 -46.03
CA SER B 217 -29.17 -33.70 -46.93
C SER B 217 -30.13 -34.76 -46.35
N ALA B 218 -29.56 -35.71 -45.61
CA ALA B 218 -30.29 -36.86 -45.05
C ALA B 218 -31.12 -36.46 -43.83
N TYR B 219 -30.63 -35.47 -43.05
CA TYR B 219 -31.19 -35.21 -41.71
C TYR B 219 -31.63 -33.76 -41.44
N TYR B 220 -31.04 -32.79 -42.10
CA TYR B 220 -31.57 -31.46 -41.95
C TYR B 220 -32.90 -31.37 -42.72
N SER B 221 -33.93 -31.98 -42.15
CA SER B 221 -35.21 -32.05 -42.81
C SER B 221 -36.19 -31.19 -42.08
N SER B 222 -37.06 -30.53 -42.82
CA SER B 222 -38.02 -29.62 -42.22
C SER B 222 -38.92 -30.20 -41.13
N ASN B 223 -39.25 -31.49 -41.16
CA ASN B 223 -40.09 -32.02 -40.09
C ASN B 223 -39.35 -32.14 -38.76
N LEU B 224 -38.03 -32.19 -38.80
CA LEU B 224 -37.21 -32.22 -37.59
C LEU B 224 -36.78 -30.81 -37.13
N MET B 225 -37.31 -29.77 -37.76
CA MET B 225 -36.87 -28.44 -37.40
C MET B 225 -37.96 -27.70 -36.67
N ALA B 226 -37.53 -26.79 -35.79
CA ALA B 226 -38.38 -25.83 -35.11
C ALA B 226 -37.73 -24.46 -35.15
N VAL B 227 -38.53 -23.41 -35.34
CA VAL B 227 -37.97 -22.08 -35.48
C VAL B 227 -38.64 -21.11 -34.54
N VAL B 228 -37.85 -20.19 -33.96
CA VAL B 228 -38.37 -19.06 -33.19
C VAL B 228 -37.77 -17.77 -33.74
N VAL B 229 -38.65 -16.80 -33.96
CA VAL B 229 -38.28 -15.49 -34.46
C VAL B 229 -38.98 -14.44 -33.60
N LEU B 230 -38.18 -13.55 -33.03
CA LEU B 230 -38.65 -12.50 -32.17
C LEU B 230 -38.25 -11.22 -32.83
N GLY B 231 -39.20 -10.31 -32.92
CA GLY B 231 -38.87 -9.02 -33.43
C GLY B 231 -39.88 -7.98 -33.08
N ARG B 232 -39.56 -6.79 -33.55
CA ARG B 232 -40.37 -5.62 -33.36
C ARG B 232 -41.62 -5.53 -34.28
N GLU B 233 -41.78 -6.45 -35.22
CA GLU B 233 -42.78 -6.28 -36.22
C GLU B 233 -44.07 -6.92 -35.76
N SER B 234 -45.22 -6.47 -36.25
CA SER B 234 -46.49 -7.13 -35.95
C SER B 234 -46.40 -8.61 -36.29
N LEU B 235 -47.16 -9.45 -35.59
CA LEU B 235 -47.19 -10.90 -35.81
C LEU B 235 -47.49 -11.27 -37.28
N ASP B 236 -48.55 -10.71 -37.88
CA ASP B 236 -48.84 -10.94 -39.31
C ASP B 236 -47.65 -10.65 -40.22
N ASP B 237 -47.00 -9.50 -40.05
CA ASP B 237 -45.73 -9.22 -40.72
C ASP B 237 -44.66 -10.29 -40.52
N LEU B 238 -44.36 -10.62 -39.26
CA LEU B 238 -43.40 -11.66 -38.92
C LEU B 238 -43.79 -12.99 -39.50
N THR B 239 -45.09 -13.24 -39.64
CA THR B 239 -45.55 -14.50 -40.24
C THR B 239 -45.20 -14.55 -41.73
N ASN B 240 -45.49 -13.46 -42.44
CA ASN B 240 -45.20 -13.41 -43.89
C ASN B 240 -43.71 -13.68 -44.15
N LEU B 241 -42.88 -12.94 -43.40
CA LEU B 241 -41.43 -13.05 -43.42
C LEU B 241 -40.87 -14.46 -43.28
N VAL B 242 -41.45 -15.24 -42.35
CA VAL B 242 -40.98 -16.60 -42.09
C VAL B 242 -41.22 -17.52 -43.28
N VAL B 243 -42.46 -17.51 -43.79
CA VAL B 243 -42.90 -18.34 -44.92
C VAL B 243 -42.03 -18.03 -46.13
N LYS B 244 -41.87 -16.74 -46.38
CA LYS B 244 -40.98 -16.24 -47.39
C LYS B 244 -39.64 -16.99 -47.38
N LEU B 245 -39.06 -17.20 -46.19
CA LEU B 245 -37.66 -17.69 -46.08
C LEU B 245 -37.48 -19.17 -45.71
N PHE B 246 -38.56 -19.86 -45.37
CA PHE B 246 -38.46 -21.17 -44.72
C PHE B 246 -39.34 -22.30 -45.24
N SER B 247 -40.40 -21.99 -45.98
CA SER B 247 -41.31 -23.05 -46.49
C SER B 247 -40.65 -23.70 -47.70
N GLU B 248 -39.57 -23.06 -48.15
CA GLU B 248 -38.64 -23.67 -49.09
C GLU B 248 -37.77 -24.81 -48.49
N VAL B 249 -37.68 -24.95 -47.17
CA VAL B 249 -36.98 -26.11 -46.59
C VAL B 249 -37.75 -27.41 -46.92
N GLU B 250 -37.04 -28.40 -47.47
CA GLU B 250 -37.65 -29.68 -47.93
C GLU B 250 -38.06 -30.57 -46.78
N ASN B 251 -39.07 -31.41 -47.00
CA ASN B 251 -39.48 -32.35 -45.98
C ASN B 251 -39.10 -33.79 -46.34
N LYS B 252 -37.83 -34.18 -46.09
CA LYS B 252 -37.38 -35.54 -46.40
C LYS B 252 -38.14 -36.56 -45.53
N ASN B 253 -39.05 -36.05 -44.71
CA ASN B 253 -39.91 -36.88 -43.91
C ASN B 253 -39.15 -37.89 -43.07
N VAL B 254 -38.13 -37.40 -42.38
CA VAL B 254 -37.17 -38.25 -41.69
C VAL B 254 -37.77 -38.79 -40.40
N PRO B 255 -37.72 -40.12 -40.20
CA PRO B 255 -38.11 -40.68 -38.90
C PRO B 255 -37.17 -40.20 -37.78
N LEU B 256 -37.75 -39.71 -36.68
CA LEU B 256 -37.00 -39.15 -35.54
C LEU B 256 -36.43 -40.27 -34.68
N PRO B 257 -35.09 -40.29 -34.51
CA PRO B 257 -34.35 -41.41 -33.91
C PRO B 257 -34.74 -41.65 -32.47
N GLU B 258 -35.02 -42.89 -32.11
CA GLU B 258 -35.41 -43.28 -30.74
C GLU B 258 -34.29 -44.23 -30.31
N PHE B 259 -34.02 -44.33 -29.00
CA PHE B 259 -33.03 -45.28 -28.45
C PHE B 259 -33.67 -45.93 -27.28
N PRO B 260 -34.51 -46.95 -27.52
CA PRO B 260 -35.33 -47.44 -26.41
C PRO B 260 -34.54 -48.36 -25.49
N GLU B 261 -33.39 -48.85 -25.92
CA GLU B 261 -32.52 -49.67 -25.09
C GLU B 261 -31.54 -48.81 -24.25
N HIS B 262 -31.44 -49.11 -22.96
CA HIS B 262 -30.57 -48.33 -22.10
C HIS B 262 -29.12 -48.70 -22.28
N PRO B 263 -28.23 -47.70 -22.48
CA PRO B 263 -26.84 -48.02 -22.67
C PRO B 263 -26.26 -48.69 -21.47
N PHE B 264 -26.93 -48.60 -20.33
CA PHE B 264 -26.51 -49.40 -19.19
C PHE B 264 -27.42 -50.59 -19.06
N GLN B 265 -26.89 -51.74 -19.42
CA GLN B 265 -27.62 -52.99 -19.37
C GLN B 265 -27.23 -53.77 -18.10
N GLU B 266 -27.67 -55.03 -18.03
CA GLU B 266 -27.34 -55.96 -16.96
C GLU B 266 -25.87 -55.98 -16.41
N GLU B 267 -24.90 -56.21 -17.29
CA GLU B 267 -23.48 -56.30 -16.93
C GLU B 267 -22.84 -54.96 -16.61
N HIS B 268 -23.57 -53.89 -16.91
CA HIS B 268 -23.08 -52.54 -16.68
C HIS B 268 -23.48 -51.99 -15.32
N LEU B 269 -23.93 -52.89 -14.45
CA LEU B 269 -24.50 -52.48 -13.20
C LEU B 269 -23.83 -53.22 -12.06
N LYS B 270 -23.97 -52.65 -10.86
CA LYS B 270 -23.24 -53.02 -9.63
C LYS B 270 -21.74 -52.98 -9.90
N GLN B 271 -21.31 -52.00 -10.71
CA GLN B 271 -19.92 -51.79 -11.10
C GLN B 271 -19.38 -50.61 -10.35
N LEU B 272 -18.08 -50.66 -10.03
CA LEU B 272 -17.40 -49.58 -9.33
C LEU B 272 -16.23 -49.13 -10.21
N TYR B 273 -16.11 -47.81 -10.46
CA TYR B 273 -15.06 -47.22 -11.30
C TYR B 273 -14.17 -46.34 -10.45
N LYS B 274 -12.89 -46.67 -10.33
CA LYS B 274 -11.90 -45.85 -9.63
C LYS B 274 -11.08 -45.11 -10.69
N ILE B 275 -11.01 -43.79 -10.57
CA ILE B 275 -10.56 -42.91 -11.67
C ILE B 275 -9.64 -41.78 -11.24
N VAL B 276 -8.50 -41.68 -11.91
CA VAL B 276 -7.55 -40.58 -11.71
C VAL B 276 -8.00 -39.26 -12.40
N PRO B 277 -8.19 -38.18 -11.61
CA PRO B 277 -8.44 -36.87 -12.17
C PRO B 277 -7.18 -36.18 -12.66
N ILE B 278 -7.33 -34.98 -13.18
CA ILE B 278 -6.21 -34.10 -13.50
C ILE B 278 -5.96 -33.15 -12.34
N LYS B 279 -6.97 -32.34 -12.00
CA LYS B 279 -6.92 -31.59 -10.76
C LYS B 279 -6.92 -32.53 -9.53
N ASP B 280 -6.57 -31.98 -8.37
CA ASP B 280 -6.71 -32.73 -7.14
C ASP B 280 -8.11 -32.49 -6.59
N ILE B 281 -9.02 -33.41 -6.93
CA ILE B 281 -10.41 -33.31 -6.53
C ILE B 281 -10.84 -34.67 -6.05
N ARG B 282 -11.79 -34.71 -5.13
CA ARG B 282 -12.32 -36.01 -4.67
C ARG B 282 -13.82 -36.06 -4.88
N ASN B 283 -14.33 -36.90 -5.78
CA ASN B 283 -15.79 -37.01 -5.98
C ASN B 283 -16.34 -38.41 -5.93
N LEU B 284 -17.61 -38.51 -5.55
CA LEU B 284 -18.29 -39.77 -5.66
C LEU B 284 -19.47 -39.58 -6.57
N TYR B 285 -19.52 -40.36 -7.64
CA TYR B 285 -20.63 -40.30 -8.58
C TYR B 285 -21.40 -41.56 -8.48
N VAL B 286 -22.68 -41.44 -8.07
CA VAL B 286 -23.63 -42.54 -8.09
C VAL B 286 -24.71 -42.29 -9.15
N THR B 287 -25.07 -43.35 -9.86
CA THR B 287 -25.91 -43.23 -11.04
C THR B 287 -26.87 -44.39 -11.06
N PHE B 288 -28.06 -44.14 -11.57
CA PHE B 288 -29.02 -45.20 -11.74
C PHE B 288 -29.59 -45.04 -13.10
N PRO B 289 -29.52 -46.11 -13.90
CA PRO B 289 -30.26 -46.14 -15.16
C PRO B 289 -31.75 -46.07 -14.86
N ILE B 290 -32.48 -45.29 -15.67
CA ILE B 290 -33.95 -45.13 -15.55
C ILE B 290 -34.62 -44.97 -16.93
N PRO B 291 -35.89 -45.42 -17.06
CA PRO B 291 -36.65 -45.13 -18.30
C PRO B 291 -36.76 -43.63 -18.57
N ASP B 292 -36.97 -43.26 -19.83
CA ASP B 292 -37.21 -41.86 -20.20
C ASP B 292 -38.48 -41.27 -19.54
N LEU B 293 -38.33 -40.18 -18.80
CA LEU B 293 -39.47 -39.58 -18.09
C LEU B 293 -40.10 -38.39 -18.81
N GLN B 294 -39.53 -38.00 -19.94
CA GLN B 294 -39.99 -36.81 -20.65
C GLN B 294 -41.51 -36.85 -20.84
N LYS B 295 -42.02 -37.99 -21.29
CA LYS B 295 -43.46 -38.10 -21.52
C LYS B 295 -44.32 -37.80 -20.27
N TYR B 296 -43.75 -38.00 -19.09
CA TYR B 296 -44.42 -37.69 -17.82
C TYR B 296 -44.29 -36.26 -17.33
N TYR B 297 -43.91 -35.33 -18.21
CA TYR B 297 -43.54 -34.00 -17.78
C TYR B 297 -44.58 -33.28 -16.92
N LYS B 298 -45.86 -33.64 -17.12
CA LYS B 298 -47.00 -33.08 -16.36
C LYS B 298 -46.80 -33.28 -14.86
N SER B 299 -46.52 -34.51 -14.44
CA SER B 299 -46.32 -34.84 -13.03
C SER B 299 -44.84 -34.89 -12.57
N ASN B 300 -43.94 -34.75 -13.53
CA ASN B 300 -42.50 -34.64 -13.34
C ASN B 300 -41.99 -35.41 -12.15
N PRO B 301 -42.14 -36.75 -12.14
CA PRO B 301 -41.82 -37.43 -10.90
C PRO B 301 -40.34 -37.34 -10.46
N GLY B 302 -39.40 -37.43 -11.39
CA GLY B 302 -37.95 -37.37 -11.06
C GLY B 302 -37.50 -36.04 -10.48
N HIS B 303 -38.14 -34.97 -10.95
CA HIS B 303 -37.91 -33.68 -10.39
C HIS B 303 -38.34 -33.68 -8.93
N TYR B 304 -39.43 -34.34 -8.63
CA TYR B 304 -39.88 -34.48 -7.24
C TYR B 304 -38.87 -35.26 -6.34
N LEU B 305 -38.23 -36.27 -6.89
CA LEU B 305 -37.23 -36.99 -6.11
C LEU B 305 -35.92 -36.22 -6.04
N GLY B 306 -35.58 -35.55 -7.14
CA GLY B 306 -34.39 -34.71 -7.13
C GLY B 306 -34.56 -33.68 -6.03
N HIS B 307 -35.72 -33.06 -5.97
CA HIS B 307 -35.98 -32.08 -4.93
C HIS B 307 -35.68 -32.67 -3.54
N LEU B 308 -36.22 -33.84 -3.25
CA LEU B 308 -36.03 -34.42 -1.94
C LEU B 308 -34.59 -34.91 -1.66
N ILE B 309 -34.04 -35.73 -2.55
CA ILE B 309 -32.66 -36.20 -2.37
C ILE B 309 -31.70 -35.01 -2.41
N GLY B 310 -32.02 -34.01 -3.20
CA GLY B 310 -31.13 -32.89 -3.41
C GLY B 310 -31.20 -31.82 -2.37
N HIS B 311 -32.15 -31.94 -1.46
CA HIS B 311 -32.43 -30.88 -0.49
C HIS B 311 -31.21 -30.72 0.40
N GLU B 312 -30.98 -29.50 0.90
CA GLU B 312 -29.83 -29.20 1.77
C GLU B 312 -30.20 -28.63 3.17
N GLY B 313 -31.45 -28.75 3.56
CA GLY B 313 -31.91 -28.21 4.84
C GLY B 313 -31.89 -29.26 5.93
N PRO B 314 -32.36 -28.90 7.14
CA PRO B 314 -32.33 -29.79 8.29
C PRO B 314 -32.81 -31.19 7.94
N GLY B 315 -32.13 -32.23 8.41
CA GLY B 315 -32.62 -33.59 8.27
C GLY B 315 -32.50 -34.14 6.88
N SER B 316 -31.86 -33.37 5.99
CA SER B 316 -31.61 -33.82 4.60
C SER B 316 -30.37 -34.69 4.49
N LEU B 317 -30.32 -35.55 3.48
CA LEU B 317 -29.16 -36.41 3.27
C LEU B 317 -27.81 -35.68 3.27
N LEU B 318 -27.71 -34.54 2.59
CA LEU B 318 -26.48 -33.79 2.63
C LEU B 318 -26.20 -33.39 4.06
N SER B 319 -27.22 -33.02 4.83
CA SER B 319 -26.96 -32.56 6.21
C SER B 319 -26.28 -33.57 7.12
N GLU B 320 -26.85 -34.77 7.22
CA GLU B 320 -26.17 -35.87 7.88
C GLU B 320 -24.76 -36.16 7.35
N LEU B 321 -24.58 -36.25 6.03
CA LEU B 321 -23.26 -36.51 5.44
C LEU B 321 -22.24 -35.39 5.67
N LYS B 322 -22.74 -34.17 5.76
CA LYS B 322 -21.89 -33.04 6.06
C LYS B 322 -21.51 -33.07 7.54
N SER B 323 -22.40 -33.58 8.39
CA SER B 323 -22.12 -33.72 9.82
C SER B 323 -21.12 -34.81 10.13
N LYS B 324 -21.35 -36.02 9.65
CA LYS B 324 -20.38 -37.09 9.78
C LYS B 324 -19.05 -36.63 9.17
N GLY B 325 -19.01 -35.37 8.71
CA GLY B 325 -17.86 -34.72 8.03
C GLY B 325 -17.32 -35.45 6.80
N TRP B 326 -18.19 -35.87 5.88
CA TRP B 326 -17.75 -36.66 4.73
C TRP B 326 -17.88 -36.00 3.36
N VAL B 327 -18.94 -35.22 3.19
CA VAL B 327 -19.10 -34.48 1.96
C VAL B 327 -19.21 -32.99 2.27
N ASN B 328 -18.92 -32.18 1.26
CA ASN B 328 -19.14 -30.75 1.35
C ASN B 328 -20.41 -30.33 0.61
N THR B 329 -20.64 -30.97 -0.53
CA THR B 329 -21.69 -30.57 -1.45
C THR B 329 -22.32 -31.83 -2.06
N LEU B 330 -23.61 -31.75 -2.35
CA LEU B 330 -24.34 -32.86 -2.95
C LEU B 330 -25.24 -32.34 -4.04
N VAL B 331 -25.27 -33.04 -5.17
CA VAL B 331 -26.11 -32.71 -6.31
C VAL B 331 -26.84 -33.99 -6.69
N GLY B 332 -28.17 -33.93 -6.78
CA GLY B 332 -28.96 -35.12 -7.08
C GLY B 332 -30.16 -34.85 -7.94
N GLY B 333 -30.73 -35.87 -8.56
CA GLY B 333 -31.86 -35.64 -9.44
C GLY B 333 -31.68 -36.33 -10.77
N GLN B 334 -32.57 -36.01 -11.70
CA GLN B 334 -32.56 -36.68 -12.98
C GLN B 334 -31.63 -35.99 -13.96
N LYS B 335 -31.07 -36.76 -14.88
CA LYS B 335 -30.11 -36.28 -15.85
C LYS B 335 -30.65 -36.71 -17.19
N GLU B 336 -30.83 -35.75 -18.11
CA GLU B 336 -31.36 -36.04 -19.46
C GLU B 336 -30.39 -37.01 -20.11
N GLY B 337 -30.91 -37.95 -20.88
CA GLY B 337 -30.06 -38.91 -21.57
C GLY B 337 -30.29 -38.82 -23.08
N ALA B 338 -31.46 -39.25 -23.52
CA ALA B 338 -31.98 -39.09 -24.88
C ALA B 338 -33.42 -39.64 -24.91
N ARG B 339 -34.07 -39.65 -26.08
CA ARG B 339 -35.38 -40.29 -26.21
C ARG B 339 -35.21 -41.78 -25.94
N GLY B 340 -35.83 -42.28 -24.87
CA GLY B 340 -35.72 -43.69 -24.57
C GLY B 340 -35.05 -43.99 -23.25
N PHE B 341 -34.05 -43.21 -22.85
CA PHE B 341 -33.33 -43.47 -21.58
C PHE B 341 -32.90 -42.18 -20.88
N MET B 342 -32.71 -42.25 -19.56
CA MET B 342 -32.34 -41.12 -18.70
C MET B 342 -31.56 -41.62 -17.50
N PHE B 343 -31.11 -40.71 -16.66
CA PHE B 343 -30.40 -41.13 -15.47
C PHE B 343 -30.93 -40.48 -14.24
N PHE B 344 -30.64 -41.10 -13.11
CA PHE B 344 -30.81 -40.46 -11.86
C PHE B 344 -29.47 -40.54 -11.20
N ILE B 345 -29.02 -39.42 -10.67
CA ILE B 345 -27.72 -39.39 -10.04
C ILE B 345 -27.72 -38.75 -8.68
N ILE B 346 -26.76 -39.16 -7.88
CA ILE B 346 -26.40 -38.47 -6.67
C ILE B 346 -24.91 -38.33 -6.70
N ASN B 347 -24.44 -37.10 -6.67
CA ASN B 347 -23.00 -36.83 -6.68
C ASN B 347 -22.61 -36.03 -5.50
N VAL B 348 -21.46 -36.35 -4.95
CA VAL B 348 -20.93 -35.58 -3.87
C VAL B 348 -19.47 -35.32 -4.18
N ASP B 349 -18.89 -34.36 -3.49
CA ASP B 349 -17.46 -34.35 -3.35
C ASP B 349 -17.08 -34.94 -1.95
N LEU B 350 -15.85 -35.38 -1.77
CA LEU B 350 -15.50 -36.00 -0.52
C LEU B 350 -14.37 -35.24 0.17
N THR B 351 -14.36 -35.32 1.50
CA THR B 351 -13.25 -34.84 2.29
C THR B 351 -12.32 -36.03 2.41
N GLU B 352 -11.11 -35.81 2.92
CA GLU B 352 -10.13 -36.91 3.10
C GLU B 352 -10.78 -38.01 3.90
N GLU B 353 -11.47 -37.62 4.96
CA GLU B 353 -12.36 -38.52 5.68
C GLU B 353 -13.32 -39.26 4.77
N GLY B 354 -14.13 -38.54 4.02
CA GLY B 354 -15.14 -39.13 3.17
C GLY B 354 -14.58 -40.12 2.17
N LEU B 355 -13.37 -39.87 1.70
CA LEU B 355 -12.75 -40.78 0.73
C LEU B 355 -12.49 -42.14 1.34
N LEU B 356 -12.13 -42.15 2.63
CA LEU B 356 -11.93 -43.41 3.36
C LEU B 356 -13.25 -44.14 3.72
N HIS B 357 -14.36 -43.42 3.80
CA HIS B 357 -15.62 -44.02 4.17
C HIS B 357 -16.60 -43.95 3.02
N VAL B 358 -16.29 -44.49 1.84
CA VAL B 358 -17.28 -44.46 0.72
C VAL B 358 -18.43 -45.49 0.82
N GLU B 359 -18.10 -46.74 1.14
CA GLU B 359 -19.13 -47.74 1.45
C GLU B 359 -20.20 -47.15 2.36
N ASP B 360 -19.76 -46.50 3.46
CA ASP B 360 -20.68 -45.82 4.37
C ASP B 360 -21.56 -44.74 3.72
N ILE B 361 -20.95 -43.87 2.90
CA ILE B 361 -21.68 -42.71 2.34
C ILE B 361 -22.84 -43.19 1.54
N ILE B 362 -22.55 -44.14 0.65
CA ILE B 362 -23.57 -44.79 -0.17
C ILE B 362 -24.67 -45.43 0.67
N LEU B 363 -24.30 -46.15 1.72
CA LEU B 363 -25.29 -46.73 2.63
C LEU B 363 -26.26 -45.66 3.08
N HIS B 364 -25.75 -44.66 3.78
CA HIS B 364 -26.52 -43.46 4.12
C HIS B 364 -27.41 -42.98 2.95
N MET B 365 -26.95 -43.09 1.70
CA MET B 365 -27.79 -42.70 0.58
C MET B 365 -29.00 -43.61 0.51
N PHE B 366 -28.75 -44.90 0.58
CA PHE B 366 -29.82 -45.84 0.46
C PHE B 366 -30.76 -45.83 1.65
N GLN B 367 -30.27 -45.45 2.81
CA GLN B 367 -31.16 -45.22 3.93
C GLN B 367 -32.10 -44.06 3.64
N TYR B 368 -31.60 -43.00 2.98
CA TYR B 368 -32.47 -41.87 2.68
C TYR B 368 -33.47 -42.32 1.65
N ILE B 369 -33.05 -43.15 0.72
CA ILE B 369 -33.98 -43.55 -0.29
C ILE B 369 -34.99 -44.45 0.38
N GLN B 370 -34.52 -45.31 1.28
CA GLN B 370 -35.37 -46.22 2.05
C GLN B 370 -36.40 -45.47 2.93
N LYS B 371 -36.02 -44.29 3.43
CA LYS B 371 -36.92 -43.41 4.15
C LYS B 371 -38.02 -42.87 3.25
N LEU B 372 -37.68 -42.49 2.02
CA LEU B 372 -38.70 -41.91 1.15
C LEU B 372 -39.69 -43.00 0.85
N ARG B 373 -39.18 -44.20 0.55
CA ARG B 373 -40.02 -45.38 0.36
C ARG B 373 -41.03 -45.59 1.49
N ALA B 374 -40.58 -45.46 2.74
CA ALA B 374 -41.42 -45.76 3.91
C ALA B 374 -42.45 -44.69 4.36
N GLU B 375 -42.39 -43.50 3.79
CA GLU B 375 -43.37 -42.48 4.14
C GLU B 375 -44.30 -42.31 2.97
N GLY B 376 -43.94 -42.94 1.84
CA GLY B 376 -44.68 -42.81 0.60
C GLY B 376 -44.73 -41.34 0.14
N PRO B 377 -45.16 -41.11 -1.11
CA PRO B 377 -45.12 -39.78 -1.70
C PRO B 377 -45.87 -38.73 -0.92
N GLN B 378 -45.28 -37.54 -0.78
CA GLN B 378 -45.92 -36.46 -0.04
C GLN B 378 -46.53 -35.46 -1.00
N GLU B 379 -47.85 -35.27 -0.89
CA GLU B 379 -48.60 -34.36 -1.77
C GLU B 379 -48.30 -32.95 -1.40
N TRP B 380 -48.16 -32.68 -0.10
CA TRP B 380 -47.94 -31.31 0.35
C TRP B 380 -46.67 -30.75 -0.32
N VAL B 381 -45.70 -31.63 -0.54
CA VAL B 381 -44.41 -31.26 -1.14
C VAL B 381 -44.55 -30.88 -2.59
N PHE B 382 -45.09 -31.79 -3.38
CA PHE B 382 -45.40 -31.49 -4.75
C PHE B 382 -46.23 -30.23 -4.83
N GLN B 383 -47.27 -30.14 -4.01
CA GLN B 383 -48.17 -29.00 -4.05
C GLN B 383 -47.36 -27.73 -3.82
N GLU B 384 -46.43 -27.81 -2.87
CA GLU B 384 -45.55 -26.70 -2.59
C GLU B 384 -44.72 -26.31 -3.81
N LEU B 385 -44.20 -27.32 -4.50
CA LEU B 385 -43.36 -27.12 -5.66
C LEU B 385 -44.15 -26.50 -6.78
N LYS B 386 -45.32 -27.08 -7.09
CA LYS B 386 -46.26 -26.55 -8.08
C LYS B 386 -46.54 -25.04 -7.89
N ASP B 387 -46.78 -24.63 -6.64
CA ASP B 387 -47.06 -23.26 -6.28
C ASP B 387 -45.92 -22.26 -6.49
N LEU B 388 -44.69 -22.69 -6.20
CA LEU B 388 -43.51 -21.88 -6.44
C LEU B 388 -43.29 -21.65 -7.91
N ASN B 389 -43.38 -22.73 -8.69
CA ASN B 389 -43.36 -22.67 -10.14
C ASN B 389 -44.40 -21.68 -10.65
N ALA B 390 -45.61 -21.73 -10.10
CA ALA B 390 -46.67 -20.74 -10.36
C ALA B 390 -46.19 -19.28 -10.31
N VAL B 391 -45.39 -18.97 -9.30
CA VAL B 391 -44.99 -17.61 -8.99
C VAL B 391 -43.76 -17.27 -9.77
N ALA B 392 -42.83 -18.23 -9.80
CA ALA B 392 -41.59 -18.04 -10.53
C ALA B 392 -41.98 -17.63 -11.93
N PHE B 393 -42.91 -18.42 -12.49
CA PHE B 393 -43.42 -18.20 -13.83
C PHE B 393 -44.24 -16.90 -13.98
N ARG B 394 -45.04 -16.58 -12.96
CA ARG B 394 -45.80 -15.37 -13.03
C ARG B 394 -44.84 -14.20 -13.13
N PHE B 395 -43.82 -14.18 -12.29
CA PHE B 395 -42.97 -13.00 -12.12
C PHE B 395 -41.63 -13.10 -12.78
N LYS B 396 -41.57 -13.91 -13.84
CA LYS B 396 -40.32 -14.27 -14.51
C LYS B 396 -39.70 -13.00 -15.08
N ASP B 397 -38.38 -12.89 -15.00
CA ASP B 397 -37.68 -11.73 -15.56
C ASP B 397 -37.79 -11.81 -17.08
N LYS B 398 -37.78 -10.68 -17.77
CA LYS B 398 -37.78 -10.73 -19.22
C LYS B 398 -36.41 -11.16 -19.71
N GLU B 399 -36.38 -12.18 -20.55
CA GLU B 399 -35.12 -12.78 -21.00
C GLU B 399 -34.45 -11.88 -22.04
N ARG B 400 -33.15 -12.00 -22.21
CA ARG B 400 -32.48 -11.42 -23.37
C ARG B 400 -33.00 -12.18 -24.58
N PRO B 401 -33.04 -11.58 -25.79
CA PRO B 401 -33.71 -12.28 -26.89
C PRO B 401 -32.97 -13.52 -27.45
N ARG B 402 -31.67 -13.36 -27.71
CA ARG B 402 -30.86 -14.42 -28.28
C ARG B 402 -31.01 -15.77 -27.57
N GLY B 403 -30.88 -15.78 -26.25
CA GLY B 403 -30.92 -17.01 -25.50
C GLY B 403 -32.32 -17.57 -25.39
N TYR B 404 -33.33 -16.68 -25.44
CA TYR B 404 -34.77 -17.03 -25.30
C TYR B 404 -35.30 -17.75 -26.53
N THR B 405 -35.04 -17.17 -27.70
CA THR B 405 -35.41 -17.83 -28.95
C THR B 405 -34.78 -19.24 -29.02
N SER B 406 -33.47 -19.30 -28.75
CA SER B 406 -32.69 -20.55 -28.71
C SER B 406 -33.30 -21.62 -27.83
N LYS B 407 -33.65 -21.26 -26.62
CA LYS B 407 -34.25 -22.20 -25.69
C LYS B 407 -35.54 -22.74 -26.28
N ILE B 408 -36.45 -21.83 -26.62
CA ILE B 408 -37.80 -22.14 -27.06
C ILE B 408 -37.73 -22.99 -28.30
N ALA B 409 -36.92 -22.53 -29.26
CA ALA B 409 -36.65 -23.27 -30.46
C ALA B 409 -36.28 -24.72 -30.15
N GLY B 410 -35.58 -24.95 -29.05
CA GLY B 410 -35.23 -26.30 -28.65
C GLY B 410 -36.38 -27.06 -28.00
N ILE B 411 -37.26 -26.36 -27.29
CA ILE B 411 -38.33 -27.05 -26.55
C ILE B 411 -39.66 -27.21 -27.35
N LEU B 412 -39.74 -26.53 -28.50
CA LEU B 412 -40.83 -26.75 -29.46
C LEU B 412 -41.01 -28.21 -29.92
N HIS B 413 -39.94 -29.01 -29.79
CA HIS B 413 -39.96 -30.43 -30.17
C HIS B 413 -40.70 -31.32 -29.13
N TYR B 414 -40.89 -30.83 -27.90
CA TYR B 414 -41.37 -31.70 -26.83
C TYR B 414 -42.74 -31.31 -26.35
N TYR B 415 -43.24 -30.16 -26.81
CA TYR B 415 -44.50 -29.57 -26.33
C TYR B 415 -45.30 -28.94 -27.47
N PRO B 416 -46.65 -29.09 -27.46
CA PRO B 416 -47.52 -28.41 -28.44
C PRO B 416 -47.34 -26.89 -28.38
N LEU B 417 -47.63 -26.16 -29.47
CA LEU B 417 -47.21 -24.76 -29.57
C LEU B 417 -47.81 -23.85 -28.50
N GLU B 418 -48.98 -24.26 -28.03
CA GLU B 418 -49.77 -23.52 -27.06
C GLU B 418 -49.11 -23.61 -25.66
N GLU B 419 -48.46 -24.74 -25.43
CA GLU B 419 -47.87 -25.03 -24.13
C GLU B 419 -46.40 -24.69 -23.99
N VAL B 420 -45.72 -24.15 -25.01
CA VAL B 420 -44.24 -24.04 -24.92
C VAL B 420 -43.76 -23.11 -23.83
N LEU B 421 -44.55 -22.10 -23.53
CA LEU B 421 -44.09 -21.08 -22.62
C LEU B 421 -44.25 -21.53 -21.20
N THR B 422 -45.13 -22.49 -20.97
CA THR B 422 -45.44 -22.93 -19.63
C THR B 422 -44.73 -24.23 -19.32
N ALA B 423 -44.21 -24.85 -20.36
CA ALA B 423 -43.87 -26.26 -20.29
C ALA B 423 -42.78 -26.58 -19.28
N GLU B 424 -41.65 -25.87 -19.33
CA GLU B 424 -40.61 -26.26 -18.37
C GLU B 424 -40.77 -25.51 -17.04
N TYR B 425 -41.96 -24.97 -16.86
CA TYR B 425 -42.25 -24.13 -15.73
C TYR B 425 -43.35 -24.58 -14.82
N LEU B 426 -44.31 -25.35 -15.31
CA LEU B 426 -45.52 -25.57 -14.55
C LEU B 426 -45.86 -27.06 -14.42
N LEU B 427 -45.74 -27.60 -13.20
CA LEU B 427 -46.25 -28.94 -12.83
C LEU B 427 -47.77 -28.92 -12.72
N GLU B 428 -48.40 -30.08 -12.92
CA GLU B 428 -49.89 -30.16 -13.05
C GLU B 428 -50.65 -31.18 -12.16
N GLU B 429 -50.64 -32.47 -12.49
CA GLU B 429 -51.22 -33.48 -11.55
C GLU B 429 -50.18 -34.38 -10.84
N PHE B 430 -50.33 -34.47 -9.54
CA PHE B 430 -49.44 -35.22 -8.66
C PHE B 430 -49.62 -36.71 -8.88
N ARG B 431 -48.56 -37.41 -9.27
CA ARG B 431 -48.75 -38.81 -9.55
C ARG B 431 -47.93 -39.73 -8.68
N PRO B 432 -48.39 -39.95 -7.43
CA PRO B 432 -47.66 -40.71 -6.45
C PRO B 432 -47.30 -42.12 -6.94
N ASP B 433 -47.97 -42.55 -8.01
CA ASP B 433 -47.77 -43.90 -8.61
C ASP B 433 -46.49 -43.95 -9.43
N LEU B 434 -46.15 -42.83 -10.06
CA LEU B 434 -44.95 -42.71 -10.89
C LEU B 434 -43.77 -42.37 -10.03
N ILE B 435 -44.03 -41.73 -8.90
CA ILE B 435 -42.97 -41.39 -7.96
C ILE B 435 -42.43 -42.65 -7.30
N GLU B 436 -43.32 -43.59 -7.02
CA GLU B 436 -42.93 -44.85 -6.40
C GLU B 436 -42.32 -45.79 -7.43
N MET B 437 -42.71 -45.61 -8.69
CA MET B 437 -42.18 -46.43 -9.78
C MET B 437 -40.72 -46.07 -10.06
N VAL B 438 -40.44 -44.77 -10.07
CA VAL B 438 -39.08 -44.29 -10.31
C VAL B 438 -38.19 -44.66 -9.13
N LEU B 439 -38.70 -44.35 -7.94
CA LEU B 439 -38.01 -44.55 -6.67
C LEU B 439 -37.70 -46.00 -6.50
N ASP B 440 -38.29 -46.79 -7.37
CA ASP B 440 -38.11 -48.20 -7.34
C ASP B 440 -36.89 -48.69 -8.18
N LYS B 441 -36.34 -47.80 -9.00
CA LYS B 441 -35.15 -48.11 -9.78
C LYS B 441 -33.93 -47.77 -8.94
N LEU B 442 -34.11 -46.85 -8.00
CA LEU B 442 -33.04 -46.44 -7.12
C LEU B 442 -32.75 -47.52 -6.07
N ARG B 443 -31.96 -48.51 -6.47
CA ARG B 443 -31.69 -49.69 -5.63
C ARG B 443 -30.29 -50.26 -5.88
N PRO B 444 -29.67 -50.83 -4.83
CA PRO B 444 -28.34 -51.41 -4.95
C PRO B 444 -28.12 -52.22 -6.21
N GLU B 445 -29.05 -53.11 -6.54
CA GLU B 445 -28.93 -53.97 -7.72
C GLU B 445 -28.94 -53.20 -9.06
N ASN B 446 -29.14 -51.89 -9.01
CA ASN B 446 -29.33 -51.10 -10.19
C ASN B 446 -28.29 -49.97 -10.30
N VAL B 447 -27.23 -50.07 -9.50
CA VAL B 447 -26.32 -48.92 -9.26
C VAL B 447 -24.99 -49.03 -10.00
N ARG B 448 -24.44 -47.86 -10.33
CA ARG B 448 -23.06 -47.67 -10.84
C ARG B 448 -22.39 -46.66 -9.94
N VAL B 449 -21.27 -47.02 -9.35
CA VAL B 449 -20.56 -46.10 -8.46
C VAL B 449 -19.21 -45.66 -9.05
N ALA B 450 -18.91 -44.37 -9.01
CA ALA B 450 -17.63 -43.92 -9.52
C ALA B 450 -16.86 -43.02 -8.54
N ILE B 451 -15.56 -43.25 -8.39
CA ILE B 451 -14.80 -42.49 -7.40
C ILE B 451 -13.62 -41.81 -8.07
N VAL B 452 -13.47 -40.50 -7.84
CA VAL B 452 -12.42 -39.75 -8.48
C VAL B 452 -11.46 -39.25 -7.40
N SER B 453 -10.19 -39.65 -7.49
CA SER B 453 -9.22 -39.24 -6.49
C SER B 453 -7.85 -39.36 -7.04
N LYS B 454 -7.01 -38.37 -6.75
CA LYS B 454 -5.59 -38.51 -6.98
C LYS B 454 -4.99 -39.81 -6.46
N SER B 455 -5.50 -40.35 -5.35
CA SER B 455 -4.88 -41.51 -4.75
C SER B 455 -5.04 -42.84 -5.50
N PHE B 456 -5.54 -42.83 -6.72
CA PHE B 456 -5.49 -44.04 -7.53
C PHE B 456 -4.38 -43.92 -8.53
N GLU B 457 -3.67 -42.79 -8.49
CA GLU B 457 -2.41 -42.58 -9.19
C GLU B 457 -1.57 -43.87 -9.10
N GLY B 458 -1.25 -44.47 -10.25
CA GLY B 458 -0.51 -45.74 -10.29
C GLY B 458 -1.30 -47.01 -10.06
N LYS B 459 -2.42 -46.95 -9.34
CA LYS B 459 -3.22 -48.14 -8.97
C LYS B 459 -4.18 -48.60 -10.08
N THR B 460 -4.21 -47.88 -11.21
CA THR B 460 -5.19 -48.12 -12.32
C THR B 460 -4.58 -48.91 -13.46
N ASP B 461 -5.43 -49.61 -14.20
CA ASP B 461 -4.95 -50.48 -15.27
C ASP B 461 -5.50 -50.13 -16.65
N ARG B 462 -6.66 -49.48 -16.69
CA ARG B 462 -7.32 -49.17 -17.96
C ARG B 462 -7.15 -47.71 -18.37
N THR B 463 -7.01 -47.46 -19.67
CA THR B 463 -6.90 -46.12 -20.27
C THR B 463 -8.05 -45.97 -21.23
N GLU B 464 -8.73 -44.83 -21.17
CA GLU B 464 -9.88 -44.52 -22.01
C GLU B 464 -9.34 -43.87 -23.26
N GLU B 465 -9.83 -44.29 -24.41
CA GLU B 465 -9.13 -43.97 -25.68
C GLU B 465 -9.12 -42.48 -26.09
N TRP B 466 -10.16 -41.70 -25.79
CA TRP B 466 -10.29 -40.36 -26.38
C TRP B 466 -9.70 -39.22 -25.60
N TYR B 467 -9.70 -39.34 -24.29
CA TYR B 467 -9.12 -38.32 -23.44
C TYR B 467 -7.90 -38.87 -22.69
N GLY B 468 -7.68 -40.19 -22.79
CA GLY B 468 -6.60 -40.89 -22.10
C GLY B 468 -6.72 -41.02 -20.58
N THR B 469 -7.95 -40.97 -20.09
CA THR B 469 -8.29 -40.96 -18.66
C THR B 469 -7.88 -42.30 -18.08
N GLN B 470 -7.23 -42.30 -16.92
CA GLN B 470 -6.73 -43.52 -16.28
C GLN B 470 -7.78 -44.06 -15.32
N TYR B 471 -8.31 -45.27 -15.55
CA TYR B 471 -9.23 -45.88 -14.59
C TYR B 471 -9.07 -47.38 -14.32
N LYS B 472 -10.07 -47.95 -13.67
CA LYS B 472 -10.06 -49.34 -13.24
C LYS B 472 -11.48 -49.67 -12.84
N GLN B 473 -11.96 -50.84 -13.24
CA GLN B 473 -13.36 -51.18 -13.08
C GLN B 473 -13.52 -52.51 -12.37
N GLU B 474 -14.27 -52.56 -11.27
CA GLU B 474 -14.51 -53.83 -10.59
C GLU B 474 -16.00 -54.06 -10.43
N ALA B 475 -16.41 -55.32 -10.35
CA ALA B 475 -17.75 -55.63 -9.83
C ALA B 475 -17.79 -55.29 -8.33
N ILE B 476 -18.93 -54.83 -7.83
CA ILE B 476 -19.03 -54.54 -6.42
C ILE B 476 -19.36 -55.84 -5.70
N PRO B 477 -18.57 -56.19 -4.66
CA PRO B 477 -18.82 -57.39 -3.84
C PRO B 477 -20.30 -57.60 -3.44
N ASP B 478 -20.81 -58.80 -3.67
CA ASP B 478 -22.20 -59.04 -3.30
C ASP B 478 -22.44 -58.82 -1.82
N GLU B 479 -21.42 -59.11 -1.00
CA GLU B 479 -21.46 -58.79 0.43
C GLU B 479 -21.94 -57.32 0.65
N VAL B 480 -21.45 -56.43 -0.23
CA VAL B 480 -21.65 -54.99 -0.12
C VAL B 480 -23.03 -54.55 -0.69
N ILE B 481 -23.43 -55.15 -1.82
CA ILE B 481 -24.80 -54.95 -2.32
C ILE B 481 -25.80 -55.43 -1.28
N LYS B 482 -25.57 -56.62 -0.71
CA LYS B 482 -26.46 -57.18 0.29
C LYS B 482 -26.63 -56.23 1.46
N LYS B 483 -25.53 -55.59 1.88
CA LYS B 483 -25.59 -54.62 2.97
C LYS B 483 -26.43 -53.36 2.66
N TRP B 484 -26.45 -52.93 1.41
CA TRP B 484 -27.21 -51.72 1.05
C TRP B 484 -28.72 -52.02 0.89
N GLN B 485 -29.02 -53.19 0.34
CA GLN B 485 -30.39 -53.65 0.25
C GLN B 485 -31.07 -53.69 1.62
N ASN B 486 -30.29 -54.00 2.66
CA ASN B 486 -30.81 -54.10 4.04
C ASN B 486 -30.87 -52.81 4.82
N ALA B 487 -30.64 -51.69 4.15
CA ALA B 487 -30.52 -50.39 4.85
C ALA B 487 -31.68 -50.10 5.81
N ASP B 488 -31.38 -50.07 7.11
CA ASP B 488 -32.35 -49.71 8.17
C ASP B 488 -32.76 -48.23 7.99
N LEU B 489 -33.76 -47.77 8.75
CA LEU B 489 -34.08 -46.33 8.78
C LEU B 489 -33.13 -45.60 9.70
N ASN B 490 -32.96 -44.30 9.51
CA ASN B 490 -31.99 -43.54 10.29
C ASN B 490 -32.59 -42.20 10.82
N GLY B 491 -32.57 -42.05 12.15
CA GLY B 491 -33.25 -40.95 12.82
C GLY B 491 -32.76 -39.55 12.50
N LYS B 492 -31.86 -39.44 11.52
CA LYS B 492 -31.26 -38.14 11.24
C LYS B 492 -31.83 -37.56 9.96
N PHE B 493 -32.71 -38.36 9.35
CA PHE B 493 -33.28 -38.10 8.04
C PHE B 493 -34.75 -37.80 8.12
N LYS B 494 -35.11 -36.52 8.26
CA LYS B 494 -36.50 -36.09 8.14
C LYS B 494 -36.80 -35.67 6.70
N LEU B 495 -38.09 -35.56 6.37
CA LEU B 495 -38.44 -34.79 5.18
C LEU B 495 -38.27 -33.31 5.50
N PRO B 496 -38.28 -32.45 4.45
CA PRO B 496 -38.19 -31.03 4.74
C PRO B 496 -39.38 -30.55 5.56
N THR B 497 -39.22 -29.43 6.27
CA THR B 497 -40.35 -28.76 6.91
C THR B 497 -40.99 -27.88 5.84
N LYS B 498 -42.16 -27.32 6.13
CA LYS B 498 -42.84 -26.50 5.16
C LYS B 498 -42.04 -25.24 4.98
N ASN B 499 -41.71 -24.93 3.73
CA ASN B 499 -40.82 -23.82 3.38
C ASN B 499 -41.37 -22.50 3.87
N GLU B 500 -40.62 -21.85 4.76
CA GLU B 500 -41.04 -20.58 5.36
C GLU B 500 -40.89 -19.41 4.41
N PHE B 501 -39.85 -19.39 3.59
CA PHE B 501 -39.54 -18.19 2.83
C PHE B 501 -40.38 -17.99 1.60
N ILE B 502 -41.35 -18.87 1.41
CA ILE B 502 -42.28 -18.67 0.32
C ILE B 502 -42.88 -17.27 0.47
N PRO B 503 -42.76 -16.46 -0.58
CA PRO B 503 -43.14 -15.06 -0.54
C PRO B 503 -44.63 -14.80 -0.79
N THR B 504 -45.35 -14.38 0.24
CA THR B 504 -46.79 -14.13 0.17
C THR B 504 -47.15 -12.80 -0.55
N ASN B 505 -46.49 -11.70 -0.17
CA ASN B 505 -46.91 -10.35 -0.64
C ASN B 505 -46.14 -9.66 -1.80
N PHE B 506 -46.85 -9.43 -2.91
CA PHE B 506 -46.22 -9.04 -4.17
C PHE B 506 -46.65 -7.70 -4.62
N GLU B 507 -47.22 -6.95 -3.69
CA GLU B 507 -47.70 -5.63 -3.97
C GLU B 507 -46.57 -4.74 -4.54
N ILE B 508 -46.69 -4.31 -5.79
CA ILE B 508 -45.78 -3.26 -6.27
C ILE B 508 -46.14 -1.93 -5.59
N LEU B 509 -45.15 -1.13 -5.23
CA LEU B 509 -45.43 0.12 -4.52
C LEU B 509 -45.54 1.24 -5.52
N PRO B 510 -46.46 2.18 -5.27
CA PRO B 510 -46.65 3.27 -6.21
C PRO B 510 -45.38 4.11 -6.21
N LEU B 511 -44.98 4.52 -7.41
CA LEU B 511 -43.77 5.29 -7.64
C LEU B 511 -43.84 6.62 -6.90
N GLU B 512 -42.81 6.92 -6.12
CA GLU B 512 -42.77 8.11 -5.24
C GLU B 512 -42.68 9.45 -5.95
N LYS B 513 -43.35 10.49 -5.40
CA LYS B 513 -43.31 11.81 -6.03
C LYS B 513 -41.86 12.19 -6.36
N GLU B 514 -40.98 12.14 -5.35
CA GLU B 514 -39.54 12.46 -5.55
C GLU B 514 -38.70 11.19 -5.90
N ALA B 515 -39.12 10.43 -6.91
CA ALA B 515 -38.34 9.29 -7.37
C ALA B 515 -37.55 9.66 -8.63
N THR B 516 -36.38 9.02 -8.78
CA THR B 516 -35.36 9.42 -9.74
C THR B 516 -35.23 8.48 -10.95
N PRO B 517 -34.73 9.02 -12.09
CA PRO B 517 -34.42 8.23 -13.29
C PRO B 517 -33.14 7.40 -13.11
N TYR B 518 -32.17 7.97 -12.38
CA TYR B 518 -30.93 7.28 -12.03
C TYR B 518 -30.82 7.17 -10.52
N PRO B 519 -29.92 6.32 -10.01
CA PRO B 519 -29.88 6.15 -8.56
C PRO B 519 -29.39 7.39 -7.86
N ALA B 520 -30.07 7.72 -6.78
CA ALA B 520 -29.80 8.90 -6.00
C ALA B 520 -28.90 8.59 -4.81
N LEU B 521 -28.04 9.53 -4.44
CA LEU B 521 -27.26 9.34 -3.23
C LEU B 521 -28.02 9.83 -2.00
N ILE B 522 -28.70 8.95 -1.29
CA ILE B 522 -29.56 9.40 -0.21
C ILE B 522 -29.01 9.34 1.25
N LYS B 523 -27.78 8.85 1.43
CA LYS B 523 -27.17 8.87 2.76
C LYS B 523 -25.68 8.93 2.59
N ASP B 524 -25.05 9.84 3.32
CA ASP B 524 -23.59 10.04 3.27
C ASP B 524 -22.97 10.20 4.64
N THR B 525 -23.22 9.26 5.55
CA THR B 525 -22.47 9.24 6.78
C THR B 525 -21.02 8.81 6.48
N ALA B 526 -20.13 8.99 7.46
CA ALA B 526 -18.72 8.56 7.36
C ALA B 526 -18.70 7.05 7.37
N MET B 527 -19.78 6.48 7.91
CA MET B 527 -19.99 5.06 8.09
C MET B 527 -20.46 4.40 6.81
N SER B 528 -21.19 5.12 5.97
CA SER B 528 -21.82 4.49 4.80
C SER B 528 -22.38 5.43 3.75
N LYS B 529 -22.17 5.09 2.48
CA LYS B 529 -22.84 5.78 1.38
C LYS B 529 -23.92 4.90 0.78
N LEU B 530 -25.10 5.48 0.55
CA LEU B 530 -26.24 4.70 0.12
C LEU B 530 -26.84 5.29 -1.12
N TRP B 531 -26.70 4.54 -2.21
CA TRP B 531 -27.37 4.83 -3.46
C TRP B 531 -28.67 4.06 -3.49
N PHE B 532 -29.68 4.71 -4.09
CA PHE B 532 -31.02 4.19 -4.11
C PHE B 532 -31.77 4.58 -5.35
N LYS B 533 -32.47 3.63 -5.95
CA LYS B 533 -33.38 3.94 -7.03
C LYS B 533 -34.54 3.00 -6.96
N GLN B 534 -35.74 3.56 -6.88
CA GLN B 534 -36.96 2.81 -7.02
C GLN B 534 -37.14 2.35 -8.47
N ASP B 535 -37.37 1.05 -8.63
CA ASP B 535 -37.58 0.41 -9.91
C ASP B 535 -38.67 1.17 -10.64
N ASP B 536 -38.31 1.82 -11.73
CA ASP B 536 -39.32 2.43 -12.60
C ASP B 536 -39.59 1.72 -13.95
N LYS B 537 -38.93 0.61 -14.25
CA LYS B 537 -39.13 -0.06 -15.55
C LYS B 537 -39.84 -1.42 -15.53
N PHE B 538 -39.68 -2.21 -14.46
CA PHE B 538 -40.05 -3.63 -14.52
C PHE B 538 -41.19 -4.07 -13.64
N PHE B 539 -41.46 -3.33 -12.56
CA PHE B 539 -42.68 -3.53 -11.77
C PHE B 539 -42.88 -5.00 -11.37
N LEU B 540 -41.79 -5.62 -10.95
CA LEU B 540 -41.84 -6.97 -10.43
C LEU B 540 -41.58 -6.89 -8.92
N PRO B 541 -42.18 -7.79 -8.09
CA PRO B 541 -42.16 -7.71 -6.61
C PRO B 541 -40.79 -8.11 -6.00
N LYS B 542 -39.75 -7.49 -6.57
CA LYS B 542 -38.39 -7.93 -6.48
C LYS B 542 -37.45 -6.77 -6.17
N ALA B 543 -36.32 -7.08 -5.55
CA ALA B 543 -35.34 -6.08 -5.16
C ALA B 543 -33.90 -6.59 -5.22
N ASN B 544 -32.99 -5.69 -5.60
CA ASN B 544 -31.55 -5.93 -5.54
C ASN B 544 -30.88 -5.05 -4.47
N LEU B 545 -30.14 -5.71 -3.58
CA LEU B 545 -29.49 -5.08 -2.44
C LEU B 545 -27.99 -5.34 -2.48
N ASN B 546 -27.24 -4.37 -2.96
CA ASN B 546 -25.81 -4.58 -3.07
C ASN B 546 -25.08 -3.74 -2.07
N PHE B 547 -23.99 -4.30 -1.56
CA PHE B 547 -23.21 -3.73 -0.46
C PHE B 547 -21.75 -4.04 -0.60
N GLU B 548 -20.94 -3.00 -0.65
CA GLU B 548 -19.49 -3.17 -0.53
C GLU B 548 -19.15 -2.75 0.90
N PHE B 549 -18.36 -3.57 1.57
CA PHE B 549 -17.77 -3.22 2.85
C PHE B 549 -16.26 -3.11 2.65
N PHE B 550 -15.73 -1.88 2.68
CA PHE B 550 -14.29 -1.62 2.57
C PHE B 550 -13.60 -1.91 3.91
N SER B 551 -12.45 -2.57 3.87
CA SER B 551 -11.55 -2.65 5.02
C SER B 551 -10.16 -3.01 4.59
N PRO B 552 -9.16 -2.25 5.04
CA PRO B 552 -7.78 -2.54 4.63
C PRO B 552 -7.26 -3.91 5.11
N PHE B 553 -7.95 -4.56 6.04
CA PHE B 553 -7.50 -5.86 6.56
C PHE B 553 -7.95 -7.06 5.74
N ALA B 554 -8.80 -6.81 4.76
CA ALA B 554 -9.27 -7.83 3.85
C ALA B 554 -8.08 -8.33 3.05
N TYR B 555 -7.14 -7.42 2.82
CA TYR B 555 -6.09 -7.67 1.85
C TYR B 555 -4.69 -7.17 2.22
N VAL B 556 -4.50 -6.66 3.44
CA VAL B 556 -3.21 -6.09 3.82
C VAL B 556 -2.09 -6.99 3.36
N ASP B 557 -2.25 -8.30 3.60
CA ASP B 557 -1.21 -9.28 3.31
C ASP B 557 -1.82 -10.63 2.95
N PRO B 558 -1.03 -11.53 2.38
CA PRO B 558 -1.50 -12.84 1.97
C PRO B 558 -2.24 -13.62 3.02
N LEU B 559 -1.67 -13.77 4.20
CA LEU B 559 -2.32 -14.51 5.25
C LEU B 559 -3.68 -13.88 5.56
N HIS B 560 -3.75 -12.56 5.47
CA HIS B 560 -4.97 -11.87 5.81
C HIS B 560 -6.03 -12.06 4.78
N SER B 561 -5.64 -11.93 3.53
CA SER B 561 -6.49 -12.28 2.43
C SER B 561 -7.08 -13.69 2.58
N ASN B 562 -6.22 -14.67 2.81
CA ASN B 562 -6.63 -16.03 3.13
C ASN B 562 -7.70 -16.17 4.19
N MET B 563 -7.73 -15.24 5.12
CA MET B 563 -8.62 -15.38 6.22
C MET B 563 -9.89 -14.72 5.81
N ALA B 564 -9.74 -13.56 5.17
CA ALA B 564 -10.88 -12.85 4.62
C ALA B 564 -11.68 -13.85 3.82
N TYR B 565 -11.01 -14.74 3.11
CA TYR B 565 -11.70 -15.69 2.28
C TYR B 565 -12.32 -16.80 3.11
N LEU B 566 -11.50 -17.42 3.93
CA LEU B 566 -11.93 -18.52 4.77
C LEU B 566 -13.14 -18.17 5.61
N TYR B 567 -13.18 -16.92 5.99
CA TYR B 567 -14.14 -16.47 6.97
C TYR B 567 -15.49 -16.53 6.32
N LEU B 568 -15.59 -15.90 5.15
CA LEU B 568 -16.81 -15.84 4.37
C LEU B 568 -17.20 -17.23 3.97
N GLU B 569 -16.27 -17.99 3.44
CA GLU B 569 -16.56 -19.38 3.15
C GLU B 569 -17.22 -20.10 4.30
N LEU B 570 -16.74 -19.88 5.52
CA LEU B 570 -17.17 -20.69 6.66
C LEU B 570 -18.54 -20.27 7.06
N LEU B 571 -18.77 -18.97 6.83
CA LEU B 571 -20.03 -18.29 7.12
C LEU B 571 -21.08 -18.89 6.21
N LYS B 572 -20.88 -18.74 4.90
CA LYS B 572 -21.72 -19.37 3.90
C LYS B 572 -21.99 -20.82 4.27
N ASP B 573 -20.98 -21.55 4.71
CA ASP B 573 -21.17 -22.96 5.06
C ASP B 573 -22.22 -23.13 6.11
N SER B 574 -22.07 -22.47 7.26
CA SER B 574 -23.05 -22.62 8.33
C SER B 574 -24.42 -22.02 7.96
N LEU B 575 -24.40 -20.92 7.23
CA LEU B 575 -25.65 -20.30 6.80
C LEU B 575 -26.42 -21.08 5.80
N ASN B 576 -25.76 -22.00 5.10
CA ASN B 576 -26.32 -22.73 3.98
C ASN B 576 -27.63 -23.48 4.32
N GLU B 577 -27.65 -24.27 5.39
CA GLU B 577 -28.88 -24.96 5.75
C GLU B 577 -30.13 -24.05 5.82
N TYR B 578 -29.97 -22.88 6.40
CA TYR B 578 -31.03 -21.91 6.49
C TYR B 578 -31.33 -21.27 5.14
N ALA B 579 -30.31 -20.78 4.43
CA ALA B 579 -30.48 -19.95 3.21
C ALA B 579 -30.91 -20.70 1.96
N TYR B 580 -30.79 -22.04 2.01
CA TYR B 580 -31.20 -22.91 0.92
C TYR B 580 -32.67 -22.75 0.71
N ALA B 581 -33.44 -23.07 1.74
CA ALA B 581 -34.90 -22.99 1.66
C ALA B 581 -35.24 -21.66 1.02
N ALA B 582 -34.62 -20.59 1.53
CA ALA B 582 -34.88 -19.25 1.01
C ALA B 582 -34.69 -19.17 -0.46
N GLU B 583 -33.62 -19.79 -0.94
CA GLU B 583 -33.25 -19.68 -2.33
C GLU B 583 -34.23 -20.45 -3.24
N LEU B 584 -34.70 -21.60 -2.74
CA LEU B 584 -35.75 -22.36 -3.40
C LEU B 584 -36.98 -21.52 -3.52
N ALA B 585 -37.15 -20.59 -2.59
CA ALA B 585 -38.29 -19.69 -2.63
C ALA B 585 -37.93 -18.38 -3.33
N GLY B 586 -36.94 -18.44 -4.21
CA GLY B 586 -36.62 -17.33 -5.10
C GLY B 586 -35.91 -16.13 -4.50
N LEU B 587 -35.38 -16.28 -3.29
CA LEU B 587 -34.67 -15.18 -2.62
C LEU B 587 -33.24 -15.58 -2.28
N SER B 588 -32.27 -15.00 -2.94
CA SER B 588 -30.94 -15.56 -2.83
C SER B 588 -29.90 -14.56 -2.40
N TYR B 589 -28.72 -15.04 -2.01
CA TYR B 589 -27.65 -14.13 -1.64
C TYR B 589 -26.33 -14.59 -2.14
N ASP B 590 -25.51 -13.60 -2.38
CA ASP B 590 -24.16 -13.85 -2.76
C ASP B 590 -23.17 -13.05 -1.90
N LEU B 591 -22.16 -13.73 -1.37
CA LEU B 591 -21.28 -13.11 -0.38
C LEU B 591 -19.87 -13.62 -0.53
N GLN B 592 -18.97 -12.75 -1.01
CA GLN B 592 -17.58 -13.11 -1.29
C GLN B 592 -16.70 -11.91 -1.02
N ASN B 593 -15.39 -12.16 -0.81
CA ASN B 593 -14.43 -11.06 -0.53
C ASN B 593 -13.79 -10.45 -1.78
N THR B 594 -13.64 -9.13 -1.75
CA THR B 594 -12.85 -8.42 -2.74
C THR B 594 -11.47 -8.16 -2.17
N ILE B 595 -10.63 -7.56 -3.00
CA ILE B 595 -9.34 -7.07 -2.59
C ILE B 595 -9.50 -5.83 -1.70
N TYR B 596 -10.72 -5.31 -1.65
CA TYR B 596 -11.04 -4.11 -0.88
C TYR B 596 -11.80 -4.40 0.40
N GLY B 597 -12.54 -5.49 0.43
CA GLY B 597 -13.26 -5.90 1.63
C GLY B 597 -14.12 -7.14 1.44
N MET B 598 -15.44 -6.94 1.47
CA MET B 598 -16.42 -8.02 1.35
C MET B 598 -17.56 -7.53 0.57
N TYR B 599 -18.10 -8.38 -0.28
CA TYR B 599 -19.25 -7.97 -1.04
C TYR B 599 -20.40 -8.86 -0.67
N LEU B 600 -21.56 -8.27 -0.50
CA LEU B 600 -22.74 -9.04 -0.19
C LEU B 600 -23.80 -8.51 -1.06
N SER B 601 -24.57 -9.42 -1.62
CA SER B 601 -25.69 -9.08 -2.45
C SER B 601 -26.88 -9.94 -2.08
N VAL B 602 -28.05 -9.30 -2.04
CA VAL B 602 -29.29 -10.03 -1.87
C VAL B 602 -30.26 -9.65 -2.98
N LYS B 603 -30.80 -10.66 -3.64
CA LYS B 603 -31.56 -10.51 -4.85
C LYS B 603 -32.84 -11.36 -4.76
N GLY B 604 -33.91 -10.95 -5.43
CA GLY B 604 -35.14 -11.77 -5.40
C GLY B 604 -36.42 -11.09 -4.91
N TYR B 605 -37.42 -11.85 -4.47
CA TYR B 605 -38.65 -11.24 -3.98
C TYR B 605 -38.33 -10.47 -2.72
N ASN B 606 -38.78 -9.22 -2.71
CA ASN B 606 -38.48 -8.30 -1.63
C ASN B 606 -39.28 -8.59 -0.39
N ASP B 607 -40.36 -9.34 -0.53
CA ASP B 607 -41.22 -9.71 0.61
C ASP B 607 -40.44 -10.21 1.81
N LYS B 608 -39.78 -11.38 1.72
CA LYS B 608 -39.11 -11.88 2.91
C LYS B 608 -37.65 -11.47 2.93
N GLN B 609 -37.33 -10.36 2.26
CA GLN B 609 -35.93 -9.97 2.06
C GLN B 609 -35.24 -9.53 3.35
N PRO B 610 -35.72 -8.46 4.00
CA PRO B 610 -35.07 -8.06 5.23
C PRO B 610 -34.76 -9.22 6.19
N ILE B 611 -35.66 -10.19 6.36
CA ILE B 611 -35.40 -11.26 7.33
C ILE B 611 -34.02 -11.87 7.08
N LEU B 612 -33.78 -12.23 5.83
CA LEU B 612 -32.54 -12.90 5.45
C LEU B 612 -31.35 -11.99 5.68
N LEU B 613 -31.37 -10.83 5.03
CA LEU B 613 -30.32 -9.86 5.21
C LEU B 613 -29.97 -9.73 6.69
N LYS B 614 -30.97 -9.45 7.53
CA LYS B 614 -30.73 -9.34 8.96
C LYS B 614 -30.04 -10.60 9.43
N LYS B 615 -30.58 -11.79 9.10
CA LYS B 615 -29.98 -13.03 9.61
C LYS B 615 -28.51 -13.10 9.19
N ILE B 616 -28.23 -12.67 7.96
CA ILE B 616 -26.87 -12.70 7.39
C ILE B 616 -25.92 -11.76 8.12
N ILE B 617 -26.36 -10.54 8.40
CA ILE B 617 -25.48 -9.60 9.06
C ILE B 617 -25.25 -10.05 10.46
N GLU B 618 -26.27 -10.44 11.18
CA GLU B 618 -26.04 -10.80 12.57
C GLU B 618 -25.33 -12.14 12.76
N LYS B 619 -25.35 -12.98 11.72
CA LYS B 619 -24.59 -14.24 11.74
C LYS B 619 -23.14 -13.91 11.46
N MET B 620 -22.95 -12.93 10.60
CA MET B 620 -21.63 -12.47 10.19
C MET B 620 -20.90 -11.80 11.33
N ALA B 621 -21.62 -11.01 12.10
CA ALA B 621 -21.04 -10.25 13.20
C ALA B 621 -20.81 -11.01 14.53
N THR B 622 -21.40 -12.20 14.70
CA THR B 622 -21.37 -12.95 15.98
C THR B 622 -21.09 -14.40 15.69
N PHE B 623 -20.30 -14.62 14.65
CA PHE B 623 -20.07 -15.94 14.13
C PHE B 623 -19.11 -16.69 15.04
N GLU B 624 -19.56 -17.80 15.62
CA GLU B 624 -18.62 -18.71 16.31
C GLU B 624 -18.31 -19.94 15.46
N ILE B 625 -17.02 -20.18 15.21
CA ILE B 625 -16.54 -21.16 14.21
C ILE B 625 -16.52 -22.64 14.64
N ASP B 626 -16.72 -23.57 13.71
CA ASP B 626 -16.58 -25.00 14.03
C ASP B 626 -15.20 -25.61 13.66
N GLU B 627 -14.45 -26.13 14.65
CA GLU B 627 -13.09 -26.65 14.39
C GLU B 627 -13.12 -27.61 13.19
N LYS B 628 -13.87 -28.72 13.28
CA LYS B 628 -13.92 -29.70 12.20
C LYS B 628 -14.31 -29.05 10.84
N ARG B 629 -15.18 -28.02 10.83
CA ARG B 629 -15.60 -27.31 9.58
C ARG B 629 -14.41 -26.61 8.94
N PHE B 630 -13.78 -25.79 9.77
CA PHE B 630 -12.62 -25.03 9.42
C PHE B 630 -11.51 -25.92 8.88
N GLU B 631 -11.25 -27.08 9.48
CA GLU B 631 -10.18 -27.93 8.97
C GLU B 631 -10.47 -28.38 7.55
N ILE B 632 -11.73 -28.70 7.27
CA ILE B 632 -12.14 -29.15 5.94
C ILE B 632 -12.04 -28.06 4.86
N ILE B 633 -12.68 -26.94 5.14
CA ILE B 633 -12.77 -25.83 4.24
C ILE B 633 -11.39 -25.24 3.95
N LYS B 634 -10.43 -25.45 4.85
CA LYS B 634 -9.03 -25.07 4.62
C LYS B 634 -8.46 -26.03 3.63
N GLU B 635 -8.52 -27.30 3.96
CA GLU B 635 -7.96 -28.32 3.11
C GLU B 635 -8.48 -28.20 1.67
N ALA B 636 -9.80 -27.93 1.53
CA ALA B 636 -10.48 -27.70 0.24
C ALA B 636 -9.88 -26.52 -0.50
N TYR B 637 -9.88 -25.37 0.15
CA TYR B 637 -9.19 -24.20 -0.36
C TYR B 637 -7.72 -24.41 -0.71
N MET B 638 -6.98 -25.14 0.14
CA MET B 638 -5.58 -25.53 -0.14
C MET B 638 -5.56 -26.11 -1.52
N ARG B 639 -6.24 -27.25 -1.70
CA ARG B 639 -6.38 -27.93 -3.01
C ARG B 639 -6.85 -27.03 -4.09
N SER B 640 -7.86 -26.22 -3.83
CA SER B 640 -8.35 -25.32 -4.85
C SER B 640 -7.32 -24.25 -5.30
N LEU B 641 -6.41 -23.85 -4.41
CA LEU B 641 -5.33 -22.93 -4.77
C LEU B 641 -4.31 -23.66 -5.65
N ASN B 642 -3.94 -24.85 -5.21
CA ASN B 642 -3.10 -25.75 -5.96
C ASN B 642 -3.61 -26.06 -7.36
N ASN B 643 -4.92 -26.22 -7.50
CA ASN B 643 -5.49 -26.71 -8.72
C ASN B 643 -5.41 -25.76 -9.84
N PHE B 644 -5.13 -24.50 -9.55
CA PHE B 644 -5.04 -23.52 -10.60
C PHE B 644 -3.99 -23.86 -11.71
N ARG B 645 -3.06 -24.78 -11.44
CA ARG B 645 -2.07 -25.14 -12.44
C ARG B 645 -2.66 -25.94 -13.63
N ALA B 646 -3.88 -26.45 -13.43
CA ALA B 646 -4.61 -27.22 -14.44
C ALA B 646 -5.70 -26.43 -15.13
N GLU B 647 -5.78 -25.14 -14.83
CA GLU B 647 -6.58 -24.22 -15.64
C GLU B 647 -6.03 -24.20 -17.04
N GLN B 648 -6.63 -23.41 -17.91
CA GLN B 648 -6.10 -23.35 -19.26
C GLN B 648 -5.11 -22.23 -19.51
N PRO B 649 -4.25 -22.38 -20.51
CA PRO B 649 -3.32 -21.34 -20.88
C PRO B 649 -3.90 -19.95 -21.02
N HIS B 650 -5.02 -19.78 -21.71
CA HIS B 650 -5.48 -18.41 -21.86
C HIS B 650 -5.80 -17.87 -20.46
N GLN B 651 -6.27 -18.76 -19.59
CA GLN B 651 -6.60 -18.33 -18.25
C GLN B 651 -5.39 -17.92 -17.43
N HIS B 652 -4.29 -18.66 -17.53
CA HIS B 652 -3.03 -18.28 -16.93
C HIS B 652 -2.56 -16.96 -17.51
N ALA B 653 -2.63 -16.81 -18.83
CA ALA B 653 -2.21 -15.56 -19.41
C ALA B 653 -2.94 -14.41 -18.72
N MET B 654 -4.27 -14.37 -18.82
CA MET B 654 -5.07 -13.33 -18.14
C MET B 654 -4.68 -13.07 -16.67
N TYR B 655 -4.28 -14.13 -15.98
CA TYR B 655 -3.97 -14.07 -14.57
C TYR B 655 -2.68 -13.33 -14.36
N TYR B 656 -1.61 -13.84 -14.94
CA TYR B 656 -0.35 -13.17 -14.88
C TYR B 656 -0.50 -11.71 -15.25
N LEU B 657 -1.31 -11.40 -16.25
CA LEU B 657 -1.48 -10.01 -16.64
C LEU B 657 -2.07 -9.20 -15.49
N ARG B 658 -3.18 -9.68 -14.93
CA ARG B 658 -3.83 -9.05 -13.77
C ARG B 658 -2.75 -8.71 -12.74
N LEU B 659 -1.85 -9.67 -12.52
CA LEU B 659 -0.76 -9.55 -11.57
C LEU B 659 0.17 -8.46 -11.95
N LEU B 660 0.69 -8.53 -13.15
CA LEU B 660 1.68 -7.58 -13.59
C LEU B 660 1.19 -6.14 -13.61
N MET B 661 -0.10 -5.95 -13.79
CA MET B 661 -0.60 -4.62 -14.08
C MET B 661 -1.21 -3.88 -12.92
N THR B 662 -1.47 -4.56 -11.80
CA THR B 662 -1.98 -3.85 -10.58
C THR B 662 -0.95 -3.67 -9.46
N GLU B 663 -1.15 -2.59 -8.73
CA GLU B 663 -0.24 -2.09 -7.71
C GLU B 663 0.06 -3.16 -6.69
N VAL B 664 -0.99 -3.72 -6.11
CA VAL B 664 -0.88 -4.80 -5.14
C VAL B 664 -1.72 -5.96 -5.60
N ALA B 665 -1.11 -7.14 -5.63
CA ALA B 665 -1.84 -8.38 -5.88
C ALA B 665 -1.07 -9.62 -5.42
N TRP B 666 -1.71 -10.39 -4.55
CA TRP B 666 -1.14 -11.63 -4.03
C TRP B 666 -1.30 -12.78 -4.97
N THR B 667 -0.26 -13.59 -5.15
CA THR B 667 -0.28 -14.68 -6.12
C THR B 667 -0.76 -15.93 -5.42
N LYS B 668 -1.02 -17.01 -6.19
CA LYS B 668 -1.49 -18.28 -5.63
C LYS B 668 -0.48 -18.91 -4.71
N ASP B 669 0.81 -18.77 -5.06
CA ASP B 669 1.88 -19.32 -4.24
C ASP B 669 2.06 -18.48 -2.98
N GLU B 670 2.00 -17.17 -3.16
CA GLU B 670 2.06 -16.27 -2.03
C GLU B 670 0.93 -16.72 -1.08
N LEU B 671 -0.26 -16.96 -1.65
CA LEU B 671 -1.42 -17.38 -0.87
C LEU B 671 -1.28 -18.76 -0.26
N LYS B 672 -0.80 -19.76 -1.00
CA LYS B 672 -0.85 -21.12 -0.47
C LYS B 672 0.21 -21.44 0.57
N GLU B 673 1.35 -20.72 0.48
CA GLU B 673 2.40 -20.79 1.51
C GLU B 673 1.96 -20.14 2.81
N ALA B 674 1.28 -18.99 2.69
CA ALA B 674 0.65 -18.27 3.81
C ALA B 674 -0.54 -18.98 4.46
N LEU B 675 -1.04 -20.03 3.83
CA LEU B 675 -2.20 -20.74 4.34
C LEU B 675 -1.80 -21.76 5.37
N ASP B 676 -0.61 -22.36 5.22
CA ASP B 676 -0.12 -23.29 6.21
C ASP B 676 -0.01 -22.60 7.62
N ASP B 677 -0.07 -21.26 7.68
CA ASP B 677 0.00 -20.49 8.96
C ASP B 677 -1.31 -19.98 9.55
N VAL B 678 -2.46 -20.32 8.96
CA VAL B 678 -3.76 -19.83 9.43
C VAL B 678 -4.25 -20.93 10.33
N THR B 679 -4.11 -20.72 11.65
CA THR B 679 -4.54 -21.67 12.69
C THR B 679 -5.92 -21.26 13.16
N LEU B 680 -6.65 -22.15 13.83
CA LEU B 680 -8.00 -21.74 14.29
C LEU B 680 -8.06 -20.39 15.06
N PRO B 681 -7.24 -20.23 16.13
CA PRO B 681 -7.31 -18.99 16.93
C PRO B 681 -6.91 -17.75 16.15
N ARG B 682 -5.98 -17.87 15.22
CA ARG B 682 -5.54 -16.72 14.41
C ARG B 682 -6.73 -16.09 13.68
N LEU B 683 -7.70 -16.95 13.29
CA LEU B 683 -8.90 -16.59 12.51
C LEU B 683 -10.00 -16.00 13.35
N LYS B 684 -10.28 -16.63 14.51
CA LYS B 684 -11.15 -16.07 15.56
C LYS B 684 -10.80 -14.62 15.88
N ALA B 685 -9.51 -14.38 16.15
CA ALA B 685 -8.99 -13.02 16.33
C ALA B 685 -9.15 -12.12 15.11
N PHE B 686 -8.97 -12.67 13.92
CA PHE B 686 -9.09 -11.91 12.68
C PHE B 686 -10.46 -11.22 12.42
N ILE B 687 -11.55 -11.96 12.65
CA ILE B 687 -12.90 -11.44 12.39
C ILE B 687 -13.23 -10.08 13.07
N PRO B 688 -13.19 -9.99 14.43
CA PRO B 688 -13.55 -8.69 14.99
C PRO B 688 -12.54 -7.60 14.61
N GLN B 689 -11.28 -7.97 14.43
CA GLN B 689 -10.29 -7.02 13.93
C GLN B 689 -10.84 -6.49 12.61
N LEU B 690 -11.27 -7.38 11.71
CA LEU B 690 -11.79 -7.00 10.39
C LEU B 690 -13.07 -6.18 10.43
N LEU B 691 -13.97 -6.59 11.31
CA LEU B 691 -15.27 -5.95 11.48
C LEU B 691 -15.23 -4.58 12.13
N SER B 692 -14.29 -4.40 13.08
CA SER B 692 -14.14 -3.18 13.89
C SER B 692 -14.14 -1.84 13.13
N ARG B 693 -13.70 -1.84 11.89
CA ARG B 693 -13.60 -0.61 11.15
C ARG B 693 -13.96 -0.79 9.68
N LEU B 694 -15.07 -0.18 9.27
CA LEU B 694 -15.68 -0.34 7.94
C LEU B 694 -16.25 0.95 7.37
N HIS B 695 -16.17 1.08 6.05
CA HIS B 695 -17.07 1.95 5.32
C HIS B 695 -18.00 1.00 4.58
N ILE B 696 -19.25 1.39 4.40
CA ILE B 696 -20.17 0.56 3.63
C ILE B 696 -20.75 1.39 2.52
N GLU B 697 -20.70 0.89 1.30
CA GLU B 697 -21.36 1.56 0.17
C GLU B 697 -22.39 0.60 -0.38
N ALA B 698 -23.62 1.07 -0.47
CA ALA B 698 -24.71 0.22 -0.89
C ALA B 698 -25.40 0.80 -2.07
N LEU B 699 -25.90 -0.10 -2.91
CA LEU B 699 -26.92 0.24 -3.89
C LEU B 699 -28.15 -0.62 -3.63
N LEU B 700 -29.29 0.02 -3.37
CA LEU B 700 -30.54 -0.71 -3.23
C LEU B 700 -31.46 -0.28 -4.34
N HIS B 701 -31.88 -1.24 -5.14
CA HIS B 701 -32.56 -0.98 -6.39
C HIS B 701 -33.78 -1.88 -6.45
N GLY B 702 -34.95 -1.29 -6.63
CA GLY B 702 -36.10 -2.12 -6.94
C GLY B 702 -37.40 -1.68 -6.34
N ASN B 703 -38.20 -2.67 -5.96
CA ASN B 703 -39.48 -2.44 -5.39
C ASN B 703 -39.36 -2.15 -3.90
N ILE B 704 -38.62 -1.08 -3.56
CA ILE B 704 -38.64 -0.50 -2.19
C ILE B 704 -38.71 1.02 -2.25
N THR B 705 -38.96 1.64 -1.11
CA THR B 705 -39.18 3.08 -1.09
C THR B 705 -38.03 3.73 -0.37
N LYS B 706 -37.70 4.96 -0.78
CA LYS B 706 -36.62 5.75 -0.16
C LYS B 706 -36.58 5.55 1.38
N GLN B 707 -37.77 5.53 1.96
CA GLN B 707 -37.91 5.43 3.38
C GLN B 707 -37.54 4.03 3.84
N ALA B 708 -37.97 2.99 3.11
CA ALA B 708 -37.62 1.61 3.47
C ALA B 708 -36.12 1.41 3.38
N ALA B 709 -35.53 2.02 2.36
CA ALA B 709 -34.11 1.87 2.05
C ALA B 709 -33.27 2.34 3.19
N LEU B 710 -33.55 3.56 3.65
CA LEU B 710 -32.85 4.17 4.76
C LEU B 710 -32.96 3.28 5.98
N GLY B 711 -34.11 2.62 6.11
CA GLY B 711 -34.36 1.67 7.18
C GLY B 711 -33.70 0.31 7.02
N ILE B 712 -33.40 -0.12 5.80
CA ILE B 712 -32.57 -1.34 5.63
C ILE B 712 -31.12 -1.02 5.98
N MET B 713 -30.62 0.03 5.34
CA MET B 713 -29.30 0.55 5.63
C MET B 713 -29.09 0.68 7.13
N GLN B 714 -30.06 1.30 7.82
CA GLN B 714 -30.00 1.43 9.25
C GLN B 714 -29.84 0.08 9.96
N MET B 715 -30.71 -0.88 9.70
CA MET B 715 -30.62 -2.19 10.36
C MET B 715 -29.24 -2.84 10.16
N VAL B 716 -28.65 -2.63 8.97
CA VAL B 716 -27.32 -3.13 8.65
C VAL B 716 -26.29 -2.47 9.57
N GLU B 717 -26.14 -1.14 9.47
CA GLU B 717 -25.34 -0.36 10.41
C GLU B 717 -25.55 -0.89 11.83
N ASP B 718 -26.81 -0.98 12.25
CA ASP B 718 -27.12 -1.22 13.63
C ASP B 718 -26.62 -2.53 14.12
N THR B 719 -26.97 -3.59 13.42
CA THR B 719 -26.52 -4.90 13.86
C THR B 719 -24.99 -4.99 13.87
N LEU B 720 -24.35 -4.28 12.95
CA LEU B 720 -22.89 -4.21 12.95
C LEU B 720 -22.36 -3.42 14.15
N ILE B 721 -22.84 -2.19 14.31
CA ILE B 721 -22.49 -1.32 15.44
C ILE B 721 -22.76 -1.96 16.79
N GLU B 722 -23.76 -2.82 16.87
CA GLU B 722 -24.16 -3.39 18.14
C GLU B 722 -23.52 -4.75 18.47
N HIS B 723 -23.41 -5.64 17.49
CA HIS B 723 -22.75 -6.92 17.73
C HIS B 723 -21.21 -6.89 17.51
N ALA B 724 -20.71 -5.96 16.72
CA ALA B 724 -19.30 -5.97 16.39
C ALA B 724 -18.69 -4.60 16.64
N HIS B 725 -19.42 -3.73 17.33
CA HIS B 725 -18.87 -2.45 17.80
C HIS B 725 -18.13 -1.70 16.67
N THR B 726 -18.68 -1.78 15.48
CA THR B 726 -18.02 -1.22 14.31
C THR B 726 -18.08 0.29 14.32
N LYS B 727 -16.93 0.93 14.15
CA LYS B 727 -16.85 2.37 14.02
C LYS B 727 -16.46 2.71 12.56
N PRO B 728 -16.64 3.99 12.11
CA PRO B 728 -16.32 4.39 10.72
C PRO B 728 -14.81 4.42 10.41
N LEU B 729 -14.44 4.50 9.12
CA LEU B 729 -13.04 4.62 8.68
C LEU B 729 -12.69 6.05 8.39
N LEU B 730 -11.41 6.35 8.30
CA LEU B 730 -11.05 7.69 7.87
C LEU B 730 -11.07 7.80 6.35
N PRO B 731 -11.51 8.94 5.80
CA PRO B 731 -11.53 9.17 4.36
C PRO B 731 -10.26 8.66 3.69
N SER B 732 -9.11 9.14 4.18
CA SER B 732 -7.76 8.76 3.69
C SER B 732 -7.40 7.28 3.76
N GLN B 733 -8.19 6.49 4.49
CA GLN B 733 -7.87 5.08 4.65
C GLN B 733 -8.56 4.32 3.55
N LEU B 734 -9.30 5.04 2.71
CA LEU B 734 -10.09 4.42 1.64
C LEU B 734 -9.35 4.37 0.31
N VAL B 735 -8.13 3.83 0.31
CA VAL B 735 -7.32 3.62 -0.92
C VAL B 735 -8.04 2.68 -1.94
N ARG B 736 -8.03 3.07 -3.23
CA ARG B 736 -8.30 2.16 -4.36
C ARG B 736 -6.91 1.91 -5.00
N TYR B 737 -6.70 0.77 -5.67
CA TYR B 737 -5.37 0.45 -6.29
C TYR B 737 -5.17 1.07 -7.65
N ARG B 738 -3.91 1.18 -8.03
CA ARG B 738 -3.49 1.82 -9.28
C ARG B 738 -2.92 0.84 -10.30
N GLU B 739 -2.89 1.26 -11.57
CA GLU B 739 -2.28 0.45 -12.62
C GLU B 739 -0.86 0.94 -12.94
N VAL B 740 0.06 -0.02 -13.09
CA VAL B 740 1.40 0.25 -13.63
C VAL B 740 1.28 1.08 -14.89
N GLN B 741 2.10 2.12 -15.01
CA GLN B 741 2.11 3.00 -16.17
C GLN B 741 3.31 2.70 -17.06
N LEU B 742 3.05 2.14 -18.24
CA LEU B 742 4.12 1.60 -19.08
C LEU B 742 4.73 2.71 -19.91
N PRO B 743 6.07 2.65 -20.10
CA PRO B 743 6.82 3.66 -20.81
C PRO B 743 6.38 3.76 -22.29
N ASP B 744 6.41 4.99 -22.84
CA ASP B 744 6.27 5.22 -24.30
C ASP B 744 7.26 4.36 -25.07
N ARG B 745 6.77 3.46 -25.93
CA ARG B 745 7.61 2.60 -26.79
C ARG B 745 8.14 1.35 -26.14
N GLY B 746 7.96 1.17 -24.84
CA GLY B 746 8.50 -0.03 -24.19
C GLY B 746 7.79 -1.29 -24.65
N TRP B 747 8.49 -2.41 -24.68
CA TRP B 747 7.79 -3.68 -24.86
C TRP B 747 8.27 -4.78 -23.92
N PHE B 748 7.39 -5.18 -22.99
CA PHE B 748 7.73 -6.18 -21.96
C PHE B 748 7.05 -7.54 -22.15
N VAL B 749 7.76 -8.60 -21.77
CA VAL B 749 7.31 -9.95 -22.03
C VAL B 749 7.48 -10.81 -20.80
N TYR B 750 6.42 -11.45 -20.36
CA TYR B 750 6.50 -12.38 -19.24
C TYR B 750 6.19 -13.77 -19.77
N GLN B 751 6.95 -14.75 -19.33
CA GLN B 751 6.92 -16.10 -19.90
C GLN B 751 6.76 -17.06 -18.76
N GLN B 752 5.86 -18.01 -18.93
CA GLN B 752 5.67 -19.06 -17.97
C GLN B 752 5.35 -20.29 -18.76
N ARG B 753 5.31 -21.43 -18.10
CA ARG B 753 4.91 -22.68 -18.75
C ARG B 753 3.68 -23.20 -18.03
N ASN B 754 2.77 -23.85 -18.73
CA ASN B 754 1.62 -24.45 -18.11
C ASN B 754 1.95 -25.94 -17.98
N GLU B 755 2.00 -26.49 -16.77
CA GLU B 755 2.54 -27.84 -16.62
C GLU B 755 1.57 -28.93 -17.04
N VAL B 756 0.37 -28.54 -17.46
CA VAL B 756 -0.73 -29.48 -17.63
C VAL B 756 -1.30 -29.54 -19.05
N HIS B 757 -1.58 -28.40 -19.66
CA HIS B 757 -2.10 -28.42 -21.02
C HIS B 757 -0.97 -28.34 -22.00
N ASN B 758 -1.00 -29.18 -23.01
CA ASN B 758 -0.01 -29.11 -24.05
C ASN B 758 -0.46 -28.24 -25.23
N ASN B 759 -0.81 -26.99 -24.90
CA ASN B 759 -1.29 -26.01 -25.84
C ASN B 759 -0.84 -24.73 -25.21
N SER B 760 -0.28 -23.81 -25.96
CA SER B 760 0.20 -22.59 -25.34
C SER B 760 -0.90 -21.55 -25.46
N GLY B 761 -0.75 -20.42 -24.75
CA GLY B 761 -1.66 -19.28 -24.86
C GLY B 761 -0.95 -17.94 -24.73
N ILE B 762 -1.67 -16.87 -24.94
CA ILE B 762 -1.06 -15.56 -24.91
C ILE B 762 -2.05 -14.45 -24.65
N GLU B 763 -1.67 -13.46 -23.87
CA GLU B 763 -2.39 -12.20 -23.91
C GLU B 763 -1.43 -11.15 -24.44
N ILE B 764 -1.96 -10.24 -25.23
CA ILE B 764 -1.19 -9.11 -25.68
C ILE B 764 -1.91 -7.85 -25.27
N TYR B 765 -1.23 -6.95 -24.57
CA TYR B 765 -1.93 -5.77 -24.06
C TYR B 765 -1.31 -4.47 -24.49
N TYR B 766 -2.12 -3.64 -25.13
CA TYR B 766 -1.69 -2.31 -25.53
C TYR B 766 -2.35 -1.32 -24.60
N GLN B 767 -1.58 -0.81 -23.66
CA GLN B 767 -2.14 0.11 -22.74
C GLN B 767 -2.22 1.43 -23.44
N THR B 768 -3.38 2.05 -23.35
CA THR B 768 -3.56 3.36 -23.92
C THR B 768 -3.55 4.62 -22.99
N ASP B 769 -4.57 4.85 -22.16
CA ASP B 769 -4.55 5.92 -21.16
C ASP B 769 -5.73 5.82 -20.21
N MET B 770 -5.87 6.76 -19.28
CA MET B 770 -6.98 6.70 -18.36
C MET B 770 -8.23 6.87 -19.15
N GLN B 771 -9.26 6.22 -18.65
CA GLN B 771 -10.54 6.27 -19.26
C GLN B 771 -11.05 7.69 -19.09
N SER B 772 -11.75 8.15 -20.12
CA SER B 772 -12.33 9.48 -20.23
C SER B 772 -13.27 9.30 -21.40
N THR B 773 -14.33 10.10 -21.47
CA THR B 773 -15.28 9.95 -22.56
C THR B 773 -14.58 9.79 -23.90
N SER B 774 -13.55 10.60 -24.15
CA SER B 774 -12.87 10.54 -25.45
C SER B 774 -11.97 9.31 -25.61
N GLU B 775 -10.99 9.12 -24.73
CA GLU B 775 -10.14 7.94 -24.85
C GLU B 775 -10.96 6.62 -24.81
N ASN B 776 -12.05 6.59 -24.04
CA ASN B 776 -12.96 5.43 -24.04
C ASN B 776 -13.47 5.13 -25.42
N MET B 777 -14.10 6.12 -26.02
CA MET B 777 -14.72 5.97 -27.33
C MET B 777 -13.76 5.68 -28.47
N PHE B 778 -12.60 6.32 -28.48
CA PHE B 778 -11.60 5.93 -29.46
C PHE B 778 -11.39 4.42 -29.45
N LEU B 779 -11.11 3.87 -28.27
CA LEU B 779 -10.75 2.47 -28.12
C LEU B 779 -11.91 1.53 -28.43
N GLU B 780 -13.06 1.74 -27.77
CA GLU B 780 -14.31 1.01 -28.06
C GLU B 780 -14.62 0.89 -29.55
N LEU B 781 -14.34 1.94 -30.33
CA LEU B 781 -14.68 2.01 -31.77
C LEU B 781 -13.66 1.30 -32.62
N PHE B 782 -12.40 1.54 -32.34
CA PHE B 782 -11.39 0.79 -33.02
C PHE B 782 -11.56 -0.68 -32.68
N ALA B 783 -11.96 -0.96 -31.45
CA ALA B 783 -12.13 -2.33 -31.00
C ALA B 783 -13.20 -3.03 -31.80
N GLN B 784 -14.21 -2.25 -32.15
CA GLN B 784 -15.43 -2.69 -32.84
C GLN B 784 -15.13 -2.95 -34.28
N ILE B 785 -14.37 -2.04 -34.88
CA ILE B 785 -14.02 -2.13 -36.27
C ILE B 785 -13.16 -3.36 -36.49
N ILE B 786 -12.22 -3.63 -35.59
CA ILE B 786 -11.31 -4.80 -35.74
C ILE B 786 -11.92 -6.12 -35.28
N SER B 787 -12.93 -6.07 -34.42
CA SER B 787 -13.38 -7.26 -33.71
C SER B 787 -13.59 -8.48 -34.57
N GLU B 788 -14.45 -8.30 -35.58
CA GLU B 788 -14.79 -9.36 -36.50
C GLU B 788 -13.61 -9.80 -37.43
N PRO B 789 -12.96 -8.84 -38.14
CA PRO B 789 -11.77 -9.21 -38.89
C PRO B 789 -10.76 -10.00 -38.03
N ALA B 790 -10.57 -9.54 -36.79
CA ALA B 790 -9.72 -10.20 -35.80
C ALA B 790 -9.93 -11.69 -35.73
N PHE B 791 -11.20 -12.03 -35.54
CA PHE B 791 -11.63 -13.40 -35.46
C PHE B 791 -11.43 -14.03 -36.82
N ASN B 792 -11.80 -13.31 -37.87
CA ASN B 792 -11.77 -13.89 -39.18
C ASN B 792 -10.38 -14.25 -39.67
N THR B 793 -9.41 -13.35 -39.48
CA THR B 793 -8.03 -13.63 -39.86
C THR B 793 -7.42 -14.69 -38.97
N LEU B 794 -7.33 -14.41 -37.68
CA LEU B 794 -6.58 -15.28 -36.76
C LEU B 794 -7.18 -16.67 -36.49
N ARG B 795 -8.51 -16.78 -36.54
CA ARG B 795 -9.14 -18.09 -36.40
C ARG B 795 -9.52 -18.72 -37.75
N THR B 796 -10.35 -18.04 -38.55
CA THR B 796 -10.91 -18.67 -39.75
C THR B 796 -9.87 -18.84 -40.86
N LYS B 797 -9.21 -17.76 -41.23
CA LYS B 797 -8.17 -17.86 -42.26
C LYS B 797 -6.96 -18.61 -41.71
N GLU B 798 -6.28 -18.03 -40.71
CA GLU B 798 -5.02 -18.59 -40.19
C GLU B 798 -5.14 -19.82 -39.26
N GLN B 799 -6.29 -20.00 -38.61
CA GLN B 799 -6.55 -21.17 -37.76
C GLN B 799 -5.60 -21.36 -36.58
N LEU B 800 -5.32 -20.29 -35.86
CA LEU B 800 -4.32 -20.33 -34.77
C LEU B 800 -4.80 -21.18 -33.58
N GLY B 801 -6.04 -21.01 -33.22
CA GLY B 801 -6.65 -21.91 -32.27
C GLY B 801 -8.14 -21.66 -32.21
N TYR B 802 -8.78 -22.27 -31.24
CA TYR B 802 -10.21 -22.19 -31.20
C TYR B 802 -10.60 -20.90 -30.50
N ILE B 803 -9.76 -20.55 -29.52
CA ILE B 803 -9.93 -19.34 -28.74
C ILE B 803 -9.07 -18.24 -29.30
N VAL B 804 -9.72 -17.23 -29.85
CA VAL B 804 -9.05 -16.07 -30.39
C VAL B 804 -9.99 -14.96 -30.03
N PHE B 805 -9.44 -13.84 -29.54
CA PHE B 805 -10.22 -12.78 -28.86
C PHE B 805 -9.55 -11.42 -29.02
N SER B 806 -10.34 -10.42 -29.42
CA SER B 806 -9.90 -9.04 -29.36
C SER B 806 -10.92 -8.29 -28.49
N GLY B 807 -10.68 -7.02 -28.19
CA GLY B 807 -11.59 -6.25 -27.37
C GLY B 807 -10.84 -5.44 -26.34
N PRO B 808 -11.54 -4.48 -25.68
CA PRO B 808 -10.95 -3.57 -24.69
C PRO B 808 -10.59 -4.23 -23.35
N ARG B 809 -9.68 -3.63 -22.60
CA ARG B 809 -9.42 -4.08 -21.25
C ARG B 809 -9.43 -2.87 -20.34
N ARG B 810 -10.45 -2.81 -19.49
CA ARG B 810 -10.64 -1.75 -18.53
C ARG B 810 -10.29 -2.29 -17.15
N ALA B 811 -9.40 -1.63 -16.43
CA ALA B 811 -8.99 -2.11 -15.11
C ALA B 811 -8.47 -1.00 -14.20
N ASN B 812 -9.10 -0.84 -13.03
CA ASN B 812 -8.80 0.27 -12.07
C ASN B 812 -8.38 1.57 -12.72
N GLY B 813 -9.25 2.05 -13.61
CA GLY B 813 -9.15 3.40 -14.14
C GLY B 813 -8.51 3.51 -15.50
N ILE B 814 -7.81 2.47 -15.90
CA ILE B 814 -7.02 2.55 -17.09
C ILE B 814 -7.66 1.68 -18.13
N GLN B 815 -7.21 1.83 -19.38
CA GLN B 815 -7.71 0.96 -20.42
C GLN B 815 -6.71 0.74 -21.52
N GLY B 816 -7.06 -0.13 -22.46
CA GLY B 816 -6.18 -0.52 -23.55
C GLY B 816 -6.79 -1.60 -24.41
N LEU B 817 -6.07 -2.04 -25.43
CA LEU B 817 -6.60 -3.12 -26.22
C LEU B 817 -5.90 -4.44 -25.92
N ARG B 818 -6.67 -5.52 -25.87
CA ARG B 818 -6.08 -6.85 -25.65
C ARG B 818 -6.36 -7.90 -26.72
N PHE B 819 -5.42 -8.81 -26.88
CA PHE B 819 -5.66 -9.95 -27.72
C PHE B 819 -5.37 -11.18 -26.91
N ILE B 820 -6.35 -12.07 -26.78
CA ILE B 820 -6.08 -13.39 -26.24
C ILE B 820 -6.12 -14.48 -27.29
N ILE B 821 -5.14 -15.37 -27.31
CA ILE B 821 -5.17 -16.50 -28.21
C ILE B 821 -4.70 -17.73 -27.48
N GLN B 822 -5.38 -18.85 -27.71
CA GLN B 822 -4.88 -20.10 -27.19
C GLN B 822 -4.63 -21.03 -28.34
N SER B 823 -3.38 -21.41 -28.56
CA SER B 823 -2.98 -22.15 -29.75
C SER B 823 -2.02 -23.31 -29.50
N GLU B 824 -1.75 -24.09 -30.54
CA GLU B 824 -0.80 -25.16 -30.51
C GLU B 824 0.55 -24.62 -30.97
N LYS B 825 0.52 -23.52 -31.73
CA LYS B 825 1.74 -22.80 -32.10
C LYS B 825 2.42 -22.11 -30.90
N PRO B 826 3.75 -21.89 -30.97
CA PRO B 826 4.55 -21.04 -30.06
C PRO B 826 3.95 -19.65 -29.90
N PRO B 827 4.16 -18.99 -28.75
CA PRO B 827 3.56 -17.68 -28.71
C PRO B 827 4.40 -16.67 -29.45
N HIS B 828 5.73 -16.87 -29.52
CA HIS B 828 6.59 -15.93 -30.26
C HIS B 828 6.04 -15.73 -31.68
N TYR B 829 5.43 -16.79 -32.18
CA TYR B 829 4.87 -16.83 -33.51
C TYR B 829 3.54 -16.11 -33.52
N LEU B 830 2.67 -16.51 -32.58
CA LEU B 830 1.34 -15.93 -32.41
C LEU B 830 1.44 -14.42 -32.36
N GLU B 831 2.59 -13.94 -31.87
CA GLU B 831 2.85 -12.52 -31.73
C GLU B 831 2.94 -11.82 -33.06
N SER B 832 3.80 -12.29 -33.96
CA SER B 832 3.93 -11.61 -35.25
C SER B 832 2.61 -11.65 -36.03
N ARG B 833 1.84 -12.73 -35.84
CA ARG B 833 0.57 -12.86 -36.52
C ARG B 833 -0.44 -11.78 -36.11
N VAL B 834 -0.48 -11.45 -34.83
CA VAL B 834 -1.35 -10.36 -34.38
C VAL B 834 -0.83 -9.04 -34.93
N GLU B 835 0.47 -8.87 -34.85
CA GLU B 835 1.16 -7.72 -35.35
C GLU B 835 0.89 -7.52 -36.84
N ALA B 836 0.88 -8.65 -37.56
CA ALA B 836 0.79 -8.64 -39.01
C ALA B 836 -0.60 -8.24 -39.36
N PHE B 837 -1.52 -8.82 -38.60
CA PHE B 837 -2.91 -8.51 -38.72
C PHE B 837 -3.18 -7.02 -38.57
N LEU B 838 -2.39 -6.36 -37.73
CA LEU B 838 -2.69 -4.97 -37.37
C LEU B 838 -2.41 -4.03 -38.52
N ILE B 839 -1.43 -4.41 -39.34
CA ILE B 839 -1.16 -3.70 -40.58
C ILE B 839 -2.33 -3.87 -41.56
N THR B 840 -2.64 -5.12 -41.87
CA THR B 840 -3.80 -5.53 -42.62
C THR B 840 -5.04 -4.72 -42.23
N MET B 841 -5.14 -4.34 -40.97
CA MET B 841 -6.28 -3.55 -40.53
C MET B 841 -6.13 -2.13 -41.02
N GLU B 842 -5.04 -1.48 -40.63
CA GLU B 842 -4.81 -0.10 -41.03
C GLU B 842 -5.01 0.12 -42.52
N LYS B 843 -4.41 -0.73 -43.38
CA LYS B 843 -4.71 -0.64 -44.81
C LYS B 843 -6.23 -0.65 -45.02
N SER B 844 -6.90 -1.71 -44.59
CA SER B 844 -8.34 -1.79 -44.82
C SER B 844 -9.19 -0.83 -43.96
N ILE B 845 -8.57 0.18 -43.34
CA ILE B 845 -9.31 1.35 -42.88
C ILE B 845 -9.09 2.48 -43.87
N GLU B 846 -7.82 2.75 -44.20
CA GLU B 846 -7.48 3.74 -45.23
C GLU B 846 -8.56 3.81 -46.29
N ASP B 847 -8.96 2.62 -46.74
CA ASP B 847 -9.92 2.49 -47.82
C ASP B 847 -11.19 1.69 -47.50
N MET B 848 -11.68 1.74 -46.25
CA MET B 848 -13.09 1.36 -46.05
C MET B 848 -13.91 2.61 -46.26
N THR B 849 -15.06 2.46 -46.92
CA THR B 849 -15.83 3.60 -47.41
C THR B 849 -16.38 4.45 -46.27
N GLU B 850 -16.87 5.64 -46.59
CA GLU B 850 -17.53 6.44 -45.57
C GLU B 850 -18.72 5.71 -44.90
N GLU B 851 -19.61 5.10 -45.68
CA GLU B 851 -20.78 4.43 -45.09
C GLU B 851 -20.49 3.04 -44.50
N ALA B 852 -19.34 2.43 -44.85
CA ALA B 852 -18.93 1.20 -44.17
C ALA B 852 -18.65 1.54 -42.69
N PHE B 853 -17.76 2.50 -42.49
CA PHE B 853 -17.45 3.09 -41.21
C PHE B 853 -18.69 3.59 -40.40
N GLN B 854 -19.65 4.24 -41.05
CA GLN B 854 -20.81 4.72 -40.32
C GLN B 854 -21.69 3.57 -39.90
N LYS B 855 -21.53 2.42 -40.54
CA LYS B 855 -22.20 1.20 -40.08
C LYS B 855 -21.62 0.78 -38.73
N HIS B 856 -20.30 0.93 -38.58
CA HIS B 856 -19.60 0.58 -37.32
C HIS B 856 -20.01 1.52 -36.21
N ILE B 857 -19.88 2.84 -36.45
CA ILE B 857 -20.41 3.86 -35.52
C ILE B 857 -21.81 3.46 -35.04
N GLN B 858 -22.66 3.12 -36.01
CA GLN B 858 -24.04 2.73 -35.75
C GLN B 858 -24.06 1.47 -34.93
N ALA B 859 -23.21 0.52 -35.27
CA ALA B 859 -23.29 -0.79 -34.63
C ALA B 859 -22.96 -0.64 -33.16
N LEU B 860 -21.83 0.01 -32.88
CA LEU B 860 -21.44 0.29 -31.51
C LEU B 860 -22.54 1.04 -30.73
N ALA B 861 -23.02 2.13 -31.33
CA ALA B 861 -24.12 2.92 -30.80
C ALA B 861 -25.32 2.06 -30.38
N ILE B 862 -25.83 1.22 -31.27
CA ILE B 862 -26.96 0.33 -30.92
C ILE B 862 -26.65 -0.66 -29.78
N ARG B 863 -25.39 -1.11 -29.74
CA ARG B 863 -24.86 -2.04 -28.74
C ARG B 863 -24.79 -1.39 -27.36
N ARG B 864 -24.35 -0.14 -27.29
CA ARG B 864 -24.17 0.54 -26.00
C ARG B 864 -25.45 1.07 -25.44
N LEU B 865 -26.25 1.68 -26.28
CA LEU B 865 -27.58 2.21 -25.92
C LEU B 865 -28.66 1.17 -25.71
N ASP B 866 -28.33 -0.10 -25.83
CA ASP B 866 -29.28 -1.17 -25.64
C ASP B 866 -29.88 -1.17 -24.21
N LYS B 867 -31.20 -1.01 -24.13
CA LYS B 867 -31.96 -0.99 -22.86
C LYS B 867 -31.92 -2.37 -22.14
N PRO B 868 -31.64 -2.38 -20.81
CA PRO B 868 -31.69 -3.56 -19.93
C PRO B 868 -33.09 -4.21 -19.79
N LYS B 869 -33.22 -5.54 -19.87
CA LYS B 869 -34.58 -6.19 -19.85
C LYS B 869 -35.02 -6.78 -18.50
N LYS B 870 -34.10 -6.87 -17.53
CA LYS B 870 -34.46 -7.20 -16.14
C LYS B 870 -33.78 -6.31 -15.13
N LEU B 871 -34.43 -6.05 -14.01
CA LEU B 871 -33.87 -5.18 -12.96
C LEU B 871 -32.45 -5.63 -12.65
N SER B 872 -32.29 -6.92 -12.39
CA SER B 872 -30.97 -7.51 -12.25
C SER B 872 -29.85 -6.96 -13.20
N ALA B 873 -30.16 -6.70 -14.45
CA ALA B 873 -29.16 -6.21 -15.40
C ALA B 873 -28.97 -4.69 -15.39
N GLU B 874 -30.00 -3.95 -14.98
CA GLU B 874 -29.88 -2.52 -14.77
C GLU B 874 -29.00 -2.27 -13.56
N SER B 875 -29.18 -3.05 -12.50
CA SER B 875 -28.32 -3.00 -11.32
C SER B 875 -26.86 -3.26 -11.63
N ALA B 876 -26.61 -4.23 -12.49
CA ALA B 876 -25.25 -4.51 -12.86
C ALA B 876 -24.59 -3.26 -13.44
N LYS B 877 -25.32 -2.47 -14.23
CA LYS B 877 -24.83 -1.21 -14.81
C LYS B 877 -24.49 -0.11 -13.82
N TYR B 878 -25.27 0.01 -12.75
CA TYR B 878 -25.02 1.04 -11.74
C TYR B 878 -23.91 0.65 -10.77
N TRP B 879 -23.98 -0.59 -10.28
CA TRP B 879 -22.96 -1.14 -9.42
C TRP B 879 -21.61 -1.00 -10.12
N GLY B 880 -21.64 -1.11 -11.45
CA GLY B 880 -20.47 -0.86 -12.28
C GLY B 880 -19.88 0.49 -11.97
N GLU B 881 -20.70 1.54 -12.11
CA GLU B 881 -20.31 2.92 -11.85
C GLU B 881 -19.91 3.15 -10.44
N ILE B 882 -20.53 2.41 -9.51
CA ILE B 882 -20.26 2.55 -8.08
C ILE B 882 -18.98 1.85 -7.64
N ILE B 883 -18.84 0.55 -7.86
CA ILE B 883 -17.57 -0.03 -7.47
C ILE B 883 -16.41 0.66 -8.20
N SER B 884 -16.61 1.09 -9.43
CA SER B 884 -15.52 1.70 -10.17
C SER B 884 -15.20 3.10 -9.67
N GLN B 885 -16.08 3.65 -8.84
CA GLN B 885 -15.96 5.03 -8.33
C GLN B 885 -16.03 6.09 -9.44
N GLN B 886 -16.60 5.75 -10.59
CA GLN B 886 -16.80 6.77 -11.64
C GLN B 886 -18.14 7.52 -11.48
N TYR B 887 -19.17 6.80 -11.04
CA TYR B 887 -20.47 7.42 -10.78
C TYR B 887 -21.19 8.02 -12.00
N ASN B 888 -20.65 7.83 -13.19
CA ASN B 888 -21.23 8.43 -14.37
C ASN B 888 -22.47 7.66 -14.87
N PHE B 889 -23.64 7.92 -14.31
CA PHE B 889 -24.84 7.09 -14.59
C PHE B 889 -25.47 7.25 -15.94
N ASP B 890 -25.30 8.44 -16.52
CA ASP B 890 -25.79 8.80 -17.84
C ASP B 890 -24.76 8.38 -18.91
N ARG B 891 -23.89 7.43 -18.58
CA ARG B 891 -22.65 7.22 -19.31
C ARG B 891 -22.87 7.11 -20.81
N ASP B 892 -23.80 6.23 -21.18
CA ASP B 892 -24.08 5.80 -22.55
C ASP B 892 -24.59 6.94 -23.44
N ASN B 893 -25.56 7.71 -22.93
CA ASN B 893 -26.03 8.90 -23.63
C ASN B 893 -24.94 9.93 -23.95
N THR B 894 -24.13 10.33 -22.97
CA THR B 894 -22.98 11.19 -23.24
C THR B 894 -22.00 10.48 -24.16
N GLU B 895 -21.60 9.29 -23.77
CA GLU B 895 -20.54 8.57 -24.48
C GLU B 895 -20.93 8.33 -25.92
N VAL B 896 -22.15 7.84 -26.16
CA VAL B 896 -22.61 7.50 -27.52
C VAL B 896 -22.77 8.75 -28.42
N ALA B 897 -23.36 9.82 -27.85
CA ALA B 897 -23.60 11.05 -28.57
C ALA B 897 -22.27 11.59 -29.11
N TYR B 898 -21.28 11.64 -28.22
CA TYR B 898 -19.93 11.99 -28.64
C TYR B 898 -19.35 11.06 -29.72
N LEU B 899 -19.56 9.74 -29.56
CA LEU B 899 -19.06 8.74 -30.52
C LEU B 899 -19.46 9.08 -31.95
N LYS B 900 -20.74 9.42 -32.11
CA LYS B 900 -21.29 9.75 -33.41
C LYS B 900 -20.49 10.82 -34.15
N THR B 901 -19.79 11.65 -33.40
CA THR B 901 -19.14 12.82 -33.93
C THR B 901 -17.68 12.54 -34.32
N LEU B 902 -17.27 11.27 -34.20
CA LEU B 902 -15.89 10.86 -34.50
C LEU B 902 -15.66 10.64 -36.00
N THR B 903 -14.68 11.33 -36.57
CA THR B 903 -14.27 11.18 -37.99
C THR B 903 -13.47 9.86 -38.21
N LYS B 904 -13.35 9.42 -39.46
CA LYS B 904 -12.47 8.28 -39.76
C LYS B 904 -11.00 8.69 -39.67
N GLU B 905 -10.68 9.93 -40.06
CA GLU B 905 -9.31 10.44 -39.90
C GLU B 905 -8.90 10.37 -38.41
N ASP B 906 -9.86 10.57 -37.50
CA ASP B 906 -9.62 10.44 -36.05
C ASP B 906 -9.06 9.09 -35.67
N ILE B 907 -9.76 8.02 -36.09
CA ILE B 907 -9.37 6.65 -35.75
C ILE B 907 -7.97 6.35 -36.25
N ILE B 908 -7.63 6.79 -37.46
CA ILE B 908 -6.26 6.61 -37.94
C ILE B 908 -5.27 7.38 -37.06
N LYS B 909 -5.60 8.63 -36.69
CA LYS B 909 -4.70 9.45 -35.86
C LYS B 909 -4.43 8.64 -34.59
N PHE B 910 -5.51 8.28 -33.89
CA PHE B 910 -5.45 7.44 -32.69
C PHE B 910 -4.66 6.12 -32.85
N TYR B 911 -4.84 5.44 -33.97
CA TYR B 911 -4.07 4.22 -34.28
C TYR B 911 -2.59 4.51 -34.38
N LYS B 912 -2.20 5.41 -35.29
CA LYS B 912 -0.79 5.63 -35.54
C LYS B 912 -0.12 6.32 -34.38
N GLU B 913 -0.92 6.79 -33.42
CA GLU B 913 -0.39 7.35 -32.17
C GLU B 913 -0.20 6.41 -30.98
N MET B 914 -1.07 5.40 -30.85
CA MET B 914 -1.08 4.49 -29.69
C MET B 914 -0.72 3.05 -30.02
N LEU B 915 -1.12 2.59 -31.19
CA LEU B 915 -1.12 1.14 -31.50
C LEU B 915 -0.10 0.70 -32.53
N ALA B 916 0.07 1.48 -33.59
CA ALA B 916 0.96 1.16 -34.72
C ALA B 916 2.26 0.61 -34.22
N VAL B 917 2.85 -0.35 -34.94
CA VAL B 917 4.06 -1.02 -34.48
C VAL B 917 5.21 -0.05 -34.19
N ASP B 918 4.99 1.21 -34.56
CA ASP B 918 5.93 2.31 -34.30
C ASP B 918 5.14 3.60 -34.04
N ALA B 919 4.19 3.50 -33.14
CA ALA B 919 3.61 4.69 -32.55
C ALA B 919 4.62 5.22 -31.52
N PRO B 920 4.66 6.57 -31.35
CA PRO B 920 5.48 7.20 -30.31
C PRO B 920 5.00 6.79 -28.91
N ARG B 921 3.70 6.59 -28.77
CA ARG B 921 3.09 6.38 -27.48
C ARG B 921 2.60 4.93 -27.29
N ARG B 922 3.35 3.98 -27.82
CA ARG B 922 2.97 2.58 -27.76
C ARG B 922 3.41 1.93 -26.45
N HIS B 923 2.44 1.38 -25.71
CA HIS B 923 2.76 0.69 -24.47
C HIS B 923 2.35 -0.75 -24.58
N LYS B 924 3.26 -1.62 -24.93
CA LYS B 924 2.87 -2.97 -25.09
C LYS B 924 3.51 -3.87 -24.06
N VAL B 925 2.69 -4.57 -23.29
CA VAL B 925 3.18 -5.71 -22.53
C VAL B 925 2.41 -6.90 -23.00
N SER B 926 3.05 -8.07 -22.90
CA SER B 926 2.38 -9.32 -23.28
C SER B 926 2.93 -10.52 -22.51
N VAL B 927 2.02 -11.44 -22.18
CA VAL B 927 2.27 -12.66 -21.38
C VAL B 927 2.20 -13.89 -22.25
N HIS B 928 3.22 -14.74 -22.16
CA HIS B 928 3.33 -15.96 -22.98
C HIS B 928 3.29 -17.19 -22.10
N VAL B 929 2.19 -17.92 -22.12
CA VAL B 929 2.15 -19.15 -21.37
C VAL B 929 2.48 -20.31 -22.31
N LEU B 930 3.42 -21.18 -21.95
CA LEU B 930 3.92 -22.20 -22.89
C LEU B 930 3.35 -23.55 -22.62
N ALA B 931 2.97 -24.26 -23.67
CA ALA B 931 2.58 -25.67 -23.59
C ALA B 931 3.48 -26.55 -22.71
N ARG B 932 2.90 -27.58 -22.13
CA ARG B 932 3.65 -28.51 -21.30
C ARG B 932 5.09 -28.63 -21.80
N GLU B 933 5.30 -28.34 -23.07
CA GLU B 933 6.63 -28.41 -23.68
C GLU B 933 6.90 -27.18 -24.54
N MET B 934 8.10 -27.12 -25.11
CA MET B 934 8.48 -25.98 -25.95
C MET B 934 9.62 -25.20 -25.33
N ASP B 935 10.29 -24.39 -26.15
CA ASP B 935 11.35 -23.44 -25.65
C ASP B 935 11.25 -22.00 -26.19
N LEU B 951 0.08 -15.69 -46.81
CA LEU B 951 0.14 -15.09 -45.47
C LEU B 951 0.73 -13.68 -45.39
N SER B 952 0.03 -12.76 -44.73
CA SER B 952 0.44 -11.38 -44.73
C SER B 952 1.70 -11.20 -43.90
N GLN B 953 2.62 -10.39 -44.45
CA GLN B 953 3.96 -10.12 -43.91
C GLN B 953 3.96 -9.51 -42.52
N ALA B 954 4.66 -10.18 -41.62
CA ALA B 954 4.84 -9.70 -40.25
C ALA B 954 5.87 -8.58 -40.21
N PRO B 955 5.56 -7.46 -39.51
CA PRO B 955 6.53 -6.37 -39.25
C PRO B 955 7.73 -6.78 -38.37
N ALA B 956 8.88 -6.12 -38.53
CA ALA B 956 10.04 -6.34 -37.65
C ALA B 956 9.77 -5.74 -36.27
N LEU B 957 10.07 -6.50 -35.23
CA LEU B 957 9.76 -6.08 -33.86
C LEU B 957 11.03 -5.79 -33.01
N PRO B 958 10.95 -4.77 -32.13
CA PRO B 958 11.96 -4.50 -31.11
C PRO B 958 12.31 -5.74 -30.25
N GLN B 959 13.55 -5.84 -29.75
CA GLN B 959 13.89 -6.85 -28.74
C GLN B 959 13.12 -6.50 -27.45
N PRO B 960 12.31 -7.43 -26.89
CA PRO B 960 11.57 -7.02 -25.70
C PRO B 960 12.40 -7.17 -24.45
N GLU B 961 12.03 -6.47 -23.39
CA GLU B 961 12.69 -6.66 -22.12
C GLU B 961 11.98 -7.79 -21.42
N VAL B 962 12.72 -8.77 -20.91
CA VAL B 962 12.11 -9.98 -20.36
C VAL B 962 11.89 -9.91 -18.84
N ILE B 963 10.71 -9.53 -18.39
CA ILE B 963 10.38 -9.56 -16.98
C ILE B 963 10.85 -10.80 -16.23
N GLN B 964 11.78 -10.59 -15.32
CA GLN B 964 12.29 -11.69 -14.55
C GLN B 964 11.55 -11.79 -13.23
N ASN B 965 11.03 -10.67 -12.72
CA ASN B 965 10.38 -10.66 -11.40
C ASN B 965 9.24 -9.63 -11.37
N MET B 966 8.02 -10.02 -11.02
CA MET B 966 6.86 -9.08 -11.03
C MET B 966 6.97 -7.91 -10.07
N THR B 967 7.64 -8.14 -8.94
CA THR B 967 7.97 -7.07 -8.04
C THR B 967 9.03 -6.20 -8.71
N GLU B 968 10.22 -6.77 -8.98
CA GLU B 968 11.32 -6.01 -9.64
C GLU B 968 10.78 -5.17 -10.83
N PHE B 969 9.78 -5.70 -11.52
CA PHE B 969 9.13 -5.01 -12.64
C PHE B 969 8.28 -3.81 -12.19
N LYS B 970 7.22 -4.10 -11.44
CA LYS B 970 6.30 -3.08 -10.89
C LYS B 970 7.01 -1.93 -10.20
N ARG B 971 8.02 -2.24 -9.34
CA ARG B 971 8.84 -1.22 -8.66
C ARG B 971 9.48 -0.30 -9.67
N GLY B 972 10.17 -0.84 -10.68
CA GLY B 972 10.81 -0.01 -11.71
C GLY B 972 9.92 0.83 -12.63
N LEU B 973 8.62 0.88 -12.35
CA LEU B 973 7.69 1.63 -13.18
C LEU B 973 6.80 2.56 -12.39
N PRO B 974 6.35 3.65 -13.02
CA PRO B 974 5.45 4.56 -12.32
C PRO B 974 4.04 3.97 -12.21
N LEU B 975 3.16 4.59 -11.43
CA LEU B 975 1.76 4.11 -11.36
C LEU B 975 0.88 5.24 -11.80
N PHE B 976 -0.29 4.92 -12.34
CA PHE B 976 -1.17 5.94 -12.86
C PHE B 976 -1.82 6.71 -11.74
N PRO B 977 -2.54 7.79 -12.06
CA PRO B 977 -3.50 8.34 -11.11
C PRO B 977 -4.62 7.35 -10.93
N LEU B 978 -5.64 7.79 -10.20
CA LEU B 978 -6.92 7.11 -10.13
C LEU B 978 -7.90 8.03 -10.83
N VAL B 979 -8.93 7.45 -11.44
CA VAL B 979 -9.94 8.24 -12.15
C VAL B 979 -10.73 9.14 -11.19
N LYS B 980 -10.92 10.43 -11.52
CA LYS B 980 -11.81 11.33 -10.75
C LYS B 980 -13.32 10.91 -10.91
N PRO B 981 -14.11 10.93 -9.80
CA PRO B 981 -15.59 10.77 -9.82
C PRO B 981 -16.42 11.69 -10.78
N HIS B 982 -17.75 11.62 -10.71
CA HIS B 982 -18.68 12.39 -11.59
C HIS B 982 -18.45 12.28 -13.12
ZN ZN C . 22.52 35.41 16.57
O04 I41 D . 21.29 28.06 11.65
C03 I41 D . 21.35 29.23 11.27
O02 I41 D . 20.42 29.64 10.21
C01 I41 D . 19.01 29.37 10.36
C05 I41 D . 22.27 30.23 11.97
C06 I41 D . 23.72 30.64 11.54
C07 I41 D . 24.44 30.16 10.27
C08 I41 D . 25.55 30.81 9.72
N09 I41 D . 26.01 30.18 8.61
C10 I41 D . 25.16 29.01 8.39
N11 I41 D . 24.18 29.07 9.47
N12 I41 D . 22.25 29.94 13.44
C13 I41 D . 22.77 29.01 14.29
O14 I41 D . 23.49 28.07 13.98
C15 I41 D . 22.36 29.19 15.75
N16 I41 D . 23.38 29.46 16.78
C17 I41 D . 23.30 30.90 17.22
C18 I41 D . 23.71 32.10 16.31
O19 I41 D . 23.36 33.23 16.66
O20 I41 D . 24.38 32.00 15.26
C21 I41 D . 22.93 28.57 17.89
C22 I41 D . 23.94 27.88 18.80
C23 I41 D . 23.66 27.84 20.19
C24 I41 D . 24.56 27.20 21.18
C25 I41 D . 25.76 26.60 20.57
C26 I41 D . 25.99 26.64 19.19
C27 I41 D . 25.10 27.28 18.31
O04 I41 E . 26.17 14.08 35.96
C03 I41 E . 25.51 13.24 35.32
O02 I41 E . 26.27 12.04 34.89
C01 I41 E . 26.15 11.43 33.54
C05 I41 E . 24.01 13.48 35.04
C06 I41 E . 23.29 12.15 34.77
C07 I41 E . 21.82 12.27 34.39
C08 I41 E . 21.25 11.49 33.38
N09 I41 E . 19.94 11.78 33.27
C10 I41 E . 19.64 12.78 34.27
N11 I41 E . 20.89 13.06 34.97
N12 I41 E . 23.73 14.40 33.92
C13 I41 E . 23.48 15.70 34.12
O14 I41 E . 23.47 16.23 35.22
C15 I41 E . 23.23 16.64 32.97
N16 I41 E . 23.85 17.87 33.49
C17 I41 E . 25.14 18.25 32.84
C18 I41 E . 25.33 18.14 31.33
O19 I41 E . 24.32 17.98 30.51
O20 I41 E . 26.54 18.23 30.92
C21 I41 E . 22.92 18.96 33.90
C22 I41 E . 22.30 20.00 32.95
C23 I41 E . 22.04 21.28 33.50
C24 I41 E . 21.44 22.41 32.75
C25 I41 E . 21.07 22.11 31.36
C26 I41 E . 21.37 20.81 30.81
C27 I41 E . 21.95 19.77 31.60
ZN ZN F . -17.58 -26.50 -31.79
O04 I41 G . -19.11 -21.19 -27.87
C03 I41 G . -18.03 -20.86 -27.39
O02 I41 G . -17.79 -21.17 -25.96
C01 I41 G . -18.28 -22.33 -25.27
C05 I41 G . -16.97 -20.20 -28.29
C06 I41 G . -16.90 -18.67 -28.05
C07 I41 G . -15.49 -18.07 -28.17
C08 I41 G . -14.72 -17.58 -27.10
N09 I41 G . -13.54 -17.08 -27.54
C10 I41 G . -13.51 -17.25 -28.99
N11 I41 G . -14.79 -17.88 -29.32
N12 I41 G . -17.05 -20.58 -29.74
C13 I41 G . -17.66 -20.11 -30.87
O14 I41 G . -18.32 -19.09 -30.92
C15 I41 G . -17.41 -20.90 -32.19
N16 I41 G . -18.38 -21.93 -32.74
C17 I41 G . -19.30 -22.47 -31.69
C18 I41 G . -19.03 -23.85 -31.08
O19 I41 G . -18.47 -24.75 -31.73
O20 I41 G . -19.41 -24.07 -29.91
C21 I41 G . -19.20 -21.51 -33.93
C22 I41 G . -18.56 -20.63 -35.03
C23 I41 G . -18.77 -19.22 -35.07
C24 I41 G . -18.21 -18.29 -36.09
C25 I41 G . -17.39 -18.98 -37.11
C26 I41 G . -17.19 -20.38 -37.07
C27 I41 G . -17.77 -21.20 -36.06
O04 I41 H . -33.26 -31.96 -8.84
C03 I41 H . -32.97 -30.92 -8.24
O02 I41 H . -34.07 -30.04 -7.83
C01 I41 H . -34.06 -28.61 -7.90
C05 I41 H . -31.52 -30.63 -8.01
C06 I41 H . -31.36 -29.58 -6.89
C07 I41 H . -30.11 -29.60 -6.01
C08 I41 H . -29.33 -28.48 -5.69
N09 I41 H . -28.30 -28.79 -4.89
C10 I41 H . -28.42 -30.22 -4.66
N11 I41 H . -29.58 -30.69 -5.40
N12 I41 H . -31.02 -30.09 -9.28
C13 I41 H . -29.74 -29.87 -9.60
O14 I41 H . -28.81 -30.08 -8.82
C15 I41 H . -29.45 -29.28 -10.99
N16 I41 H . -29.71 -30.22 -12.13
C17 I41 H . -29.01 -29.58 -13.28
C18 I41 H . -29.84 -29.12 -14.47
O19 I41 H . -29.32 -28.99 -15.61
O20 I41 H . -31.06 -28.90 -14.27
C21 I41 H . -29.33 -31.63 -11.77
C22 I41 H . -28.08 -32.11 -12.52
C23 I41 H . -28.20 -33.09 -13.50
C24 I41 H . -27.04 -33.57 -14.28
C25 I41 H . -25.72 -32.96 -13.95
C26 I41 H . -25.62 -31.97 -12.95
C27 I41 H . -26.79 -31.56 -12.26
#